data_1OA4
# 
_entry.id   1OA4 
# 
_audit_conform.dict_name       mmcif_pdbx.dic 
_audit_conform.dict_version    5.398 
_audit_conform.dict_location   http://mmcif.pdb.org/dictionaries/ascii/mmcif_pdbx.dic 
# 
loop_
_database_2.database_id 
_database_2.database_code 
_database_2.pdbx_database_accession 
_database_2.pdbx_DOI 
PDB   1OA4         pdb_00001oa4 10.2210/pdb1oa4/pdb 
PDBE  EBI-11925    ?            ?                   
WWPDB D_1290011925 ?            ?                   
# 
loop_
_pdbx_audit_revision_history.ordinal 
_pdbx_audit_revision_history.data_content_type 
_pdbx_audit_revision_history.major_revision 
_pdbx_audit_revision_history.minor_revision 
_pdbx_audit_revision_history.revision_date 
1 'Structure model' 1 0 2003-03-27 
2 'Structure model' 1 1 2011-05-08 
3 'Structure model' 1 2 2011-07-13 
4 'Structure model' 1 3 2023-12-13 
5 'Structure model' 1 4 2024-11-13 
# 
_pdbx_audit_revision_details.ordinal             1 
_pdbx_audit_revision_details.revision_ordinal    1 
_pdbx_audit_revision_details.data_content_type   'Structure model' 
_pdbx_audit_revision_details.provider            repository 
_pdbx_audit_revision_details.type                'Initial release' 
_pdbx_audit_revision_details.description         ? 
_pdbx_audit_revision_details.details             ? 
# 
loop_
_pdbx_audit_revision_group.ordinal 
_pdbx_audit_revision_group.revision_ordinal 
_pdbx_audit_revision_group.data_content_type 
_pdbx_audit_revision_group.group 
1 2 'Structure model' 'Version format compliance' 
2 3 'Structure model' 'Version format compliance' 
3 4 'Structure model' 'Data collection'           
4 4 'Structure model' 'Database references'       
5 4 'Structure model' Other                       
6 4 'Structure model' 'Refinement description'    
7 5 'Structure model' 'Structure summary'         
# 
loop_
_pdbx_audit_revision_category.ordinal 
_pdbx_audit_revision_category.revision_ordinal 
_pdbx_audit_revision_category.data_content_type 
_pdbx_audit_revision_category.category 
1 4 'Structure model' chem_comp_atom                
2 4 'Structure model' chem_comp_bond                
3 4 'Structure model' database_2                    
4 4 'Structure model' pdbx_database_status          
5 4 'Structure model' pdbx_initial_refinement_model 
6 5 'Structure model' pdbx_entry_details            
7 5 'Structure model' pdbx_modification_feature     
# 
loop_
_pdbx_audit_revision_item.ordinal 
_pdbx_audit_revision_item.revision_ordinal 
_pdbx_audit_revision_item.data_content_type 
_pdbx_audit_revision_item.item 
1 4 'Structure model' '_database_2.pdbx_DOI'                 
2 4 'Structure model' '_database_2.pdbx_database_accession'  
3 4 'Structure model' '_pdbx_database_status.status_code_sf' 
# 
_pdbx_database_status.status_code                     REL 
_pdbx_database_status.entry_id                        1OA4 
_pdbx_database_status.deposit_site                    PDBE 
_pdbx_database_status.process_site                    PDBE 
_pdbx_database_status.SG_entry                        . 
_pdbx_database_status.recvd_initial_deposition_date   2002-12-28 
_pdbx_database_status.pdb_format_compatible           Y 
_pdbx_database_status.status_code_sf                  REL 
_pdbx_database_status.status_code_mr                  ? 
_pdbx_database_status.status_code_cs                  ? 
_pdbx_database_status.methods_development_category    ? 
_pdbx_database_status.status_code_nmr_data            ? 
# 
loop_
_pdbx_database_related.db_name 
_pdbx_database_related.db_id 
_pdbx_database_related.content_type 
_pdbx_database_related.details 
PDB 1OA2 unspecified 'COMPARISON OF FAMILY 12 GLYCOSIDE HYDROLASES AND RECRUITED SUBSTITUTIONS IMPORTANT FOR THERMAL STABILITY' 
PDB 1OA3 unspecified 'COMPARISON OF FAMILY 12 GLYCOSIDE HYDROLASES AND RECRUITED SUBSTITUTIONS IMPORTANT FOR THERMAL STABILITY' 
# 
loop_
_audit_author.name 
_audit_author.pdbx_ordinal 
'Sandgren, M.'    1 
'Gualfetti, P.J.' 2 
'Shaw, A.'        3 
'Gross, L.S.'     4 
'Saldajeno, M.'   5 
'Day, A.G.'       6 
'Jones, T.A.'     7 
'Mitchinson, C.'  8 
# 
_citation.id                        primary 
_citation.title                     
'Comparison of Family 12 Glycoside Hydrolases and Recruited Substitutions Important for Thermal Stability' 
_citation.journal_abbrev            'Protein Sci.' 
_citation.journal_volume            12 
_citation.page_first                848 
_citation.page_last                 ? 
_citation.year                      2003 
_citation.journal_id_ASTM           PRCIEI 
_citation.country                   US 
_citation.journal_id_ISSN           0961-8368 
_citation.journal_id_CSD            0795 
_citation.book_publisher            ? 
_citation.pdbx_database_id_PubMed   12649442 
_citation.pdbx_database_id_DOI      10.1110/PS.0237703 
# 
loop_
_citation_author.citation_id 
_citation_author.name 
_citation_author.ordinal 
_citation_author.identifier_ORCID 
primary 'Sandgren, M.'    1 ? 
primary 'Gualfetti, P.J.' 2 ? 
primary 'Shaw, A.'        3 ? 
primary 'Gross, L.S.'     4 ? 
primary 'Saldajeno, M.'   5 ? 
primary 'Day, A.G.'       6 ? 
primary 'Jones, T.A.'     7 ? 
primary 'Mitchinson, C.'  8 ? 
# 
loop_
_entity.id 
_entity.type 
_entity.src_method 
_entity.pdbx_description 
_entity.formula_weight 
_entity.pdbx_number_of_molecules 
_entity.pdbx_ec 
_entity.pdbx_mutation 
_entity.pdbx_fragment 
_entity.details 
1 polymer man ENDO-BETA-1,4-GLUCANASE 23890.135 1   3.2.1.4 ? 'CATALYTIC DOMAIN, RESIDUES 32-253' ? 
2 water   nat water                   18.015    117 ?       ? ?                                   ? 
# 
_entity_name_com.entity_id   1 
_entity_name_com.name        'ENDOGLUCANASE, CEL12A' 
# 
_entity_poly.entity_id                      1 
_entity_poly.type                           'polypeptide(L)' 
_entity_poly.nstd_linkage                   no 
_entity_poly.nstd_monomer                   no 
_entity_poly.pdbx_seq_one_letter_code       
;NQQICDRYGTTTIQDRYVVQNNRWGTSATQCINVTGNGFEITQADGSVPTNGAPKSYPSVYDGCHYGNCAPRTTLPMRIS
SIGSAPSSVSYRYTGNGVYNAAYDIWLDPTPRTNGVNRTEIMIWFNRVGPVQPIGSPVGTAHVGGRSWEVWTGSNGSNDV
ISFLAPSAISSWSFDVKDFVDQAVSHGLATPDWYLTSIQAGFEPWEGGTGLAVNSFSSAVNA
;
_entity_poly.pdbx_seq_one_letter_code_can   
;NQQICDRYGTTTIQDRYVVQNNRWGTSATQCINVTGNGFEITQADGSVPTNGAPKSYPSVYDGCHYGNCAPRTTLPMRIS
SIGSAPSSVSYRYTGNGVYNAAYDIWLDPTPRTNGVNRTEIMIWFNRVGPVQPIGSPVGTAHVGGRSWEVWTGSNGSNDV
ISFLAPSAISSWSFDVKDFVDQAVSHGLATPDWYLTSIQAGFEPWEGGTGLAVNSFSSAVNA
;
_entity_poly.pdbx_strand_id                 A 
_entity_poly.pdbx_target_identifier         ? 
# 
_pdbx_entity_nonpoly.entity_id   2 
_pdbx_entity_nonpoly.name        water 
_pdbx_entity_nonpoly.comp_id     HOH 
# 
loop_
_entity_poly_seq.entity_id 
_entity_poly_seq.num 
_entity_poly_seq.mon_id 
_entity_poly_seq.hetero 
1 1   ASN n 
1 2   GLN n 
1 3   GLN n 
1 4   ILE n 
1 5   CYS n 
1 6   ASP n 
1 7   ARG n 
1 8   TYR n 
1 9   GLY n 
1 10  THR n 
1 11  THR n 
1 12  THR n 
1 13  ILE n 
1 14  GLN n 
1 15  ASP n 
1 16  ARG n 
1 17  TYR n 
1 18  VAL n 
1 19  VAL n 
1 20  GLN n 
1 21  ASN n 
1 22  ASN n 
1 23  ARG n 
1 24  TRP n 
1 25  GLY n 
1 26  THR n 
1 27  SER n 
1 28  ALA n 
1 29  THR n 
1 30  GLN n 
1 31  CYS n 
1 32  ILE n 
1 33  ASN n 
1 34  VAL n 
1 35  THR n 
1 36  GLY n 
1 37  ASN n 
1 38  GLY n 
1 39  PHE n 
1 40  GLU n 
1 41  ILE n 
1 42  THR n 
1 43  GLN n 
1 44  ALA n 
1 45  ASP n 
1 46  GLY n 
1 47  SER n 
1 48  VAL n 
1 49  PRO n 
1 50  THR n 
1 51  ASN n 
1 52  GLY n 
1 53  ALA n 
1 54  PRO n 
1 55  LYS n 
1 56  SER n 
1 57  TYR n 
1 58  PRO n 
1 59  SER n 
1 60  VAL n 
1 61  TYR n 
1 62  ASP n 
1 63  GLY n 
1 64  CYS n 
1 65  HIS n 
1 66  TYR n 
1 67  GLY n 
1 68  ASN n 
1 69  CYS n 
1 70  ALA n 
1 71  PRO n 
1 72  ARG n 
1 73  THR n 
1 74  THR n 
1 75  LEU n 
1 76  PRO n 
1 77  MET n 
1 78  ARG n 
1 79  ILE n 
1 80  SER n 
1 81  SER n 
1 82  ILE n 
1 83  GLY n 
1 84  SER n 
1 85  ALA n 
1 86  PRO n 
1 87  SER n 
1 88  SER n 
1 89  VAL n 
1 90  SER n 
1 91  TYR n 
1 92  ARG n 
1 93  TYR n 
1 94  THR n 
1 95  GLY n 
1 96  ASN n 
1 97  GLY n 
1 98  VAL n 
1 99  TYR n 
1 100 ASN n 
1 101 ALA n 
1 102 ALA n 
1 103 TYR n 
1 104 ASP n 
1 105 ILE n 
1 106 TRP n 
1 107 LEU n 
1 108 ASP n 
1 109 PRO n 
1 110 THR n 
1 111 PRO n 
1 112 ARG n 
1 113 THR n 
1 114 ASN n 
1 115 GLY n 
1 116 VAL n 
1 117 ASN n 
1 118 ARG n 
1 119 THR n 
1 120 GLU n 
1 121 ILE n 
1 122 MET n 
1 123 ILE n 
1 124 TRP n 
1 125 PHE n 
1 126 ASN n 
1 127 ARG n 
1 128 VAL n 
1 129 GLY n 
1 130 PRO n 
1 131 VAL n 
1 132 GLN n 
1 133 PRO n 
1 134 ILE n 
1 135 GLY n 
1 136 SER n 
1 137 PRO n 
1 138 VAL n 
1 139 GLY n 
1 140 THR n 
1 141 ALA n 
1 142 HIS n 
1 143 VAL n 
1 144 GLY n 
1 145 GLY n 
1 146 ARG n 
1 147 SER n 
1 148 TRP n 
1 149 GLU n 
1 150 VAL n 
1 151 TRP n 
1 152 THR n 
1 153 GLY n 
1 154 SER n 
1 155 ASN n 
1 156 GLY n 
1 157 SER n 
1 158 ASN n 
1 159 ASP n 
1 160 VAL n 
1 161 ILE n 
1 162 SER n 
1 163 PHE n 
1 164 LEU n 
1 165 ALA n 
1 166 PRO n 
1 167 SER n 
1 168 ALA n 
1 169 ILE n 
1 170 SER n 
1 171 SER n 
1 172 TRP n 
1 173 SER n 
1 174 PHE n 
1 175 ASP n 
1 176 VAL n 
1 177 LYS n 
1 178 ASP n 
1 179 PHE n 
1 180 VAL n 
1 181 ASP n 
1 182 GLN n 
1 183 ALA n 
1 184 VAL n 
1 185 SER n 
1 186 HIS n 
1 187 GLY n 
1 188 LEU n 
1 189 ALA n 
1 190 THR n 
1 191 PRO n 
1 192 ASP n 
1 193 TRP n 
1 194 TYR n 
1 195 LEU n 
1 196 THR n 
1 197 SER n 
1 198 ILE n 
1 199 GLN n 
1 200 ALA n 
1 201 GLY n 
1 202 PHE n 
1 203 GLU n 
1 204 PRO n 
1 205 TRP n 
1 206 GLU n 
1 207 GLY n 
1 208 GLY n 
1 209 THR n 
1 210 GLY n 
1 211 LEU n 
1 212 ALA n 
1 213 VAL n 
1 214 ASN n 
1 215 SER n 
1 216 PHE n 
1 217 SER n 
1 218 SER n 
1 219 ALA n 
1 220 VAL n 
1 221 ASN n 
1 222 ALA n 
# 
_entity_src_gen.entity_id                          1 
_entity_src_gen.pdbx_src_id                        1 
_entity_src_gen.pdbx_alt_source_flag               sample 
_entity_src_gen.pdbx_seq_type                      ? 
_entity_src_gen.pdbx_beg_seq_num                   ? 
_entity_src_gen.pdbx_end_seq_num                   ? 
_entity_src_gen.gene_src_common_name               ? 
_entity_src_gen.gene_src_genus                     ? 
_entity_src_gen.pdbx_gene_src_gene                 ? 
_entity_src_gen.gene_src_species                   ? 
_entity_src_gen.gene_src_strain                    ? 
_entity_src_gen.gene_src_tissue                    ? 
_entity_src_gen.gene_src_tissue_fraction           ? 
_entity_src_gen.gene_src_details                   ? 
_entity_src_gen.pdbx_gene_src_fragment             ? 
_entity_src_gen.pdbx_gene_src_scientific_name      'STREPTOMYCES SP. 11AG8' 
_entity_src_gen.pdbx_gene_src_ncbi_taxonomy_id     133452 
_entity_src_gen.pdbx_gene_src_variant              ? 
_entity_src_gen.pdbx_gene_src_cell_line            ? 
_entity_src_gen.pdbx_gene_src_atcc                 ? 
_entity_src_gen.pdbx_gene_src_organ                ? 
_entity_src_gen.pdbx_gene_src_organelle            ? 
_entity_src_gen.pdbx_gene_src_cell                 ? 
_entity_src_gen.pdbx_gene_src_cellular_location    ? 
_entity_src_gen.host_org_common_name               ? 
_entity_src_gen.pdbx_host_org_scientific_name      'STREPTOMYCES LIVIDANS' 
_entity_src_gen.pdbx_host_org_ncbi_taxonomy_id     1916 
_entity_src_gen.host_org_genus                     ? 
_entity_src_gen.pdbx_host_org_gene                 ? 
_entity_src_gen.pdbx_host_org_organ                ? 
_entity_src_gen.host_org_species                   ? 
_entity_src_gen.pdbx_host_org_tissue               ? 
_entity_src_gen.pdbx_host_org_tissue_fraction      ? 
_entity_src_gen.pdbx_host_org_strain               ? 
_entity_src_gen.pdbx_host_org_variant              ? 
_entity_src_gen.pdbx_host_org_cell_line            ? 
_entity_src_gen.pdbx_host_org_atcc                 ? 
_entity_src_gen.pdbx_host_org_culture_collection   ? 
_entity_src_gen.pdbx_host_org_cell                 ? 
_entity_src_gen.pdbx_host_org_organelle            ? 
_entity_src_gen.pdbx_host_org_cellular_location    ? 
_entity_src_gen.pdbx_host_org_vector_type          ? 
_entity_src_gen.pdbx_host_org_vector               ? 
_entity_src_gen.host_org_details                   ? 
_entity_src_gen.expression_system_id               ? 
_entity_src_gen.plasmid_name                       ? 
_entity_src_gen.plasmid_details                    ? 
_entity_src_gen.pdbx_description                   ? 
# 
loop_
_chem_comp.id 
_chem_comp.type 
_chem_comp.mon_nstd_flag 
_chem_comp.name 
_chem_comp.pdbx_synonyms 
_chem_comp.formula 
_chem_comp.formula_weight 
ALA 'L-peptide linking' y ALANINE         ? 'C3 H7 N O2'     89.093  
ARG 'L-peptide linking' y ARGININE        ? 'C6 H15 N4 O2 1' 175.209 
ASN 'L-peptide linking' y ASPARAGINE      ? 'C4 H8 N2 O3'    132.118 
ASP 'L-peptide linking' y 'ASPARTIC ACID' ? 'C4 H7 N O4'     133.103 
CYS 'L-peptide linking' y CYSTEINE        ? 'C3 H7 N O2 S'   121.158 
GLN 'L-peptide linking' y GLUTAMINE       ? 'C5 H10 N2 O3'   146.144 
GLU 'L-peptide linking' y 'GLUTAMIC ACID' ? 'C5 H9 N O4'     147.129 
GLY 'peptide linking'   y GLYCINE         ? 'C2 H5 N O2'     75.067  
HIS 'L-peptide linking' y HISTIDINE       ? 'C6 H10 N3 O2 1' 156.162 
HOH non-polymer         . WATER           ? 'H2 O'           18.015  
ILE 'L-peptide linking' y ISOLEUCINE      ? 'C6 H13 N O2'    131.173 
LEU 'L-peptide linking' y LEUCINE         ? 'C6 H13 N O2'    131.173 
LYS 'L-peptide linking' y LYSINE          ? 'C6 H15 N2 O2 1' 147.195 
MET 'L-peptide linking' y METHIONINE      ? 'C5 H11 N O2 S'  149.211 
PHE 'L-peptide linking' y PHENYLALANINE   ? 'C9 H11 N O2'    165.189 
PRO 'L-peptide linking' y PROLINE         ? 'C5 H9 N O2'     115.130 
SER 'L-peptide linking' y SERINE          ? 'C3 H7 N O3'     105.093 
THR 'L-peptide linking' y THREONINE       ? 'C4 H9 N O3'     119.119 
TRP 'L-peptide linking' y TRYPTOPHAN      ? 'C11 H12 N2 O2'  204.225 
TYR 'L-peptide linking' y TYROSINE        ? 'C9 H11 N O3'    181.189 
VAL 'L-peptide linking' y VALINE          ? 'C5 H11 N O2'    117.146 
# 
loop_
_pdbx_poly_seq_scheme.asym_id 
_pdbx_poly_seq_scheme.entity_id 
_pdbx_poly_seq_scheme.seq_id 
_pdbx_poly_seq_scheme.mon_id 
_pdbx_poly_seq_scheme.ndb_seq_num 
_pdbx_poly_seq_scheme.pdb_seq_num 
_pdbx_poly_seq_scheme.auth_seq_num 
_pdbx_poly_seq_scheme.pdb_mon_id 
_pdbx_poly_seq_scheme.auth_mon_id 
_pdbx_poly_seq_scheme.pdb_strand_id 
_pdbx_poly_seq_scheme.pdb_ins_code 
_pdbx_poly_seq_scheme.hetero 
A 1 1   ASN 1   1   1   ASN ASN A . n 
A 1 2   GLN 2   2   2   GLN GLN A . n 
A 1 3   GLN 3   3   3   GLN GLN A . n 
A 1 4   ILE 4   4   4   ILE ILE A . n 
A 1 5   CYS 5   5   5   CYS CYS A . n 
A 1 6   ASP 6   6   6   ASP ASP A . n 
A 1 7   ARG 7   7   7   ARG ARG A . n 
A 1 8   TYR 8   8   8   TYR TYR A . n 
A 1 9   GLY 9   9   9   GLY GLY A . n 
A 1 10  THR 10  10  10  THR THR A . n 
A 1 11  THR 11  11  11  THR THR A . n 
A 1 12  THR 12  12  12  THR THR A . n 
A 1 13  ILE 13  13  13  ILE ILE A . n 
A 1 14  GLN 14  14  14  GLN GLN A . n 
A 1 15  ASP 15  15  15  ASP ASP A . n 
A 1 16  ARG 16  16  16  ARG ARG A . n 
A 1 17  TYR 17  17  17  TYR TYR A . n 
A 1 18  VAL 18  18  18  VAL VAL A . n 
A 1 19  VAL 19  19  19  VAL VAL A . n 
A 1 20  GLN 20  20  20  GLN GLN A . n 
A 1 21  ASN 21  21  21  ASN ASN A . n 
A 1 22  ASN 22  22  22  ASN ASN A . n 
A 1 23  ARG 23  23  23  ARG ARG A . n 
A 1 24  TRP 24  24  24  TRP TRP A . n 
A 1 25  GLY 25  25  25  GLY GLY A . n 
A 1 26  THR 26  26  26  THR THR A . n 
A 1 27  SER 27  27  27  SER SER A . n 
A 1 28  ALA 28  28  28  ALA ALA A . n 
A 1 29  THR 29  29  29  THR THR A . n 
A 1 30  GLN 30  30  30  GLN GLN A . n 
A 1 31  CYS 31  31  31  CYS CYS A . n 
A 1 32  ILE 32  32  32  ILE ILE A . n 
A 1 33  ASN 33  33  33  ASN ASN A . n 
A 1 34  VAL 34  34  34  VAL VAL A . n 
A 1 35  THR 35  35  35  THR THR A . n 
A 1 36  GLY 36  36  36  GLY GLY A . n 
A 1 37  ASN 37  37  37  ASN ASN A . n 
A 1 38  GLY 38  38  38  GLY GLY A . n 
A 1 39  PHE 39  39  39  PHE PHE A . n 
A 1 40  GLU 40  40  40  GLU GLU A . n 
A 1 41  ILE 41  41  41  ILE ILE A . n 
A 1 42  THR 42  42  42  THR THR A . n 
A 1 43  GLN 43  43  43  GLN GLN A . n 
A 1 44  ALA 44  44  44  ALA ALA A . n 
A 1 45  ASP 45  45  45  ASP ASP A . n 
A 1 46  GLY 46  46  46  GLY GLY A . n 
A 1 47  SER 47  47  47  SER SER A . n 
A 1 48  VAL 48  48  48  VAL VAL A . n 
A 1 49  PRO 49  49  49  PRO PRO A . n 
A 1 50  THR 50  50  50  THR THR A . n 
A 1 51  ASN 51  51  51  ASN ASN A . n 
A 1 52  GLY 52  52  52  GLY GLY A . n 
A 1 53  ALA 53  53  53  ALA ALA A . n 
A 1 54  PRO 54  54  54  PRO PRO A . n 
A 1 55  LYS 55  55  55  LYS LYS A . n 
A 1 56  SER 56  56  56  SER SER A . n 
A 1 57  TYR 57  57  57  TYR TYR A . n 
A 1 58  PRO 58  58  58  PRO PRO A . n 
A 1 59  SER 59  59  59  SER SER A . n 
A 1 60  VAL 60  60  60  VAL VAL A . n 
A 1 61  TYR 61  61  61  TYR TYR A . n 
A 1 62  ASP 62  62  62  ASP ASP A . n 
A 1 63  GLY 63  63  63  GLY GLY A . n 
A 1 64  CYS 64  64  64  CYS CYS A . n 
A 1 65  HIS 65  65  65  HIS HIS A . n 
A 1 66  TYR 66  66  66  TYR TYR A . n 
A 1 67  GLY 67  67  67  GLY GLY A . n 
A 1 68  ASN 68  68  68  ASN ASN A . n 
A 1 69  CYS 69  69  69  CYS CYS A . n 
A 1 70  ALA 70  70  70  ALA ALA A . n 
A 1 71  PRO 71  71  71  PRO PRO A . n 
A 1 72  ARG 72  72  72  ARG ARG A . n 
A 1 73  THR 73  73  73  THR THR A . n 
A 1 74  THR 74  74  74  THR THR A . n 
A 1 75  LEU 75  75  75  LEU LEU A . n 
A 1 76  PRO 76  76  76  PRO PRO A . n 
A 1 77  MET 77  77  77  MET MET A . n 
A 1 78  ARG 78  78  78  ARG ARG A . n 
A 1 79  ILE 79  79  79  ILE ILE A . n 
A 1 80  SER 80  80  80  SER SER A . n 
A 1 81  SER 81  81  81  SER SER A . n 
A 1 82  ILE 82  82  82  ILE ILE A . n 
A 1 83  GLY 83  83  83  GLY GLY A . n 
A 1 84  SER 84  84  84  SER SER A . n 
A 1 85  ALA 85  85  85  ALA ALA A . n 
A 1 86  PRO 86  86  86  PRO PRO A . n 
A 1 87  SER 87  87  87  SER SER A . n 
A 1 88  SER 88  88  88  SER SER A . n 
A 1 89  VAL 89  89  89  VAL VAL A . n 
A 1 90  SER 90  90  90  SER SER A . n 
A 1 91  TYR 91  91  91  TYR TYR A . n 
A 1 92  ARG 92  92  92  ARG ARG A . n 
A 1 93  TYR 93  93  93  TYR TYR A . n 
A 1 94  THR 94  94  94  THR THR A . n 
A 1 95  GLY 95  95  95  GLY GLY A . n 
A 1 96  ASN 96  96  96  ASN ASN A . n 
A 1 97  GLY 97  97  97  GLY GLY A . n 
A 1 98  VAL 98  98  98  VAL VAL A . n 
A 1 99  TYR 99  99  99  TYR TYR A . n 
A 1 100 ASN 100 100 100 ASN ASN A . n 
A 1 101 ALA 101 101 101 ALA ALA A . n 
A 1 102 ALA 102 102 102 ALA ALA A . n 
A 1 103 TYR 103 103 103 TYR TYR A . n 
A 1 104 ASP 104 104 104 ASP ASP A . n 
A 1 105 ILE 105 105 105 ILE ILE A . n 
A 1 106 TRP 106 106 106 TRP TRP A . n 
A 1 107 LEU 107 107 107 LEU LEU A . n 
A 1 108 ASP 108 108 108 ASP ASP A . n 
A 1 109 PRO 109 109 109 PRO PRO A . n 
A 1 110 THR 110 110 110 THR THR A . n 
A 1 111 PRO 111 111 111 PRO PRO A . n 
A 1 112 ARG 112 112 112 ARG ARG A . n 
A 1 113 THR 113 113 113 THR THR A . n 
A 1 114 ASN 114 114 114 ASN ASN A . n 
A 1 115 GLY 115 115 115 GLY GLY A . n 
A 1 116 VAL 116 116 116 VAL VAL A . n 
A 1 117 ASN 117 117 117 ASN ASN A . n 
A 1 118 ARG 118 118 118 ARG ARG A . n 
A 1 119 THR 119 119 119 THR THR A . n 
A 1 120 GLU 120 120 120 GLU GLU A . n 
A 1 121 ILE 121 121 121 ILE ILE A . n 
A 1 122 MET 122 122 122 MET MET A . n 
A 1 123 ILE 123 123 123 ILE ILE A . n 
A 1 124 TRP 124 124 124 TRP TRP A . n 
A 1 125 PHE 125 125 125 PHE PHE A . n 
A 1 126 ASN 126 126 126 ASN ASN A . n 
A 1 127 ARG 127 127 127 ARG ARG A . n 
A 1 128 VAL 128 128 128 VAL VAL A . n 
A 1 129 GLY 129 129 129 GLY GLY A . n 
A 1 130 PRO 130 130 130 PRO PRO A . n 
A 1 131 VAL 131 131 131 VAL VAL A . n 
A 1 132 GLN 132 132 132 GLN GLN A . n 
A 1 133 PRO 133 133 133 PRO PRO A . n 
A 1 134 ILE 134 134 134 ILE ILE A . n 
A 1 135 GLY 135 135 135 GLY GLY A . n 
A 1 136 SER 136 136 136 SER SER A . n 
A 1 137 PRO 137 137 137 PRO PRO A . n 
A 1 138 VAL 138 138 138 VAL VAL A . n 
A 1 139 GLY 139 139 139 GLY GLY A . n 
A 1 140 THR 140 140 140 THR THR A . n 
A 1 141 ALA 141 141 141 ALA ALA A . n 
A 1 142 HIS 142 142 142 HIS HIS A . n 
A 1 143 VAL 143 143 143 VAL VAL A . n 
A 1 144 GLY 144 144 144 GLY GLY A . n 
A 1 145 GLY 145 145 145 GLY GLY A . n 
A 1 146 ARG 146 146 146 ARG ARG A . n 
A 1 147 SER 147 147 147 SER SER A . n 
A 1 148 TRP 148 148 148 TRP TRP A . n 
A 1 149 GLU 149 149 149 GLU GLU A . n 
A 1 150 VAL 150 150 150 VAL VAL A . n 
A 1 151 TRP 151 151 151 TRP TRP A . n 
A 1 152 THR 152 152 152 THR THR A . n 
A 1 153 GLY 153 153 153 GLY GLY A . n 
A 1 154 SER 154 154 154 SER SER A . n 
A 1 155 ASN 155 155 155 ASN ASN A . n 
A 1 156 GLY 156 156 156 GLY GLY A . n 
A 1 157 SER 157 157 157 SER SER A . n 
A 1 158 ASN 158 158 158 ASN ASN A . n 
A 1 159 ASP 159 159 159 ASP ASP A . n 
A 1 160 VAL 160 160 160 VAL VAL A . n 
A 1 161 ILE 161 161 161 ILE ILE A . n 
A 1 162 SER 162 162 162 SER SER A . n 
A 1 163 PHE 163 163 163 PHE PHE A . n 
A 1 164 LEU 164 164 164 LEU LEU A . n 
A 1 165 ALA 165 165 165 ALA ALA A . n 
A 1 166 PRO 166 166 166 PRO PRO A . n 
A 1 167 SER 167 167 167 SER SER A . n 
A 1 168 ALA 168 168 168 ALA ALA A . n 
A 1 169 ILE 169 169 169 ILE ILE A . n 
A 1 170 SER 170 170 170 SER SER A . n 
A 1 171 SER 171 171 171 SER SER A . n 
A 1 172 TRP 172 172 172 TRP TRP A . n 
A 1 173 SER 173 173 173 SER SER A . n 
A 1 174 PHE 174 174 174 PHE PHE A . n 
A 1 175 ASP 175 175 175 ASP ASP A . n 
A 1 176 VAL 176 176 176 VAL VAL A . n 
A 1 177 LYS 177 177 177 LYS LYS A . n 
A 1 178 ASP 178 178 178 ASP ASP A . n 
A 1 179 PHE 179 179 179 PHE PHE A . n 
A 1 180 VAL 180 180 180 VAL VAL A . n 
A 1 181 ASP 181 181 181 ASP ASP A . n 
A 1 182 GLN 182 182 182 GLN GLN A . n 
A 1 183 ALA 183 183 183 ALA ALA A . n 
A 1 184 VAL 184 184 184 VAL VAL A . n 
A 1 185 SER 185 185 185 SER SER A . n 
A 1 186 HIS 186 186 186 HIS HIS A . n 
A 1 187 GLY 187 187 187 GLY GLY A . n 
A 1 188 LEU 188 188 188 LEU LEU A . n 
A 1 189 ALA 189 189 189 ALA ALA A . n 
A 1 190 THR 190 190 190 THR THR A . n 
A 1 191 PRO 191 191 191 PRO PRO A . n 
A 1 192 ASP 192 192 192 ASP ASP A . n 
A 1 193 TRP 193 193 193 TRP TRP A . n 
A 1 194 TYR 194 194 194 TYR TYR A . n 
A 1 195 LEU 195 195 195 LEU LEU A . n 
A 1 196 THR 196 196 196 THR THR A . n 
A 1 197 SER 197 197 197 SER SER A . n 
A 1 198 ILE 198 198 198 ILE ILE A . n 
A 1 199 GLN 199 199 199 GLN GLN A . n 
A 1 200 ALA 200 200 200 ALA ALA A . n 
A 1 201 GLY 201 201 201 GLY GLY A . n 
A 1 202 PHE 202 202 202 PHE PHE A . n 
A 1 203 GLU 203 203 203 GLU GLU A . n 
A 1 204 PRO 204 204 204 PRO PRO A . n 
A 1 205 TRP 205 205 205 TRP TRP A . n 
A 1 206 GLU 206 206 206 GLU GLU A . n 
A 1 207 GLY 207 207 207 GLY GLY A . n 
A 1 208 GLY 208 208 208 GLY GLY A . n 
A 1 209 THR 209 209 209 THR THR A . n 
A 1 210 GLY 210 210 210 GLY GLY A . n 
A 1 211 LEU 211 211 211 LEU LEU A . n 
A 1 212 ALA 212 212 212 ALA ALA A . n 
A 1 213 VAL 213 213 213 VAL VAL A . n 
A 1 214 ASN 214 214 214 ASN ASN A . n 
A 1 215 SER 215 215 215 SER SER A . n 
A 1 216 PHE 216 216 216 PHE PHE A . n 
A 1 217 SER 217 217 217 SER SER A . n 
A 1 218 SER 218 218 218 SER SER A . n 
A 1 219 ALA 219 219 219 ALA ALA A . n 
A 1 220 VAL 220 220 220 VAL VAL A . n 
A 1 221 ASN 221 221 221 ASN ASN A . n 
A 1 222 ALA 222 222 222 ALA ALA A . n 
# 
loop_
_pdbx_nonpoly_scheme.asym_id 
_pdbx_nonpoly_scheme.entity_id 
_pdbx_nonpoly_scheme.mon_id 
_pdbx_nonpoly_scheme.ndb_seq_num 
_pdbx_nonpoly_scheme.pdb_seq_num 
_pdbx_nonpoly_scheme.auth_seq_num 
_pdbx_nonpoly_scheme.pdb_mon_id 
_pdbx_nonpoly_scheme.auth_mon_id 
_pdbx_nonpoly_scheme.pdb_strand_id 
_pdbx_nonpoly_scheme.pdb_ins_code 
B 2 HOH 1   2001 2001 HOH HOH A . 
B 2 HOH 2   2002 2002 HOH HOH A . 
B 2 HOH 3   2003 2003 HOH HOH A . 
B 2 HOH 4   2004 2004 HOH HOH A . 
B 2 HOH 5   2005 2005 HOH HOH A . 
B 2 HOH 6   2006 2006 HOH HOH A . 
B 2 HOH 7   2007 2007 HOH HOH A . 
B 2 HOH 8   2008 2008 HOH HOH A . 
B 2 HOH 9   2009 2009 HOH HOH A . 
B 2 HOH 10  2010 2010 HOH HOH A . 
B 2 HOH 11  2011 2011 HOH HOH A . 
B 2 HOH 12  2012 2012 HOH HOH A . 
B 2 HOH 13  2013 2013 HOH HOH A . 
B 2 HOH 14  2014 2014 HOH HOH A . 
B 2 HOH 15  2015 2015 HOH HOH A . 
B 2 HOH 16  2016 2016 HOH HOH A . 
B 2 HOH 17  2017 2017 HOH HOH A . 
B 2 HOH 18  2018 2018 HOH HOH A . 
B 2 HOH 19  2019 2019 HOH HOH A . 
B 2 HOH 20  2020 2020 HOH HOH A . 
B 2 HOH 21  2021 2021 HOH HOH A . 
B 2 HOH 22  2022 2022 HOH HOH A . 
B 2 HOH 23  2023 2023 HOH HOH A . 
B 2 HOH 24  2024 2024 HOH HOH A . 
B 2 HOH 25  2025 2025 HOH HOH A . 
B 2 HOH 26  2026 2026 HOH HOH A . 
B 2 HOH 27  2027 2027 HOH HOH A . 
B 2 HOH 28  2028 2028 HOH HOH A . 
B 2 HOH 29  2029 2029 HOH HOH A . 
B 2 HOH 30  2030 2030 HOH HOH A . 
B 2 HOH 31  2031 2031 HOH HOH A . 
B 2 HOH 32  2032 2032 HOH HOH A . 
B 2 HOH 33  2033 2033 HOH HOH A . 
B 2 HOH 34  2034 2034 HOH HOH A . 
B 2 HOH 35  2035 2035 HOH HOH A . 
B 2 HOH 36  2036 2036 HOH HOH A . 
B 2 HOH 37  2037 2037 HOH HOH A . 
B 2 HOH 38  2038 2038 HOH HOH A . 
B 2 HOH 39  2039 2039 HOH HOH A . 
B 2 HOH 40  2040 2040 HOH HOH A . 
B 2 HOH 41  2041 2041 HOH HOH A . 
B 2 HOH 42  2042 2042 HOH HOH A . 
B 2 HOH 43  2043 2043 HOH HOH A . 
B 2 HOH 44  2044 2044 HOH HOH A . 
B 2 HOH 45  2045 2045 HOH HOH A . 
B 2 HOH 46  2046 2046 HOH HOH A . 
B 2 HOH 47  2047 2047 HOH HOH A . 
B 2 HOH 48  2048 2048 HOH HOH A . 
B 2 HOH 49  2049 2049 HOH HOH A . 
B 2 HOH 50  2050 2050 HOH HOH A . 
B 2 HOH 51  2051 2051 HOH HOH A . 
B 2 HOH 52  2052 2052 HOH HOH A . 
B 2 HOH 53  2053 2053 HOH HOH A . 
B 2 HOH 54  2054 2054 HOH HOH A . 
B 2 HOH 55  2055 2055 HOH HOH A . 
B 2 HOH 56  2056 2056 HOH HOH A . 
B 2 HOH 57  2057 2057 HOH HOH A . 
B 2 HOH 58  2058 2058 HOH HOH A . 
B 2 HOH 59  2059 2059 HOH HOH A . 
B 2 HOH 60  2060 2060 HOH HOH A . 
B 2 HOH 61  2061 2061 HOH HOH A . 
B 2 HOH 62  2062 2062 HOH HOH A . 
B 2 HOH 63  2063 2063 HOH HOH A . 
B 2 HOH 64  2064 2064 HOH HOH A . 
B 2 HOH 65  2065 2065 HOH HOH A . 
B 2 HOH 66  2066 2066 HOH HOH A . 
B 2 HOH 67  2067 2067 HOH HOH A . 
B 2 HOH 68  2068 2068 HOH HOH A . 
B 2 HOH 69  2069 2069 HOH HOH A . 
B 2 HOH 70  2070 2070 HOH HOH A . 
B 2 HOH 71  2071 2071 HOH HOH A . 
B 2 HOH 72  2072 2072 HOH HOH A . 
B 2 HOH 73  2073 2073 HOH HOH A . 
B 2 HOH 74  2074 2074 HOH HOH A . 
B 2 HOH 75  2075 2075 HOH HOH A . 
B 2 HOH 76  2076 2076 HOH HOH A . 
B 2 HOH 77  2077 2077 HOH HOH A . 
B 2 HOH 78  2078 2078 HOH HOH A . 
B 2 HOH 79  2079 2079 HOH HOH A . 
B 2 HOH 80  2080 2080 HOH HOH A . 
B 2 HOH 81  2081 2081 HOH HOH A . 
B 2 HOH 82  2082 2082 HOH HOH A . 
B 2 HOH 83  2083 2083 HOH HOH A . 
B 2 HOH 84  2084 2084 HOH HOH A . 
B 2 HOH 85  2085 2085 HOH HOH A . 
B 2 HOH 86  2086 2086 HOH HOH A . 
B 2 HOH 87  2087 2087 HOH HOH A . 
B 2 HOH 88  2088 2088 HOH HOH A . 
B 2 HOH 89  2089 2089 HOH HOH A . 
B 2 HOH 90  2090 2090 HOH HOH A . 
B 2 HOH 91  2091 2091 HOH HOH A . 
B 2 HOH 92  2092 2092 HOH HOH A . 
B 2 HOH 93  2093 2093 HOH HOH A . 
B 2 HOH 94  2094 2094 HOH HOH A . 
B 2 HOH 95  2095 2095 HOH HOH A . 
B 2 HOH 96  2096 2096 HOH HOH A . 
B 2 HOH 97  2097 2097 HOH HOH A . 
B 2 HOH 98  2098 2098 HOH HOH A . 
B 2 HOH 99  2099 2099 HOH HOH A . 
B 2 HOH 100 2100 2100 HOH HOH A . 
B 2 HOH 101 2101 2101 HOH HOH A . 
B 2 HOH 102 2102 2102 HOH HOH A . 
B 2 HOH 103 2103 2103 HOH HOH A . 
B 2 HOH 104 2104 2104 HOH HOH A . 
B 2 HOH 105 2105 2105 HOH HOH A . 
B 2 HOH 106 2106 2106 HOH HOH A . 
B 2 HOH 107 2107 2107 HOH HOH A . 
B 2 HOH 108 2108 2108 HOH HOH A . 
B 2 HOH 109 2109 2109 HOH HOH A . 
B 2 HOH 110 2110 2110 HOH HOH A . 
B 2 HOH 111 2111 2111 HOH HOH A . 
B 2 HOH 112 2112 2112 HOH HOH A . 
B 2 HOH 113 2113 2113 HOH HOH A . 
B 2 HOH 114 2114 2114 HOH HOH A . 
B 2 HOH 115 2115 2115 HOH HOH A . 
B 2 HOH 116 2116 2116 HOH HOH A . 
B 2 HOH 117 2117 2117 HOH HOH A . 
# 
loop_
_software.name 
_software.classification 
_software.version 
_software.citation_id 
_software.pdbx_ordinal 
REFMAC    refinement       . ? 1 
DENZO     'data reduction' . ? 2 
SCALEPACK 'data scaling'   . ? 3 
AMoRE     phasing          . ? 4 
# 
_cell.entry_id           1OA4 
_cell.length_a           65.160 
_cell.length_b           54.630 
_cell.length_c           62.590 
_cell.angle_alpha        90.00 
_cell.angle_beta         90.00 
_cell.angle_gamma        90.00 
_cell.Z_PDB              4 
_cell.pdbx_unique_axis   ? 
# 
_symmetry.entry_id                         1OA4 
_symmetry.space_group_name_H-M             'P 21 21 21' 
_symmetry.pdbx_full_space_group_name_H-M   ? 
_symmetry.cell_setting                     ? 
_symmetry.Int_Tables_number                19 
# 
_exptl.entry_id          1OA4 
_exptl.method            'X-RAY DIFFRACTION' 
_exptl.crystals_number   1 
# 
_exptl_crystal.id                    1 
_exptl_crystal.density_meas          ? 
_exptl_crystal.density_Matthews      2.2 
_exptl_crystal.density_percent_sol   44 
_exptl_crystal.description           ? 
# 
_exptl_crystal_grow.crystal_id      1 
_exptl_crystal_grow.method          ? 
_exptl_crystal_grow.temp            ? 
_exptl_crystal_grow.temp_details    ? 
_exptl_crystal_grow.pH              6.00 
_exptl_crystal_grow.pdbx_pH_range   ? 
_exptl_crystal_grow.pdbx_details    'pH 6.00' 
# 
_diffrn.id                     1 
_diffrn.ambient_temp           100.0 
_diffrn.ambient_temp_details   ? 
_diffrn.crystal_id             1 
# 
_diffrn_detector.diffrn_id              1 
_diffrn_detector.detector               'IMAGE PLATE' 
_diffrn_detector.type                   MSC 
_diffrn_detector.pdbx_collection_date   2000-02-15 
_diffrn_detector.details                ? 
# 
_diffrn_radiation.diffrn_id                        1 
_diffrn_radiation.wavelength_id                    1 
_diffrn_radiation.pdbx_monochromatic_or_laue_m_l   M 
_diffrn_radiation.monochromator                    ? 
_diffrn_radiation.pdbx_diffrn_protocol             'SINGLE WAVELENGTH' 
_diffrn_radiation.pdbx_scattering_type             x-ray 
# 
_diffrn_radiation_wavelength.id           1 
_diffrn_radiation_wavelength.wavelength   1.54 
_diffrn_radiation_wavelength.wt           1.0 
# 
_diffrn_source.diffrn_id                   1 
_diffrn_source.source                      'ROTATING ANODE' 
_diffrn_source.type                        'RIGAKU RU200' 
_diffrn_source.pdbx_synchrotron_site       ? 
_diffrn_source.pdbx_synchrotron_beamline   ? 
_diffrn_source.pdbx_wavelength             1.54 
_diffrn_source.pdbx_wavelength_list        ? 
# 
_reflns.pdbx_diffrn_id               1 
_reflns.pdbx_ordinal                 1 
_reflns.entry_id                     1OA4 
_reflns.observed_criterion_sigma_I   3.000 
_reflns.observed_criterion_sigma_F   ? 
_reflns.d_resolution_low             29.000 
_reflns.d_resolution_high            1.500 
_reflns.number_obs                   26559 
_reflns.number_all                   ? 
_reflns.percent_possible_obs         73.0 
_reflns.pdbx_Rmerge_I_obs            ? 
_reflns.pdbx_Rsym_value              0.05400 
_reflns.pdbx_netI_over_sigmaI        15.4000 
_reflns.B_iso_Wilson_estimate        ? 
_reflns.pdbx_redundancy              2.300 
# 
_reflns_shell.pdbx_diffrn_id         1 
_reflns_shell.pdbx_ordinal           1 
_reflns_shell.d_res_high             1.50 
_reflns_shell.d_res_low              1.53 
_reflns_shell.percent_possible_all   63.5 
_reflns_shell.Rmerge_I_obs           ? 
_reflns_shell.pdbx_Rsym_value        0.16100 
_reflns_shell.meanI_over_sigI_obs    8.600 
_reflns_shell.pdbx_redundancy        ? 
# 
_refine.pdbx_refine_id                           'X-RAY DIFFRACTION' 
_refine.entry_id                                 1OA4 
_refine.pdbx_diffrn_id                           1 
_refine.pdbx_TLS_residual_ADP_flag               ? 
_refine.ls_number_reflns_obs                     25464 
_refine.ls_number_reflns_all                     ? 
_refine.pdbx_ls_sigma_I                          ? 
_refine.pdbx_ls_sigma_F                          0.0 
_refine.pdbx_data_cutoff_high_absF               ? 
_refine.pdbx_data_cutoff_low_absF                ? 
_refine.pdbx_data_cutoff_high_rms_absF           ? 
_refine.ls_d_res_low                             29. 
_refine.ls_d_res_high                            1.5 
_refine.ls_percent_reflns_obs                    72.1 
_refine.ls_R_factor_obs                          0.18185 
_refine.ls_R_factor_all                          ? 
_refine.ls_R_factor_R_work                       0.18149 
_refine.ls_R_factor_R_free                       0.19264 
_refine.ls_R_factor_R_free_error                 ? 
_refine.ls_R_factor_R_free_error_details         ? 
_refine.ls_percent_reflns_R_free                 3.1 
_refine.ls_number_reflns_R_free                  821 
_refine.ls_number_parameters                     ? 
_refine.ls_number_restraints                     ? 
_refine.occupancy_min                            ? 
_refine.occupancy_max                            ? 
_refine.correlation_coeff_Fo_to_Fc               ? 
_refine.correlation_coeff_Fo_to_Fc_free          ? 
_refine.B_iso_mean                               14.276 
_refine.aniso_B[1][1]                            0.53 
_refine.aniso_B[2][2]                            0.59 
_refine.aniso_B[3][3]                            -1.12 
_refine.aniso_B[1][2]                            0.00 
_refine.aniso_B[1][3]                            0.00 
_refine.aniso_B[2][3]                            0.00 
_refine.solvent_model_details                    ? 
_refine.solvent_model_param_ksol                 ? 
_refine.solvent_model_param_bsol                 ? 
_refine.pdbx_solvent_vdw_probe_radii             ? 
_refine.pdbx_solvent_ion_probe_radii             ? 
_refine.pdbx_solvent_shrinkage_radii             ? 
_refine.pdbx_ls_cross_valid_method               THROUGHOUT 
_refine.details                                  'HYDROGENS HAVE BEEN ADDED IN THE RIDING POSITIONS' 
_refine.pdbx_starting_model                      'PDB ENTRY 1NLR' 
_refine.pdbx_method_to_determine_struct          'MOLECULAR REPLACEMENT' 
_refine.pdbx_isotropic_thermal_model             ? 
_refine.pdbx_stereochemistry_target_values       ? 
_refine.pdbx_stereochem_target_val_spec_case     ? 
_refine.pdbx_R_Free_selection_details            RANDOM 
_refine.pdbx_overall_ESU_R                       0.16547 
_refine.pdbx_overall_ESU_R_Free                  0.12270 
_refine.overall_SU_ML                            0.07506 
_refine.pdbx_overall_phase_error                 ? 
_refine.overall_SU_B                             2.08226 
_refine.overall_SU_R_Cruickshank_DPI             ? 
_refine.pdbx_overall_SU_R_free_Cruickshank_DPI   ? 
_refine.pdbx_overall_SU_R_Blow_DPI               ? 
_refine.pdbx_overall_SU_R_free_Blow_DPI          ? 
# 
_refine_hist.pdbx_refine_id                   'X-RAY DIFFRACTION' 
_refine_hist.cycle_id                         LAST 
_refine_hist.pdbx_number_atoms_protein        1685 
_refine_hist.pdbx_number_atoms_nucleic_acid   0 
_refine_hist.pdbx_number_atoms_ligand         0 
_refine_hist.number_atoms_solvent             117 
_refine_hist.number_atoms_total               1802 
_refine_hist.d_res_high                       1.5 
_refine_hist.d_res_low                        29. 
# 
_struct.entry_id                  1OA4 
_struct.title                     
'Comparison of Family 12 Glycoside Hydrolases and Recruited Substitutions Important for Thermal Stability' 
_struct.pdbx_model_details        ? 
_struct.pdbx_CASP_flag            ? 
_struct.pdbx_model_type_details   ? 
# 
_struct_keywords.entry_id        1OA4 
_struct_keywords.pdbx_keywords   HYDROLASE 
_struct_keywords.text            
'HYDROLASE, CELLULASE, CELLULOSE DEGRADATION, ENDOGLUCANASE, GLYCOSYL HYDROLASE, GH FAMILY 12, STREPTOMYCES SP 11AG8 CEL12A' 
# 
loop_
_struct_asym.id 
_struct_asym.pdbx_blank_PDB_chainid_flag 
_struct_asym.pdbx_modified 
_struct_asym.entity_id 
_struct_asym.details 
A N N 1 ? 
B N N 2 ? 
# 
_struct_ref.id                         1 
_struct_ref.db_name                    UNP 
_struct_ref.db_code                    Q9KIH1 
_struct_ref.entity_id                  1 
_struct_ref.pdbx_seq_one_letter_code   ? 
_struct_ref.pdbx_align_begin           ? 
_struct_ref.pdbx_db_accession          Q9KIH1 
_struct_ref.pdbx_db_isoform            ? 
# 
_struct_ref_seq.align_id                      1 
_struct_ref_seq.ref_id                        1 
_struct_ref_seq.pdbx_PDB_id_code              1OA4 
_struct_ref_seq.pdbx_strand_id                A 
_struct_ref_seq.seq_align_beg                 1 
_struct_ref_seq.pdbx_seq_align_beg_ins_code   ? 
_struct_ref_seq.seq_align_end                 222 
_struct_ref_seq.pdbx_seq_align_end_ins_code   ? 
_struct_ref_seq.pdbx_db_accession             Q9KIH1 
_struct_ref_seq.db_align_beg                  32 
_struct_ref_seq.pdbx_db_align_beg_ins_code    ? 
_struct_ref_seq.db_align_end                  253 
_struct_ref_seq.pdbx_db_align_end_ins_code    ? 
_struct_ref_seq.pdbx_auth_seq_align_beg       1 
_struct_ref_seq.pdbx_auth_seq_align_end       222 
# 
_pdbx_struct_assembly.id                   1 
_pdbx_struct_assembly.details              author_and_software_defined_assembly 
_pdbx_struct_assembly.method_details       PQS 
_pdbx_struct_assembly.oligomeric_details   monomeric 
_pdbx_struct_assembly.oligomeric_count     1 
# 
_pdbx_struct_assembly_gen.assembly_id       1 
_pdbx_struct_assembly_gen.oper_expression   1 
_pdbx_struct_assembly_gen.asym_id_list      A,B 
# 
_pdbx_struct_oper_list.id                   1 
_pdbx_struct_oper_list.type                 'identity operation' 
_pdbx_struct_oper_list.name                 1_555 
_pdbx_struct_oper_list.symmetry_operation   x,y,z 
_pdbx_struct_oper_list.matrix[1][1]         1.0000000000 
_pdbx_struct_oper_list.matrix[1][2]         0.0000000000 
_pdbx_struct_oper_list.matrix[1][3]         0.0000000000 
_pdbx_struct_oper_list.vector[1]            0.0000000000 
_pdbx_struct_oper_list.matrix[2][1]         0.0000000000 
_pdbx_struct_oper_list.matrix[2][2]         1.0000000000 
_pdbx_struct_oper_list.matrix[2][3]         0.0000000000 
_pdbx_struct_oper_list.vector[2]            0.0000000000 
_pdbx_struct_oper_list.matrix[3][1]         0.0000000000 
_pdbx_struct_oper_list.matrix[3][2]         0.0000000000 
_pdbx_struct_oper_list.matrix[3][3]         1.0000000000 
_pdbx_struct_oper_list.vector[3]            0.0000000000 
# 
_struct_biol.id   1 
# 
loop_
_struct_conf.conf_type_id 
_struct_conf.id 
_struct_conf.pdbx_PDB_helix_id 
_struct_conf.beg_label_comp_id 
_struct_conf.beg_label_asym_id 
_struct_conf.beg_label_seq_id 
_struct_conf.pdbx_beg_PDB_ins_code 
_struct_conf.end_label_comp_id 
_struct_conf.end_label_asym_id 
_struct_conf.end_label_seq_id 
_struct_conf.pdbx_end_PDB_ins_code 
_struct_conf.beg_auth_comp_id 
_struct_conf.beg_auth_asym_id 
_struct_conf.beg_auth_seq_id 
_struct_conf.end_auth_comp_id 
_struct_conf.end_auth_asym_id 
_struct_conf.end_auth_seq_id 
_struct_conf.pdbx_PDB_helix_class 
_struct_conf.details 
_struct_conf.pdbx_PDB_helix_length 
HELX_P HELX_P1 1 SER A 80  ? ILE A 82  ? SER A 80  ILE A 82  5 ? 3  
HELX_P HELX_P2 2 VAL A 176 ? HIS A 186 ? VAL A 176 HIS A 186 1 ? 11 
# 
_struct_conf_type.id          HELX_P 
_struct_conf_type.criteria    ? 
_struct_conf_type.reference   ? 
# 
loop_
_struct_conn.id 
_struct_conn.conn_type_id 
_struct_conn.pdbx_leaving_atom_flag 
_struct_conn.pdbx_PDB_id 
_struct_conn.ptnr1_label_asym_id 
_struct_conn.ptnr1_label_comp_id 
_struct_conn.ptnr1_label_seq_id 
_struct_conn.ptnr1_label_atom_id 
_struct_conn.pdbx_ptnr1_label_alt_id 
_struct_conn.pdbx_ptnr1_PDB_ins_code 
_struct_conn.pdbx_ptnr1_standard_comp_id 
_struct_conn.ptnr1_symmetry 
_struct_conn.ptnr2_label_asym_id 
_struct_conn.ptnr2_label_comp_id 
_struct_conn.ptnr2_label_seq_id 
_struct_conn.ptnr2_label_atom_id 
_struct_conn.pdbx_ptnr2_label_alt_id 
_struct_conn.pdbx_ptnr2_PDB_ins_code 
_struct_conn.ptnr1_auth_asym_id 
_struct_conn.ptnr1_auth_comp_id 
_struct_conn.ptnr1_auth_seq_id 
_struct_conn.ptnr2_auth_asym_id 
_struct_conn.ptnr2_auth_comp_id 
_struct_conn.ptnr2_auth_seq_id 
_struct_conn.ptnr2_symmetry 
_struct_conn.pdbx_ptnr3_label_atom_id 
_struct_conn.pdbx_ptnr3_label_seq_id 
_struct_conn.pdbx_ptnr3_label_comp_id 
_struct_conn.pdbx_ptnr3_label_asym_id 
_struct_conn.pdbx_ptnr3_label_alt_id 
_struct_conn.pdbx_ptnr3_PDB_ins_code 
_struct_conn.details 
_struct_conn.pdbx_dist_value 
_struct_conn.pdbx_value_order 
_struct_conn.pdbx_role 
disulf1 disulf ? ? A CYS 5  SG ? ? ? 1_555 A CYS 31 SG ? ? A CYS 5  A CYS 31 1_555 ? ? ? ? ? ? ? 2.023 ? ? 
disulf2 disulf ? ? A CYS 64 SG ? ? ? 1_555 A CYS 69 SG ? ? A CYS 64 A CYS 69 1_555 ? ? ? ? ? ? ? 2.043 ? ? 
# 
_struct_conn_type.id          disulf 
_struct_conn_type.criteria    ? 
_struct_conn_type.reference   ? 
# 
loop_
_pdbx_modification_feature.ordinal 
_pdbx_modification_feature.label_comp_id 
_pdbx_modification_feature.label_asym_id 
_pdbx_modification_feature.label_seq_id 
_pdbx_modification_feature.label_alt_id 
_pdbx_modification_feature.modified_residue_label_comp_id 
_pdbx_modification_feature.modified_residue_label_asym_id 
_pdbx_modification_feature.modified_residue_label_seq_id 
_pdbx_modification_feature.modified_residue_label_alt_id 
_pdbx_modification_feature.auth_comp_id 
_pdbx_modification_feature.auth_asym_id 
_pdbx_modification_feature.auth_seq_id 
_pdbx_modification_feature.PDB_ins_code 
_pdbx_modification_feature.symmetry 
_pdbx_modification_feature.modified_residue_auth_comp_id 
_pdbx_modification_feature.modified_residue_auth_asym_id 
_pdbx_modification_feature.modified_residue_auth_seq_id 
_pdbx_modification_feature.modified_residue_PDB_ins_code 
_pdbx_modification_feature.modified_residue_symmetry 
_pdbx_modification_feature.comp_id_linking_atom 
_pdbx_modification_feature.modified_residue_id_linking_atom 
_pdbx_modification_feature.modified_residue_id 
_pdbx_modification_feature.ref_pcm_id 
_pdbx_modification_feature.ref_comp_id 
_pdbx_modification_feature.type 
_pdbx_modification_feature.category 
1 CYS A 5  ? CYS A 31 ? CYS A 5  ? 1_555 CYS A 31 ? 1_555 SG SG . . . None 'Disulfide bridge' 
2 CYS A 64 ? CYS A 69 ? CYS A 64 ? 1_555 CYS A 69 ? 1_555 SG SG . . . None 'Disulfide bridge' 
# 
_struct_mon_prot_cis.pdbx_id                1 
_struct_mon_prot_cis.label_comp_id          LEU 
_struct_mon_prot_cis.label_seq_id           75 
_struct_mon_prot_cis.label_asym_id          A 
_struct_mon_prot_cis.label_alt_id           . 
_struct_mon_prot_cis.pdbx_PDB_ins_code      ? 
_struct_mon_prot_cis.auth_comp_id           LEU 
_struct_mon_prot_cis.auth_seq_id            75 
_struct_mon_prot_cis.auth_asym_id           A 
_struct_mon_prot_cis.pdbx_label_comp_id_2   PRO 
_struct_mon_prot_cis.pdbx_label_seq_id_2    76 
_struct_mon_prot_cis.pdbx_label_asym_id_2   A 
_struct_mon_prot_cis.pdbx_PDB_ins_code_2    ? 
_struct_mon_prot_cis.pdbx_auth_comp_id_2    PRO 
_struct_mon_prot_cis.pdbx_auth_seq_id_2     76 
_struct_mon_prot_cis.pdbx_auth_asym_id_2    A 
_struct_mon_prot_cis.pdbx_PDB_model_num     1 
_struct_mon_prot_cis.pdbx_omega_angle       0.04 
# 
loop_
_struct_sheet.id 
_struct_sheet.type 
_struct_sheet.number_strands 
_struct_sheet.details 
AA ? 6 ? 
AB ? 4 ? 
AC ? 4 ? 
# 
loop_
_struct_sheet_order.sheet_id 
_struct_sheet_order.range_id_1 
_struct_sheet_order.range_id_2 
_struct_sheet_order.offset 
_struct_sheet_order.sense 
AA 1 2 ? anti-parallel 
AA 2 3 ? anti-parallel 
AA 3 4 ? anti-parallel 
AA 4 5 ? anti-parallel 
AA 5 6 ? anti-parallel 
AB 1 2 ? anti-parallel 
AB 2 3 ? anti-parallel 
AB 3 4 ? anti-parallel 
AC 1 2 ? anti-parallel 
AC 2 3 ? anti-parallel 
AC 3 4 ? anti-parallel 
# 
loop_
_struct_sheet_range.sheet_id 
_struct_sheet_range.id 
_struct_sheet_range.beg_label_comp_id 
_struct_sheet_range.beg_label_asym_id 
_struct_sheet_range.beg_label_seq_id 
_struct_sheet_range.pdbx_beg_PDB_ins_code 
_struct_sheet_range.end_label_comp_id 
_struct_sheet_range.end_label_asym_id 
_struct_sheet_range.end_label_seq_id 
_struct_sheet_range.pdbx_end_PDB_ins_code 
_struct_sheet_range.beg_auth_comp_id 
_struct_sheet_range.beg_auth_asym_id 
_struct_sheet_range.beg_auth_seq_id 
_struct_sheet_range.end_auth_comp_id 
_struct_sheet_range.end_auth_asym_id 
_struct_sheet_range.end_auth_seq_id 
AA 1 GLN A 2   ? ILE A 4   ? GLN A 2   ILE A 4   
AA 2 GLN A 30  ? VAL A 34  ? GLN A 30  VAL A 34  
AA 3 PHE A 39  ? ALA A 44  ? PHE A 39  ALA A 44  
AA 4 ALA A 212 ? SER A 218 ? ALA A 212 SER A 218 
AA 5 PRO A 86  ? ARG A 92  ? PRO A 86  ARG A 92  
AA 6 SER A 171 ? ASP A 175 ? SER A 171 ASP A 175 
AB 1 THR A 10  ? ILE A 13  ? THR A 10  ILE A 13  
AB 2 TYR A 17  ? GLN A 20  ? TYR A 17  GLN A 20  
AB 3 SER A 59  ? HIS A 65  ? SER A 59  HIS A 65  
AB 4 TYR A 194 ? GLU A 206 ? TYR A 194 GLU A 206 
AC 1 THR A 10  ? ILE A 13  ? THR A 10  ILE A 13  
AC 2 TYR A 17  ? GLN A 20  ? TYR A 17  GLN A 20  
AC 3 SER A 59  ? HIS A 65  ? SER A 59  HIS A 65  
AC 4 ASN A 68  ? CYS A 69  ? ASN A 68  CYS A 69  
# 
loop_
_pdbx_struct_sheet_hbond.sheet_id 
_pdbx_struct_sheet_hbond.range_id_1 
_pdbx_struct_sheet_hbond.range_id_2 
_pdbx_struct_sheet_hbond.range_1_label_atom_id 
_pdbx_struct_sheet_hbond.range_1_label_comp_id 
_pdbx_struct_sheet_hbond.range_1_label_asym_id 
_pdbx_struct_sheet_hbond.range_1_label_seq_id 
_pdbx_struct_sheet_hbond.range_1_PDB_ins_code 
_pdbx_struct_sheet_hbond.range_1_auth_atom_id 
_pdbx_struct_sheet_hbond.range_1_auth_comp_id 
_pdbx_struct_sheet_hbond.range_1_auth_asym_id 
_pdbx_struct_sheet_hbond.range_1_auth_seq_id 
_pdbx_struct_sheet_hbond.range_2_label_atom_id 
_pdbx_struct_sheet_hbond.range_2_label_comp_id 
_pdbx_struct_sheet_hbond.range_2_label_asym_id 
_pdbx_struct_sheet_hbond.range_2_label_seq_id 
_pdbx_struct_sheet_hbond.range_2_PDB_ins_code 
_pdbx_struct_sheet_hbond.range_2_auth_atom_id 
_pdbx_struct_sheet_hbond.range_2_auth_comp_id 
_pdbx_struct_sheet_hbond.range_2_auth_asym_id 
_pdbx_struct_sheet_hbond.range_2_auth_seq_id 
AA 1 2 N ILE A 4   ? N ILE A 4   O ILE A 32  ? O ILE A 32  
AA 2 3 N ASN A 33  ? N ASN A 33  O GLU A 40  ? O GLU A 40  
AA 3 4 N PHE A 39  ? N PHE A 39  O VAL A 213 ? O VAL A 213 
AA 4 5 N SER A 217 ? N SER A 217 O SER A 88  ? O SER A 88  
AA 5 6 N VAL A 89  ? N VAL A 89  O TRP A 172 ? O TRP A 172 
AB 1 2 N ILE A 13  ? N ILE A 13  O TYR A 17  ? O TYR A 17  
AB 2 3 N GLN A 20  ? N GLN A 20  O SER A 59  ? O SER A 59  
AB 3 4 N CYS A 64  ? N CYS A 64  O THR A 196 ? O THR A 196 
AC 1 2 N ILE A 13  ? N ILE A 13  O TYR A 17  ? O TYR A 17  
AC 2 3 N GLN A 20  ? N GLN A 20  O SER A 59  ? O SER A 59  
AC 3 4 N HIS A 65  ? N HIS A 65  O ASN A 68  ? O ASN A 68  
# 
_pdbx_entry_details.entry_id                   1OA4 
_pdbx_entry_details.compound_details           ? 
_pdbx_entry_details.source_details             ? 
_pdbx_entry_details.nonpolymer_details         ? 
_pdbx_entry_details.sequence_details           ? 
_pdbx_entry_details.has_ligand_of_interest     ? 
_pdbx_entry_details.has_protein_modification   Y 
# 
_pdbx_validate_rmsd_angle.id                         1 
_pdbx_validate_rmsd_angle.PDB_model_num              1 
_pdbx_validate_rmsd_angle.auth_atom_id_1             CG1 
_pdbx_validate_rmsd_angle.auth_asym_id_1             A 
_pdbx_validate_rmsd_angle.auth_comp_id_1             VAL 
_pdbx_validate_rmsd_angle.auth_seq_id_1              131 
_pdbx_validate_rmsd_angle.PDB_ins_code_1             ? 
_pdbx_validate_rmsd_angle.label_alt_id_1             ? 
_pdbx_validate_rmsd_angle.auth_atom_id_2             CB 
_pdbx_validate_rmsd_angle.auth_asym_id_2             A 
_pdbx_validate_rmsd_angle.auth_comp_id_2             VAL 
_pdbx_validate_rmsd_angle.auth_seq_id_2              131 
_pdbx_validate_rmsd_angle.PDB_ins_code_2             ? 
_pdbx_validate_rmsd_angle.label_alt_id_2             ? 
_pdbx_validate_rmsd_angle.auth_atom_id_3             CG2 
_pdbx_validate_rmsd_angle.auth_asym_id_3             A 
_pdbx_validate_rmsd_angle.auth_comp_id_3             VAL 
_pdbx_validate_rmsd_angle.auth_seq_id_3              131 
_pdbx_validate_rmsd_angle.PDB_ins_code_3             ? 
_pdbx_validate_rmsd_angle.label_alt_id_3             ? 
_pdbx_validate_rmsd_angle.angle_value                121.82 
_pdbx_validate_rmsd_angle.angle_target_value         110.90 
_pdbx_validate_rmsd_angle.angle_deviation            10.92 
_pdbx_validate_rmsd_angle.angle_standard_deviation   1.60 
_pdbx_validate_rmsd_angle.linker_flag                N 
# 
loop_
_pdbx_validate_torsion.id 
_pdbx_validate_torsion.PDB_model_num 
_pdbx_validate_torsion.auth_comp_id 
_pdbx_validate_torsion.auth_asym_id 
_pdbx_validate_torsion.auth_seq_id 
_pdbx_validate_torsion.PDB_ins_code 
_pdbx_validate_torsion.label_alt_id 
_pdbx_validate_torsion.phi 
_pdbx_validate_torsion.psi 
1 1 GLN A 14 ? ? 59.48   19.72   
2 1 ARG A 16 ? ? -148.32 -31.24  
3 1 THR A 35 ? ? -100.49 -165.47 
4 1 ALA A 44 ? ? -151.85 62.77   
# 
_pdbx_database_remark.id     700 
_pdbx_database_remark.text   
;
SHEET
THE SHEET STRUCTURE OF THIS MOLECULE IS BIFURCATED. IN
ORDER TO REPRESENT THIS FEATURE IN THE SHEET RECORDS BELOW,
TWO SHEETS ARE DEFINED.
;
# 
loop_
_chem_comp_atom.comp_id 
_chem_comp_atom.atom_id 
_chem_comp_atom.type_symbol 
_chem_comp_atom.pdbx_aromatic_flag 
_chem_comp_atom.pdbx_stereo_config 
_chem_comp_atom.pdbx_ordinal 
ALA N    N N N 1   
ALA CA   C N S 2   
ALA C    C N N 3   
ALA O    O N N 4   
ALA CB   C N N 5   
ALA OXT  O N N 6   
ALA H    H N N 7   
ALA H2   H N N 8   
ALA HA   H N N 9   
ALA HB1  H N N 10  
ALA HB2  H N N 11  
ALA HB3  H N N 12  
ALA HXT  H N N 13  
ARG N    N N N 14  
ARG CA   C N S 15  
ARG C    C N N 16  
ARG O    O N N 17  
ARG CB   C N N 18  
ARG CG   C N N 19  
ARG CD   C N N 20  
ARG NE   N N N 21  
ARG CZ   C N N 22  
ARG NH1  N N N 23  
ARG NH2  N N N 24  
ARG OXT  O N N 25  
ARG H    H N N 26  
ARG H2   H N N 27  
ARG HA   H N N 28  
ARG HB2  H N N 29  
ARG HB3  H N N 30  
ARG HG2  H N N 31  
ARG HG3  H N N 32  
ARG HD2  H N N 33  
ARG HD3  H N N 34  
ARG HE   H N N 35  
ARG HH11 H N N 36  
ARG HH12 H N N 37  
ARG HH21 H N N 38  
ARG HH22 H N N 39  
ARG HXT  H N N 40  
ASN N    N N N 41  
ASN CA   C N S 42  
ASN C    C N N 43  
ASN O    O N N 44  
ASN CB   C N N 45  
ASN CG   C N N 46  
ASN OD1  O N N 47  
ASN ND2  N N N 48  
ASN OXT  O N N 49  
ASN H    H N N 50  
ASN H2   H N N 51  
ASN HA   H N N 52  
ASN HB2  H N N 53  
ASN HB3  H N N 54  
ASN HD21 H N N 55  
ASN HD22 H N N 56  
ASN HXT  H N N 57  
ASP N    N N N 58  
ASP CA   C N S 59  
ASP C    C N N 60  
ASP O    O N N 61  
ASP CB   C N N 62  
ASP CG   C N N 63  
ASP OD1  O N N 64  
ASP OD2  O N N 65  
ASP OXT  O N N 66  
ASP H    H N N 67  
ASP H2   H N N 68  
ASP HA   H N N 69  
ASP HB2  H N N 70  
ASP HB3  H N N 71  
ASP HD2  H N N 72  
ASP HXT  H N N 73  
CYS N    N N N 74  
CYS CA   C N R 75  
CYS C    C N N 76  
CYS O    O N N 77  
CYS CB   C N N 78  
CYS SG   S N N 79  
CYS OXT  O N N 80  
CYS H    H N N 81  
CYS H2   H N N 82  
CYS HA   H N N 83  
CYS HB2  H N N 84  
CYS HB3  H N N 85  
CYS HG   H N N 86  
CYS HXT  H N N 87  
GLN N    N N N 88  
GLN CA   C N S 89  
GLN C    C N N 90  
GLN O    O N N 91  
GLN CB   C N N 92  
GLN CG   C N N 93  
GLN CD   C N N 94  
GLN OE1  O N N 95  
GLN NE2  N N N 96  
GLN OXT  O N N 97  
GLN H    H N N 98  
GLN H2   H N N 99  
GLN HA   H N N 100 
GLN HB2  H N N 101 
GLN HB3  H N N 102 
GLN HG2  H N N 103 
GLN HG3  H N N 104 
GLN HE21 H N N 105 
GLN HE22 H N N 106 
GLN HXT  H N N 107 
GLU N    N N N 108 
GLU CA   C N S 109 
GLU C    C N N 110 
GLU O    O N N 111 
GLU CB   C N N 112 
GLU CG   C N N 113 
GLU CD   C N N 114 
GLU OE1  O N N 115 
GLU OE2  O N N 116 
GLU OXT  O N N 117 
GLU H    H N N 118 
GLU H2   H N N 119 
GLU HA   H N N 120 
GLU HB2  H N N 121 
GLU HB3  H N N 122 
GLU HG2  H N N 123 
GLU HG3  H N N 124 
GLU HE2  H N N 125 
GLU HXT  H N N 126 
GLY N    N N N 127 
GLY CA   C N N 128 
GLY C    C N N 129 
GLY O    O N N 130 
GLY OXT  O N N 131 
GLY H    H N N 132 
GLY H2   H N N 133 
GLY HA2  H N N 134 
GLY HA3  H N N 135 
GLY HXT  H N N 136 
HIS N    N N N 137 
HIS CA   C N S 138 
HIS C    C N N 139 
HIS O    O N N 140 
HIS CB   C N N 141 
HIS CG   C Y N 142 
HIS ND1  N Y N 143 
HIS CD2  C Y N 144 
HIS CE1  C Y N 145 
HIS NE2  N Y N 146 
HIS OXT  O N N 147 
HIS H    H N N 148 
HIS H2   H N N 149 
HIS HA   H N N 150 
HIS HB2  H N N 151 
HIS HB3  H N N 152 
HIS HD1  H N N 153 
HIS HD2  H N N 154 
HIS HE1  H N N 155 
HIS HE2  H N N 156 
HIS HXT  H N N 157 
HOH O    O N N 158 
HOH H1   H N N 159 
HOH H2   H N N 160 
ILE N    N N N 161 
ILE CA   C N S 162 
ILE C    C N N 163 
ILE O    O N N 164 
ILE CB   C N S 165 
ILE CG1  C N N 166 
ILE CG2  C N N 167 
ILE CD1  C N N 168 
ILE OXT  O N N 169 
ILE H    H N N 170 
ILE H2   H N N 171 
ILE HA   H N N 172 
ILE HB   H N N 173 
ILE HG12 H N N 174 
ILE HG13 H N N 175 
ILE HG21 H N N 176 
ILE HG22 H N N 177 
ILE HG23 H N N 178 
ILE HD11 H N N 179 
ILE HD12 H N N 180 
ILE HD13 H N N 181 
ILE HXT  H N N 182 
LEU N    N N N 183 
LEU CA   C N S 184 
LEU C    C N N 185 
LEU O    O N N 186 
LEU CB   C N N 187 
LEU CG   C N N 188 
LEU CD1  C N N 189 
LEU CD2  C N N 190 
LEU OXT  O N N 191 
LEU H    H N N 192 
LEU H2   H N N 193 
LEU HA   H N N 194 
LEU HB2  H N N 195 
LEU HB3  H N N 196 
LEU HG   H N N 197 
LEU HD11 H N N 198 
LEU HD12 H N N 199 
LEU HD13 H N N 200 
LEU HD21 H N N 201 
LEU HD22 H N N 202 
LEU HD23 H N N 203 
LEU HXT  H N N 204 
LYS N    N N N 205 
LYS CA   C N S 206 
LYS C    C N N 207 
LYS O    O N N 208 
LYS CB   C N N 209 
LYS CG   C N N 210 
LYS CD   C N N 211 
LYS CE   C N N 212 
LYS NZ   N N N 213 
LYS OXT  O N N 214 
LYS H    H N N 215 
LYS H2   H N N 216 
LYS HA   H N N 217 
LYS HB2  H N N 218 
LYS HB3  H N N 219 
LYS HG2  H N N 220 
LYS HG3  H N N 221 
LYS HD2  H N N 222 
LYS HD3  H N N 223 
LYS HE2  H N N 224 
LYS HE3  H N N 225 
LYS HZ1  H N N 226 
LYS HZ2  H N N 227 
LYS HZ3  H N N 228 
LYS HXT  H N N 229 
MET N    N N N 230 
MET CA   C N S 231 
MET C    C N N 232 
MET O    O N N 233 
MET CB   C N N 234 
MET CG   C N N 235 
MET SD   S N N 236 
MET CE   C N N 237 
MET OXT  O N N 238 
MET H    H N N 239 
MET H2   H N N 240 
MET HA   H N N 241 
MET HB2  H N N 242 
MET HB3  H N N 243 
MET HG2  H N N 244 
MET HG3  H N N 245 
MET HE1  H N N 246 
MET HE2  H N N 247 
MET HE3  H N N 248 
MET HXT  H N N 249 
PHE N    N N N 250 
PHE CA   C N S 251 
PHE C    C N N 252 
PHE O    O N N 253 
PHE CB   C N N 254 
PHE CG   C Y N 255 
PHE CD1  C Y N 256 
PHE CD2  C Y N 257 
PHE CE1  C Y N 258 
PHE CE2  C Y N 259 
PHE CZ   C Y N 260 
PHE OXT  O N N 261 
PHE H    H N N 262 
PHE H2   H N N 263 
PHE HA   H N N 264 
PHE HB2  H N N 265 
PHE HB3  H N N 266 
PHE HD1  H N N 267 
PHE HD2  H N N 268 
PHE HE1  H N N 269 
PHE HE2  H N N 270 
PHE HZ   H N N 271 
PHE HXT  H N N 272 
PRO N    N N N 273 
PRO CA   C N S 274 
PRO C    C N N 275 
PRO O    O N N 276 
PRO CB   C N N 277 
PRO CG   C N N 278 
PRO CD   C N N 279 
PRO OXT  O N N 280 
PRO H    H N N 281 
PRO HA   H N N 282 
PRO HB2  H N N 283 
PRO HB3  H N N 284 
PRO HG2  H N N 285 
PRO HG3  H N N 286 
PRO HD2  H N N 287 
PRO HD3  H N N 288 
PRO HXT  H N N 289 
SER N    N N N 290 
SER CA   C N S 291 
SER C    C N N 292 
SER O    O N N 293 
SER CB   C N N 294 
SER OG   O N N 295 
SER OXT  O N N 296 
SER H    H N N 297 
SER H2   H N N 298 
SER HA   H N N 299 
SER HB2  H N N 300 
SER HB3  H N N 301 
SER HG   H N N 302 
SER HXT  H N N 303 
THR N    N N N 304 
THR CA   C N S 305 
THR C    C N N 306 
THR O    O N N 307 
THR CB   C N R 308 
THR OG1  O N N 309 
THR CG2  C N N 310 
THR OXT  O N N 311 
THR H    H N N 312 
THR H2   H N N 313 
THR HA   H N N 314 
THR HB   H N N 315 
THR HG1  H N N 316 
THR HG21 H N N 317 
THR HG22 H N N 318 
THR HG23 H N N 319 
THR HXT  H N N 320 
TRP N    N N N 321 
TRP CA   C N S 322 
TRP C    C N N 323 
TRP O    O N N 324 
TRP CB   C N N 325 
TRP CG   C Y N 326 
TRP CD1  C Y N 327 
TRP CD2  C Y N 328 
TRP NE1  N Y N 329 
TRP CE2  C Y N 330 
TRP CE3  C Y N 331 
TRP CZ2  C Y N 332 
TRP CZ3  C Y N 333 
TRP CH2  C Y N 334 
TRP OXT  O N N 335 
TRP H    H N N 336 
TRP H2   H N N 337 
TRP HA   H N N 338 
TRP HB2  H N N 339 
TRP HB3  H N N 340 
TRP HD1  H N N 341 
TRP HE1  H N N 342 
TRP HE3  H N N 343 
TRP HZ2  H N N 344 
TRP HZ3  H N N 345 
TRP HH2  H N N 346 
TRP HXT  H N N 347 
TYR N    N N N 348 
TYR CA   C N S 349 
TYR C    C N N 350 
TYR O    O N N 351 
TYR CB   C N N 352 
TYR CG   C Y N 353 
TYR CD1  C Y N 354 
TYR CD2  C Y N 355 
TYR CE1  C Y N 356 
TYR CE2  C Y N 357 
TYR CZ   C Y N 358 
TYR OH   O N N 359 
TYR OXT  O N N 360 
TYR H    H N N 361 
TYR H2   H N N 362 
TYR HA   H N N 363 
TYR HB2  H N N 364 
TYR HB3  H N N 365 
TYR HD1  H N N 366 
TYR HD2  H N N 367 
TYR HE1  H N N 368 
TYR HE2  H N N 369 
TYR HH   H N N 370 
TYR HXT  H N N 371 
VAL N    N N N 372 
VAL CA   C N S 373 
VAL C    C N N 374 
VAL O    O N N 375 
VAL CB   C N N 376 
VAL CG1  C N N 377 
VAL CG2  C N N 378 
VAL OXT  O N N 379 
VAL H    H N N 380 
VAL H2   H N N 381 
VAL HA   H N N 382 
VAL HB   H N N 383 
VAL HG11 H N N 384 
VAL HG12 H N N 385 
VAL HG13 H N N 386 
VAL HG21 H N N 387 
VAL HG22 H N N 388 
VAL HG23 H N N 389 
VAL HXT  H N N 390 
# 
loop_
_chem_comp_bond.comp_id 
_chem_comp_bond.atom_id_1 
_chem_comp_bond.atom_id_2 
_chem_comp_bond.value_order 
_chem_comp_bond.pdbx_aromatic_flag 
_chem_comp_bond.pdbx_stereo_config 
_chem_comp_bond.pdbx_ordinal 
ALA N   CA   sing N N 1   
ALA N   H    sing N N 2   
ALA N   H2   sing N N 3   
ALA CA  C    sing N N 4   
ALA CA  CB   sing N N 5   
ALA CA  HA   sing N N 6   
ALA C   O    doub N N 7   
ALA C   OXT  sing N N 8   
ALA CB  HB1  sing N N 9   
ALA CB  HB2  sing N N 10  
ALA CB  HB3  sing N N 11  
ALA OXT HXT  sing N N 12  
ARG N   CA   sing N N 13  
ARG N   H    sing N N 14  
ARG N   H2   sing N N 15  
ARG CA  C    sing N N 16  
ARG CA  CB   sing N N 17  
ARG CA  HA   sing N N 18  
ARG C   O    doub N N 19  
ARG C   OXT  sing N N 20  
ARG CB  CG   sing N N 21  
ARG CB  HB2  sing N N 22  
ARG CB  HB3  sing N N 23  
ARG CG  CD   sing N N 24  
ARG CG  HG2  sing N N 25  
ARG CG  HG3  sing N N 26  
ARG CD  NE   sing N N 27  
ARG CD  HD2  sing N N 28  
ARG CD  HD3  sing N N 29  
ARG NE  CZ   sing N N 30  
ARG NE  HE   sing N N 31  
ARG CZ  NH1  sing N N 32  
ARG CZ  NH2  doub N N 33  
ARG NH1 HH11 sing N N 34  
ARG NH1 HH12 sing N N 35  
ARG NH2 HH21 sing N N 36  
ARG NH2 HH22 sing N N 37  
ARG OXT HXT  sing N N 38  
ASN N   CA   sing N N 39  
ASN N   H    sing N N 40  
ASN N   H2   sing N N 41  
ASN CA  C    sing N N 42  
ASN CA  CB   sing N N 43  
ASN CA  HA   sing N N 44  
ASN C   O    doub N N 45  
ASN C   OXT  sing N N 46  
ASN CB  CG   sing N N 47  
ASN CB  HB2  sing N N 48  
ASN CB  HB3  sing N N 49  
ASN CG  OD1  doub N N 50  
ASN CG  ND2  sing N N 51  
ASN ND2 HD21 sing N N 52  
ASN ND2 HD22 sing N N 53  
ASN OXT HXT  sing N N 54  
ASP N   CA   sing N N 55  
ASP N   H    sing N N 56  
ASP N   H2   sing N N 57  
ASP CA  C    sing N N 58  
ASP CA  CB   sing N N 59  
ASP CA  HA   sing N N 60  
ASP C   O    doub N N 61  
ASP C   OXT  sing N N 62  
ASP CB  CG   sing N N 63  
ASP CB  HB2  sing N N 64  
ASP CB  HB3  sing N N 65  
ASP CG  OD1  doub N N 66  
ASP CG  OD2  sing N N 67  
ASP OD2 HD2  sing N N 68  
ASP OXT HXT  sing N N 69  
CYS N   CA   sing N N 70  
CYS N   H    sing N N 71  
CYS N   H2   sing N N 72  
CYS CA  C    sing N N 73  
CYS CA  CB   sing N N 74  
CYS CA  HA   sing N N 75  
CYS C   O    doub N N 76  
CYS C   OXT  sing N N 77  
CYS CB  SG   sing N N 78  
CYS CB  HB2  sing N N 79  
CYS CB  HB3  sing N N 80  
CYS SG  HG   sing N N 81  
CYS OXT HXT  sing N N 82  
GLN N   CA   sing N N 83  
GLN N   H    sing N N 84  
GLN N   H2   sing N N 85  
GLN CA  C    sing N N 86  
GLN CA  CB   sing N N 87  
GLN CA  HA   sing N N 88  
GLN C   O    doub N N 89  
GLN C   OXT  sing N N 90  
GLN CB  CG   sing N N 91  
GLN CB  HB2  sing N N 92  
GLN CB  HB3  sing N N 93  
GLN CG  CD   sing N N 94  
GLN CG  HG2  sing N N 95  
GLN CG  HG3  sing N N 96  
GLN CD  OE1  doub N N 97  
GLN CD  NE2  sing N N 98  
GLN NE2 HE21 sing N N 99  
GLN NE2 HE22 sing N N 100 
GLN OXT HXT  sing N N 101 
GLU N   CA   sing N N 102 
GLU N   H    sing N N 103 
GLU N   H2   sing N N 104 
GLU CA  C    sing N N 105 
GLU CA  CB   sing N N 106 
GLU CA  HA   sing N N 107 
GLU C   O    doub N N 108 
GLU C   OXT  sing N N 109 
GLU CB  CG   sing N N 110 
GLU CB  HB2  sing N N 111 
GLU CB  HB3  sing N N 112 
GLU CG  CD   sing N N 113 
GLU CG  HG2  sing N N 114 
GLU CG  HG3  sing N N 115 
GLU CD  OE1  doub N N 116 
GLU CD  OE2  sing N N 117 
GLU OE2 HE2  sing N N 118 
GLU OXT HXT  sing N N 119 
GLY N   CA   sing N N 120 
GLY N   H    sing N N 121 
GLY N   H2   sing N N 122 
GLY CA  C    sing N N 123 
GLY CA  HA2  sing N N 124 
GLY CA  HA3  sing N N 125 
GLY C   O    doub N N 126 
GLY C   OXT  sing N N 127 
GLY OXT HXT  sing N N 128 
HIS N   CA   sing N N 129 
HIS N   H    sing N N 130 
HIS N   H2   sing N N 131 
HIS CA  C    sing N N 132 
HIS CA  CB   sing N N 133 
HIS CA  HA   sing N N 134 
HIS C   O    doub N N 135 
HIS C   OXT  sing N N 136 
HIS CB  CG   sing N N 137 
HIS CB  HB2  sing N N 138 
HIS CB  HB3  sing N N 139 
HIS CG  ND1  sing Y N 140 
HIS CG  CD2  doub Y N 141 
HIS ND1 CE1  doub Y N 142 
HIS ND1 HD1  sing N N 143 
HIS CD2 NE2  sing Y N 144 
HIS CD2 HD2  sing N N 145 
HIS CE1 NE2  sing Y N 146 
HIS CE1 HE1  sing N N 147 
HIS NE2 HE2  sing N N 148 
HIS OXT HXT  sing N N 149 
HOH O   H1   sing N N 150 
HOH O   H2   sing N N 151 
ILE N   CA   sing N N 152 
ILE N   H    sing N N 153 
ILE N   H2   sing N N 154 
ILE CA  C    sing N N 155 
ILE CA  CB   sing N N 156 
ILE CA  HA   sing N N 157 
ILE C   O    doub N N 158 
ILE C   OXT  sing N N 159 
ILE CB  CG1  sing N N 160 
ILE CB  CG2  sing N N 161 
ILE CB  HB   sing N N 162 
ILE CG1 CD1  sing N N 163 
ILE CG1 HG12 sing N N 164 
ILE CG1 HG13 sing N N 165 
ILE CG2 HG21 sing N N 166 
ILE CG2 HG22 sing N N 167 
ILE CG2 HG23 sing N N 168 
ILE CD1 HD11 sing N N 169 
ILE CD1 HD12 sing N N 170 
ILE CD1 HD13 sing N N 171 
ILE OXT HXT  sing N N 172 
LEU N   CA   sing N N 173 
LEU N   H    sing N N 174 
LEU N   H2   sing N N 175 
LEU CA  C    sing N N 176 
LEU CA  CB   sing N N 177 
LEU CA  HA   sing N N 178 
LEU C   O    doub N N 179 
LEU C   OXT  sing N N 180 
LEU CB  CG   sing N N 181 
LEU CB  HB2  sing N N 182 
LEU CB  HB3  sing N N 183 
LEU CG  CD1  sing N N 184 
LEU CG  CD2  sing N N 185 
LEU CG  HG   sing N N 186 
LEU CD1 HD11 sing N N 187 
LEU CD1 HD12 sing N N 188 
LEU CD1 HD13 sing N N 189 
LEU CD2 HD21 sing N N 190 
LEU CD2 HD22 sing N N 191 
LEU CD2 HD23 sing N N 192 
LEU OXT HXT  sing N N 193 
LYS N   CA   sing N N 194 
LYS N   H    sing N N 195 
LYS N   H2   sing N N 196 
LYS CA  C    sing N N 197 
LYS CA  CB   sing N N 198 
LYS CA  HA   sing N N 199 
LYS C   O    doub N N 200 
LYS C   OXT  sing N N 201 
LYS CB  CG   sing N N 202 
LYS CB  HB2  sing N N 203 
LYS CB  HB3  sing N N 204 
LYS CG  CD   sing N N 205 
LYS CG  HG2  sing N N 206 
LYS CG  HG3  sing N N 207 
LYS CD  CE   sing N N 208 
LYS CD  HD2  sing N N 209 
LYS CD  HD3  sing N N 210 
LYS CE  NZ   sing N N 211 
LYS CE  HE2  sing N N 212 
LYS CE  HE3  sing N N 213 
LYS NZ  HZ1  sing N N 214 
LYS NZ  HZ2  sing N N 215 
LYS NZ  HZ3  sing N N 216 
LYS OXT HXT  sing N N 217 
MET N   CA   sing N N 218 
MET N   H    sing N N 219 
MET N   H2   sing N N 220 
MET CA  C    sing N N 221 
MET CA  CB   sing N N 222 
MET CA  HA   sing N N 223 
MET C   O    doub N N 224 
MET C   OXT  sing N N 225 
MET CB  CG   sing N N 226 
MET CB  HB2  sing N N 227 
MET CB  HB3  sing N N 228 
MET CG  SD   sing N N 229 
MET CG  HG2  sing N N 230 
MET CG  HG3  sing N N 231 
MET SD  CE   sing N N 232 
MET CE  HE1  sing N N 233 
MET CE  HE2  sing N N 234 
MET CE  HE3  sing N N 235 
MET OXT HXT  sing N N 236 
PHE N   CA   sing N N 237 
PHE N   H    sing N N 238 
PHE N   H2   sing N N 239 
PHE CA  C    sing N N 240 
PHE CA  CB   sing N N 241 
PHE CA  HA   sing N N 242 
PHE C   O    doub N N 243 
PHE C   OXT  sing N N 244 
PHE CB  CG   sing N N 245 
PHE CB  HB2  sing N N 246 
PHE CB  HB3  sing N N 247 
PHE CG  CD1  doub Y N 248 
PHE CG  CD2  sing Y N 249 
PHE CD1 CE1  sing Y N 250 
PHE CD1 HD1  sing N N 251 
PHE CD2 CE2  doub Y N 252 
PHE CD2 HD2  sing N N 253 
PHE CE1 CZ   doub Y N 254 
PHE CE1 HE1  sing N N 255 
PHE CE2 CZ   sing Y N 256 
PHE CE2 HE2  sing N N 257 
PHE CZ  HZ   sing N N 258 
PHE OXT HXT  sing N N 259 
PRO N   CA   sing N N 260 
PRO N   CD   sing N N 261 
PRO N   H    sing N N 262 
PRO CA  C    sing N N 263 
PRO CA  CB   sing N N 264 
PRO CA  HA   sing N N 265 
PRO C   O    doub N N 266 
PRO C   OXT  sing N N 267 
PRO CB  CG   sing N N 268 
PRO CB  HB2  sing N N 269 
PRO CB  HB3  sing N N 270 
PRO CG  CD   sing N N 271 
PRO CG  HG2  sing N N 272 
PRO CG  HG3  sing N N 273 
PRO CD  HD2  sing N N 274 
PRO CD  HD3  sing N N 275 
PRO OXT HXT  sing N N 276 
SER N   CA   sing N N 277 
SER N   H    sing N N 278 
SER N   H2   sing N N 279 
SER CA  C    sing N N 280 
SER CA  CB   sing N N 281 
SER CA  HA   sing N N 282 
SER C   O    doub N N 283 
SER C   OXT  sing N N 284 
SER CB  OG   sing N N 285 
SER CB  HB2  sing N N 286 
SER CB  HB3  sing N N 287 
SER OG  HG   sing N N 288 
SER OXT HXT  sing N N 289 
THR N   CA   sing N N 290 
THR N   H    sing N N 291 
THR N   H2   sing N N 292 
THR CA  C    sing N N 293 
THR CA  CB   sing N N 294 
THR CA  HA   sing N N 295 
THR C   O    doub N N 296 
THR C   OXT  sing N N 297 
THR CB  OG1  sing N N 298 
THR CB  CG2  sing N N 299 
THR CB  HB   sing N N 300 
THR OG1 HG1  sing N N 301 
THR CG2 HG21 sing N N 302 
THR CG2 HG22 sing N N 303 
THR CG2 HG23 sing N N 304 
THR OXT HXT  sing N N 305 
TRP N   CA   sing N N 306 
TRP N   H    sing N N 307 
TRP N   H2   sing N N 308 
TRP CA  C    sing N N 309 
TRP CA  CB   sing N N 310 
TRP CA  HA   sing N N 311 
TRP C   O    doub N N 312 
TRP C   OXT  sing N N 313 
TRP CB  CG   sing N N 314 
TRP CB  HB2  sing N N 315 
TRP CB  HB3  sing N N 316 
TRP CG  CD1  doub Y N 317 
TRP CG  CD2  sing Y N 318 
TRP CD1 NE1  sing Y N 319 
TRP CD1 HD1  sing N N 320 
TRP CD2 CE2  doub Y N 321 
TRP CD2 CE3  sing Y N 322 
TRP NE1 CE2  sing Y N 323 
TRP NE1 HE1  sing N N 324 
TRP CE2 CZ2  sing Y N 325 
TRP CE3 CZ3  doub Y N 326 
TRP CE3 HE3  sing N N 327 
TRP CZ2 CH2  doub Y N 328 
TRP CZ2 HZ2  sing N N 329 
TRP CZ3 CH2  sing Y N 330 
TRP CZ3 HZ3  sing N N 331 
TRP CH2 HH2  sing N N 332 
TRP OXT HXT  sing N N 333 
TYR N   CA   sing N N 334 
TYR N   H    sing N N 335 
TYR N   H2   sing N N 336 
TYR CA  C    sing N N 337 
TYR CA  CB   sing N N 338 
TYR CA  HA   sing N N 339 
TYR C   O    doub N N 340 
TYR C   OXT  sing N N 341 
TYR CB  CG   sing N N 342 
TYR CB  HB2  sing N N 343 
TYR CB  HB3  sing N N 344 
TYR CG  CD1  doub Y N 345 
TYR CG  CD2  sing Y N 346 
TYR CD1 CE1  sing Y N 347 
TYR CD1 HD1  sing N N 348 
TYR CD2 CE2  doub Y N 349 
TYR CD2 HD2  sing N N 350 
TYR CE1 CZ   doub Y N 351 
TYR CE1 HE1  sing N N 352 
TYR CE2 CZ   sing Y N 353 
TYR CE2 HE2  sing N N 354 
TYR CZ  OH   sing N N 355 
TYR OH  HH   sing N N 356 
TYR OXT HXT  sing N N 357 
VAL N   CA   sing N N 358 
VAL N   H    sing N N 359 
VAL N   H2   sing N N 360 
VAL CA  C    sing N N 361 
VAL CA  CB   sing N N 362 
VAL CA  HA   sing N N 363 
VAL C   O    doub N N 364 
VAL C   OXT  sing N N 365 
VAL CB  CG1  sing N N 366 
VAL CB  CG2  sing N N 367 
VAL CB  HB   sing N N 368 
VAL CG1 HG11 sing N N 369 
VAL CG1 HG12 sing N N 370 
VAL CG1 HG13 sing N N 371 
VAL CG2 HG21 sing N N 372 
VAL CG2 HG22 sing N N 373 
VAL CG2 HG23 sing N N 374 
VAL OXT HXT  sing N N 375 
# 
_pdbx_initial_refinement_model.id               1 
_pdbx_initial_refinement_model.entity_id_list   ? 
_pdbx_initial_refinement_model.type             'experimental model' 
_pdbx_initial_refinement_model.source_name      PDB 
_pdbx_initial_refinement_model.accession_code   1NLR 
_pdbx_initial_refinement_model.details          'PDB ENTRY 1NLR' 
# 
_atom_sites.entry_id                    1OA4 
_atom_sites.fract_transf_matrix[1][1]   0.00579220 
_atom_sites.fract_transf_matrix[1][2]   -0.00171141 
_atom_sites.fract_transf_matrix[1][3]   0.01410858 
_atom_sites.fract_transf_matrix[2][1]   0.01549616 
_atom_sites.fract_transf_matrix[2][2]   -0.00660543 
_atom_sites.fract_transf_matrix[2][3]   -0.00716312 
_atom_sites.fract_transf_matrix[3][1]   0.00599733 
_atom_sites.fract_transf_matrix[3][2]   0.01479361 
_atom_sites.fract_transf_matrix[3][3]   -0.00066766 
_atom_sites.fract_transf_vector[1]      0.590660 
_atom_sites.fract_transf_vector[2]      -0.544566 
_atom_sites.fract_transf_vector[3]      0.401082 
# 
loop_
_atom_type.symbol 
C 
N 
O 
S 
# 
loop_
_atom_site.group_PDB 
_atom_site.id 
_atom_site.type_symbol 
_atom_site.label_atom_id 
_atom_site.label_alt_id 
_atom_site.label_comp_id 
_atom_site.label_asym_id 
_atom_site.label_entity_id 
_atom_site.label_seq_id 
_atom_site.pdbx_PDB_ins_code 
_atom_site.Cartn_x 
_atom_site.Cartn_y 
_atom_site.Cartn_z 
_atom_site.occupancy 
_atom_site.B_iso_or_equiv 
_atom_site.pdbx_formal_charge 
_atom_site.auth_seq_id 
_atom_site.auth_comp_id 
_atom_site.auth_asym_id 
_atom_site.auth_atom_id 
_atom_site.pdbx_PDB_model_num 
ATOM   1    N N   . ASN A 1 1   ? -4.323  -9.706  20.905  1.00 23.97 ? 1    ASN A N   1 
ATOM   2    C CA  . ASN A 1 1   ? -4.258  -10.318 19.544  1.00 23.52 ? 1    ASN A CA  1 
ATOM   3    C C   . ASN A 1 1   ? -5.663  -10.528 19.046  1.00 22.22 ? 1    ASN A C   1 
ATOM   4    O O   . ASN A 1 1   ? -6.499  -11.098 19.757  1.00 21.49 ? 1    ASN A O   1 
ATOM   5    C CB  . ASN A 1 1   ? -3.560  -11.678 19.572  1.00 24.79 ? 1    ASN A CB  1 
ATOM   6    C CG  . ASN A 1 1   ? -2.091  -11.584 19.857  1.00 28.38 ? 1    ASN A CG  1 
ATOM   7    O OD1 . ASN A 1 1   ? -1.683  -11.116 20.921  1.00 35.12 ? 1    ASN A OD1 1 
ATOM   8    N ND2 . ASN A 1 1   ? -1.272  -12.061 18.915  1.00 34.02 ? 1    ASN A ND2 1 
ATOM   9    N N   . GLN A 1 2   ? -5.950  -9.999  17.861  1.00 20.42 ? 2    GLN A N   1 
ATOM   10   C CA  . GLN A 1 2   ? -7.232  -10.181 17.235  1.00 19.36 ? 2    GLN A CA  1 
ATOM   11   C C   . GLN A 1 2   ? -7.091  -10.856 15.889  1.00 17.98 ? 2    GLN A C   1 
ATOM   12   O O   . GLN A 1 2   ? -6.382  -10.349 15.014  1.00 17.27 ? 2    GLN A O   1 
ATOM   13   C CB  . GLN A 1 2   ? -7.854  -8.799  17.009  1.00 19.79 ? 2    GLN A CB  1 
ATOM   14   C CG  . GLN A 1 2   ? -9.264  -8.842  16.516  1.00 21.43 ? 2    GLN A CG  1 
ATOM   15   C CD  . GLN A 1 2   ? -9.833  -7.461  16.256  1.00 22.05 ? 2    GLN A CD  1 
ATOM   16   O OE1 . GLN A 1 2   ? -9.276  -6.452  16.703  1.00 24.97 ? 2    GLN A OE1 1 
ATOM   17   N NE2 . GLN A 1 2   ? -10.951 -7.412  15.532  1.00 24.47 ? 2    GLN A NE2 1 
ATOM   18   N N   . GLN A 1 3   ? -7.777  -11.981 15.721  1.00 16.24 ? 3    GLN A N   1 
ATOM   19   C CA  . GLN A 1 3   ? -7.803  -12.639 14.442  1.00 15.69 ? 3    GLN A CA  1 
ATOM   20   C C   . GLN A 1 3   ? -8.960  -12.096 13.591  1.00 15.00 ? 3    GLN A C   1 
ATOM   21   O O   . GLN A 1 3   ? -10.098 -12.041 14.050  1.00 14.56 ? 3    GLN A O   1 
ATOM   22   C CB  . GLN A 1 3   ? -7.963  -14.145 14.601  1.00 16.05 ? 3    GLN A CB  1 
ATOM   23   C CG  . GLN A 1 3   ? -7.997  -14.856 13.271  1.00 18.90 ? 3    GLN A CG  1 
ATOM   24   C CD  . GLN A 1 3   ? -8.469  -16.301 13.375  1.00 24.03 ? 3    GLN A CD  1 
ATOM   25   O OE1 . GLN A 1 3   ? -9.642  -16.585 13.699  1.00 27.10 ? 3    GLN A OE1 1 
ATOM   26   N NE2 . GLN A 1 3   ? -7.568  -17.213 13.091  1.00 23.36 ? 3    GLN A NE2 1 
ATOM   27   N N   . ILE A 1 4   ? -8.642  -11.726 12.351  1.00 13.17 ? 4    ILE A N   1 
ATOM   28   C CA  . ILE A 1 4   ? -9.626  -11.237 11.391  1.00 13.52 ? 4    ILE A CA  1 
ATOM   29   C C   . ILE A 1 4   ? -9.556  -12.092 10.144  1.00 13.33 ? 4    ILE A C   1 
ATOM   30   O O   . ILE A 1 4   ? -8.499  -12.165 9.500   1.00 13.95 ? 4    ILE A O   1 
ATOM   31   C CB  . ILE A 1 4   ? -9.339  -9.784  11.004  1.00 13.40 ? 4    ILE A CB  1 
ATOM   32   C CG1 . ILE A 1 4   ? -9.422  -8.884  12.238  1.00 13.42 ? 4    ILE A CG1 1 
ATOM   33   C CG2 . ILE A 1 4   ? -10.325 -9.335  9.982   1.00 14.51 ? 4    ILE A CG2 1 
ATOM   34   C CD1 . ILE A 1 4   ? -9.120  -7.404  12.001  1.00 15.01 ? 4    ILE A CD1 1 
ATOM   35   N N   . CYS A 1 5   ? -10.668 -12.749 9.823   1.00 13.20 ? 5    CYS A N   1 
ATOM   36   C CA  . CYS A 1 5   ? -10.758 -13.565 8.621   1.00 13.14 ? 5    CYS A CA  1 
ATOM   37   C C   . CYS A 1 5   ? -11.811 -13.046 7.637   1.00 13.52 ? 5    CYS A C   1 
ATOM   38   O O   . CYS A 1 5   ? -11.738 -13.353 6.463   1.00 14.20 ? 5    CYS A O   1 
ATOM   39   C CB  . CYS A 1 5   ? -11.101 -15.011 8.953   1.00 12.44 ? 5    CYS A CB  1 
ATOM   40   S SG  . CYS A 1 5   ? -9.913  -15.848 10.042  1.00 11.95 ? 5    CYS A SG  1 
ATOM   41   N N   . ASP A 1 6   ? -12.766 -12.259 8.104   1.00 14.28 ? 6    ASP A N   1 
ATOM   42   C CA  . ASP A 1 6   ? -13.817 -11.739 7.228   1.00 15.20 ? 6    ASP A CA  1 
ATOM   43   C C   . ASP A 1 6   ? -13.170 -10.988 6.070   1.00 14.24 ? 6    ASP A C   1 
ATOM   44   O O   . ASP A 1 6   ? -12.194 -10.247 6.259   1.00 14.87 ? 6    ASP A O   1 
ATOM   45   C CB  . ASP A 1 6   ? -14.739 -10.788 7.991   1.00 15.79 ? 6    ASP A CB  1 
ATOM   46   C CG  . ASP A 1 6   ? -15.625 -11.495 9.005   1.00 20.01 ? 6    ASP A CG  1 
ATOM   47   O OD1 . ASP A 1 6   ? -15.656 -12.739 9.036   1.00 22.80 ? 6    ASP A OD1 1 
ATOM   48   O OD2 . ASP A 1 6   ? -16.343 -10.851 9.807   1.00 24.70 ? 6    ASP A OD2 1 
ATOM   49   N N   . ARG A 1 7   ? -13.734 -11.138 4.883   1.00 14.30 ? 7    ARG A N   1 
ATOM   50   C CA  . ARG A 1 7   ? -13.185 -10.532 3.681   1.00 14.41 ? 7    ARG A CA  1 
ATOM   51   C C   . ARG A 1 7   ? -12.721 -9.092  3.877   1.00 14.19 ? 7    ARG A C   1 
ATOM   52   O O   . ARG A 1 7   ? -11.587 -8.744  3.520   1.00 13.66 ? 7    ARG A O   1 
ATOM   53   C CB  . ARG A 1 7   ? -14.218 -10.581 2.563   1.00 15.00 ? 7    ARG A CB  1 
ATOM   54   C CG  . ARG A 1 7   ? -13.684 -10.137 1.226   1.00 16.21 ? 7    ARG A CG  1 
ATOM   55   C CD  . ARG A 1 7   ? -14.702 -10.258 0.099   1.00 20.22 ? 7    ARG A CD  1 
ATOM   56   N NE  . ARG A 1 7   ? -14.022 -10.299 -1.185  1.00 25.92 ? 7    ARG A NE  1 
ATOM   57   C CZ  . ARG A 1 7   ? -14.631 -10.246 -2.360  1.00 31.24 ? 7    ARG A CZ  1 
ATOM   58   N NH1 . ARG A 1 7   ? -15.954 -10.131 -2.417  1.00 33.16 ? 7    ARG A NH1 1 
ATOM   59   N NH2 . ARG A 1 7   ? -13.917 -10.300 -3.480  1.00 32.36 ? 7    ARG A NH2 1 
ATOM   60   N N   . TYR A 1 8   ? -13.607 -8.242  4.397   1.00 13.72 ? 8    TYR A N   1 
ATOM   61   C CA  . TYR A 1 8   ? -13.291 -6.834  4.591   1.00 13.28 ? 8    TYR A CA  1 
ATOM   62   C C   . TYR A 1 8   ? -13.290 -6.428  6.056   1.00 13.52 ? 8    TYR A C   1 
ATOM   63   O O   . TYR A 1 8   ? -13.591 -5.291  6.390   1.00 14.07 ? 8    TYR A O   1 
ATOM   64   C CB  . TYR A 1 8   ? -14.262 -5.967  3.784   1.00 13.19 ? 8    TYR A CB  1 
ATOM   65   C CG  . TYR A 1 8   ? -14.114 -6.163  2.288   1.00 13.97 ? 8    TYR A CG  1 
ATOM   66   C CD1 . TYR A 1 8   ? -12.931 -5.871  1.650   1.00 14.18 ? 8    TYR A CD1 1 
ATOM   67   C CD2 . TYR A 1 8   ? -15.165 -6.633  1.523   1.00 13.84 ? 8    TYR A CD2 1 
ATOM   68   C CE1 . TYR A 1 8   ? -12.796 -6.052  0.287   1.00 15.48 ? 8    TYR A CE1 1 
ATOM   69   C CE2 . TYR A 1 8   ? -15.040 -6.825  0.160   1.00 15.53 ? 8    TYR A CE2 1 
ATOM   70   C CZ  . TYR A 1 8   ? -13.856 -6.527  -0.453  1.00 15.21 ? 8    TYR A CZ  1 
ATOM   71   O OH  . TYR A 1 8   ? -13.727 -6.710  -1.812  1.00 20.11 ? 8    TYR A OH  1 
ATOM   72   N N   . GLY A 1 9   ? -12.915 -7.365  6.918   1.00 13.43 ? 9    GLY A N   1 
ATOM   73   C CA  . GLY A 1 9   ? -12.740 -7.069  8.331   1.00 13.19 ? 9    GLY A CA  1 
ATOM   74   C C   . GLY A 1 9   ? -11.611 -6.080  8.588   1.00 14.21 ? 9    GLY A C   1 
ATOM   75   O O   . GLY A 1 9   ? -10.590 -6.065  7.904   1.00 13.30 ? 9    GLY A O   1 
ATOM   76   N N   . THR A 1 10  ? -11.821 -5.220  9.576   1.00 14.27 ? 10   THR A N   1 
ATOM   77   C CA  . THR A 1 10  ? -10.827 -4.241  9.970   1.00 14.92 ? 10   THR A CA  1 
ATOM   78   C C   . THR A 1 10  ? -10.827 -4.057  11.468  1.00 15.17 ? 10   THR A C   1 
ATOM   79   O O   . THR A 1 10  ? -11.758 -4.480  12.165  1.00 15.67 ? 10   THR A O   1 
ATOM   80   C CB  . THR A 1 10  ? -11.098 -2.861  9.380   1.00 14.94 ? 10   THR A CB  1 
ATOM   81   O OG1 . THR A 1 10  ? -12.304 -2.303  9.937   1.00 16.34 ? 10   THR A OG1 1 
ATOM   82   C CG2 . THR A 1 10  ? -11.317 -2.921  7.875   1.00 15.03 ? 10   THR A CG2 1 
ATOM   83   N N   . THR A 1 11  ? -9.770  -3.393  11.927  1.00 15.39 ? 11   THR A N   1 
ATOM   84   C CA  . THR A 1 11  ? -9.661  -2.964  13.316  1.00 15.58 ? 11   THR A CA  1 
ATOM   85   C C   . THR A 1 11  ? -8.669  -1.788  13.330  1.00 15.95 ? 11   THR A C   1 
ATOM   86   O O   . THR A 1 11  ? -8.298  -1.292  12.271  1.00 16.14 ? 11   THR A O   1 
ATOM   87   C CB  . THR A 1 11  ? -9.183  -4.122  14.192  1.00 15.99 ? 11   THR A CB  1 
ATOM   88   O OG1 . THR A 1 11  ? -9.295  -3.764  15.584  1.00 15.66 ? 11   THR A OG1 1 
ATOM   89   C CG2 . THR A 1 11  ? -7.700  -4.424  13.954  1.00 16.81 ? 11   THR A CG2 1 
ATOM   90   N N   . THR A 1 12  ? -8.260  -1.315  14.503  1.00 16.02 ? 12   THR A N   1 
ATOM   91   C CA  . THR A 1 12  ? -7.230  -0.292  14.569  1.00 16.05 ? 12   THR A CA  1 
ATOM   92   C C   . THR A 1 12  ? -6.100  -0.732  15.478  1.00 15.88 ? 12   THR A C   1 
ATOM   93   O O   . THR A 1 12  ? -6.289  -1.600  16.327  1.00 17.07 ? 12   THR A O   1 
ATOM   94   C CB  . THR A 1 12  ? -7.756  1.031   15.102  1.00 16.28 ? 12   THR A CB  1 
ATOM   95   O OG1 . THR A 1 12  ? -8.173  0.869   16.465  1.00 18.00 ? 12   THR A OG1 1 
ATOM   96   C CG2 . THR A 1 12  ? -8.987  1.452   14.331  1.00 16.81 ? 12   THR A CG2 1 
ATOM   97   N N   . ILE A 1 13  ? -4.932  -0.141  15.261  1.00 15.22 ? 13   ILE A N   1 
ATOM   98   C CA  . ILE A 1 13  ? -3.811  -0.264  16.192  1.00 15.33 ? 13   ILE A CA  1 
ATOM   99   C C   . ILE A 1 13  ? -3.386  1.132   16.646  1.00 15.49 ? 13   ILE A C   1 
ATOM   100  O O   . ILE A 1 13  ? -3.496  2.097   15.897  1.00 14.63 ? 13   ILE A O   1 
ATOM   101  C CB  . ILE A 1 13  ? -2.645  -1.010  15.584  1.00 15.57 ? 13   ILE A CB  1 
ATOM   102  C CG1 . ILE A 1 13  ? -2.120  -0.290  14.345  1.00 15.15 ? 13   ILE A CG1 1 
ATOM   103  C CG2 . ILE A 1 13  ? -3.096  -2.421  15.323  1.00 15.53 ? 13   ILE A CG2 1 
ATOM   104  C CD1 . ILE A 1 13  ? -0.811  -0.829  13.824  1.00 16.58 ? 13   ILE A CD1 1 
ATOM   105  N N   . GLN A 1 14  ? -2.922  1.214   17.895  1.00 15.60 ? 14   GLN A N   1 
ATOM   106  C CA  . GLN A 1 14  ? -2.394  2.433   18.496  1.00 15.47 ? 14   GLN A CA  1 
ATOM   107  C C   . GLN A 1 14  ? -3.417  3.576   18.526  1.00 15.01 ? 14   GLN A C   1 
ATOM   108  O O   . GLN A 1 14  ? -3.048  4.746   18.640  1.00 14.89 ? 14   GLN A O   1 
ATOM   109  C CB  . GLN A 1 14  ? -1.134  2.873   17.753  1.00 15.98 ? 14   GLN A CB  1 
ATOM   110  C CG  . GLN A 1 14  ? -0.018  1.822   17.668  1.00 17.73 ? 14   GLN A CG  1 
ATOM   111  C CD  . GLN A 1 14  ? 1.048   2.202   16.634  1.00 20.30 ? 14   GLN A CD  1 
ATOM   112  O OE1 . GLN A 1 14  ? 1.739   3.207   16.779  1.00 25.95 ? 14   GLN A OE1 1 
ATOM   113  N NE2 . GLN A 1 14  ? 1.160   1.408   15.582  1.00 22.39 ? 14   GLN A NE2 1 
ATOM   114  N N   . ASP A 1 15  ? -4.693  3.221   18.406  1.00 14.49 ? 15   ASP A N   1 
ATOM   115  C CA  . ASP A 1 15  ? -5.793  4.188   18.282  1.00 14.72 ? 15   ASP A CA  1 
ATOM   116  C C   . ASP A 1 15  ? -5.430  5.228   17.227  1.00 14.18 ? 15   ASP A C   1 
ATOM   117  O O   . ASP A 1 15  ? -5.701  6.420   17.380  1.00 14.12 ? 15   ASP A O   1 
ATOM   118  C CB  . ASP A 1 15  ? -6.108  4.873   19.609  1.00 15.17 ? 15   ASP A CB  1 
ATOM   119  C CG  . ASP A 1 15  ? -7.410  5.659   19.560  1.00 16.59 ? 15   ASP A CG  1 
ATOM   120  O OD1 . ASP A 1 15  ? -8.382  5.243   18.881  1.00 21.40 ? 15   ASP A OD1 1 
ATOM   121  O OD2 . ASP A 1 15  ? -7.547  6.745   20.160  1.00 21.33 ? 15   ASP A OD2 1 
ATOM   122  N N   . ARG A 1 16  ? -4.813  4.770   16.138  1.00 14.27 ? 16   ARG A N   1 
ATOM   123  C CA  . ARG A 1 16  ? -4.304  5.697   15.135  1.00 13.78 ? 16   ARG A CA  1 
ATOM   124  C C   . ARG A 1 16  ? -4.321  5.182   13.696  1.00 13.38 ? 16   ARG A C   1 
ATOM   125  O O   . ARG A 1 16  ? -4.424  5.989   12.770  1.00 14.21 ? 16   ARG A O   1 
ATOM   126  C CB  . ARG A 1 16  ? -2.869  6.124   15.486  1.00 14.20 ? 16   ARG A CB  1 
ATOM   127  C CG  . ARG A 1 16  ? -2.252  7.137   14.542  1.00 13.58 ? 16   ARG A CG  1 
ATOM   128  C CD  . ARG A 1 16  ? -3.018  8.462   14.523  1.00 14.66 ? 16   ARG A CD  1 
ATOM   129  N NE  . ARG A 1 16  ? -2.455  9.450   13.625  1.00 15.16 ? 16   ARG A NE  1 
ATOM   130  C CZ  . ARG A 1 16  ? -2.718  9.487   12.319  1.00 15.51 ? 16   ARG A CZ  1 
ATOM   131  N NH1 . ARG A 1 16  ? -3.496  8.572   11.771  1.00 15.66 ? 16   ARG A NH1 1 
ATOM   132  N NH2 . ARG A 1 16  ? -2.186  10.422  11.569  1.00 16.96 ? 16   ARG A NH2 1 
ATOM   133  N N   . TYR A 1 17  ? -4.161  3.882   13.495  1.00 13.13 ? 17   TYR A N   1 
ATOM   134  C CA  . TYR A 1 17  ? -4.105  3.336   12.128  1.00 12.42 ? 17   TYR A CA  1 
ATOM   135  C C   . TYR A 1 17  ? -5.094  2.193   11.972  1.00 12.84 ? 17   TYR A C   1 
ATOM   136  O O   . TYR A 1 17  ? -5.367  1.451   12.904  1.00 13.15 ? 17   TYR A O   1 
ATOM   137  C CB  . TYR A 1 17  ? -2.684  2.835   11.778  1.00 13.12 ? 17   TYR A CB  1 
ATOM   138  C CG  . TYR A 1 17  ? -1.591  3.860   12.023  1.00 11.88 ? 17   TYR A CG  1 
ATOM   139  C CD1 . TYR A 1 17  ? -1.508  5.026   11.288  1.00 12.99 ? 17   TYR A CD1 1 
ATOM   140  C CD2 . TYR A 1 17  ? -0.634  3.656   13.013  1.00 14.08 ? 17   TYR A CD2 1 
ATOM   141  C CE1 . TYR A 1 17  ? -0.511  5.974   11.547  1.00 12.57 ? 17   TYR A CE1 1 
ATOM   142  C CE2 . TYR A 1 17  ? 0.352   4.572   13.259  1.00 13.88 ? 17   TYR A CE2 1 
ATOM   143  C CZ  . TYR A 1 17  ? 0.428   5.728   12.535  1.00 13.47 ? 17   TYR A CZ  1 
ATOM   144  O OH  . TYR A 1 17  ? 1.429   6.650   12.804  1.00 14.77 ? 17   TYR A OH  1 
ATOM   145  N N   . VAL A 1 18  ? -5.640  2.073   10.769  1.00 12.63 ? 18   VAL A N   1 
ATOM   146  C CA  . VAL A 1 18  ? -6.562  1.004   10.440  1.00 12.06 ? 18   VAL A CA  1 
ATOM   147  C C   . VAL A 1 18  ? -5.773  -0.178  9.885   1.00 12.23 ? 18   VAL A C   1 
ATOM   148  O O   . VAL A 1 18  ? -4.831  0.021   9.105   1.00 12.25 ? 18   VAL A O   1 
ATOM   149  C CB  . VAL A 1 18  ? -7.568  1.450   9.366   1.00 12.17 ? 18   VAL A CB  1 
ATOM   150  C CG1 . VAL A 1 18  ? -8.500  0.308   8.995   1.00 12.45 ? 18   VAL A CG1 1 
ATOM   151  C CG2 . VAL A 1 18  ? -8.325  2.676   9.828   1.00 12.92 ? 18   VAL A CG2 1 
ATOM   152  N N   . VAL A 1 19  ? -6.125  -1.381  10.328  1.00 11.75 ? 19   VAL A N   1 
ATOM   153  C CA  . VAL A 1 19  ? -5.570  -2.608  9.788   1.00 11.82 ? 19   VAL A CA  1 
ATOM   154  C C   . VAL A 1 19  ? -6.743  -3.330  9.112   1.00 12.33 ? 19   VAL A C   1 
ATOM   155  O O   . VAL A 1 19  ? -7.829  -3.464  9.709   1.00 12.61 ? 19   VAL A O   1 
ATOM   156  C CB  . VAL A 1 19  ? -4.915  -3.500  10.859  1.00 12.17 ? 19   VAL A CB  1 
ATOM   157  C CG1 . VAL A 1 19  ? -4.388  -4.768  10.231  1.00 12.75 ? 19   VAL A CG1 1 
ATOM   158  C CG2 . VAL A 1 19  ? -3.782  -2.740  11.588  1.00 11.86 ? 19   VAL A CG2 1 
ATOM   159  N N   . GLN A 1 20  ? -6.530  -3.773  7.872   1.00 11.55 ? 20   GLN A N   1 
ATOM   160  C CA  . GLN A 1 20  ? -7.581  -4.372  7.071   1.00 11.74 ? 20   GLN A CA  1 
ATOM   161  C C   . GLN A 1 20  ? -7.139  -5.685  6.428   1.00 11.34 ? 20   GLN A C   1 
ATOM   162  O O   . GLN A 1 20  ? -6.018  -5.807  5.954   1.00 11.02 ? 20   GLN A O   1 
ATOM   163  C CB  . GLN A 1 20  ? -8.025  -3.384  5.980   1.00 12.18 ? 20   GLN A CB  1 
ATOM   164  C CG  . GLN A 1 20  ? -6.916  -2.895  5.049   1.00 11.77 ? 20   GLN A CG  1 
ATOM   165  C CD  . GLN A 1 20  ? -7.405  -1.981  3.923   1.00 11.09 ? 20   GLN A CD  1 
ATOM   166  O OE1 . GLN A 1 20  ? -8.620  -1.764  3.744   1.00 11.97 ? 20   GLN A OE1 1 
ATOM   167  N NE2 . GLN A 1 20  ? -6.453  -1.425  3.173   1.00 12.40 ? 20   GLN A NE2 1 
ATOM   168  N N   . ASN A 1 21  ? -8.016  -6.676  6.460   1.00 11.36 ? 21   ASN A N   1 
ATOM   169  C CA  . ASN A 1 21  ? -7.769  -7.964  5.830   1.00 11.76 ? 21   ASN A CA  1 
ATOM   170  C C   . ASN A 1 21  ? -7.802  -7.738  4.328   1.00 11.80 ? 21   ASN A C   1 
ATOM   171  O O   . ASN A 1 21  ? -6.985  -8.289  3.598   1.00 11.55 ? 21   ASN A O   1 
ATOM   172  C CB  . ASN A 1 21  ? -8.848  -8.961  6.246   1.00 11.83 ? 21   ASN A CB  1 
ATOM   173  C CG  . ASN A 1 21  ? -8.476  -10.406 5.944   1.00 11.94 ? 21   ASN A CG  1 
ATOM   174  O OD1 . ASN A 1 21  ? -7.291  -10.752 5.843   1.00 10.96 ? 21   ASN A OD1 1 
ATOM   175  N ND2 . ASN A 1 21  ? -9.488  -11.265 5.842   1.00 10.27 ? 21   ASN A ND2 1 
ATOM   176  N N   . ASN A 1 22  ? -8.748  -6.920  3.876   1.00 11.94 ? 22   ASN A N   1 
ATOM   177  C CA  . ASN A 1 22  ? -8.848  -6.503  2.475   1.00 11.78 ? 22   ASN A CA  1 
ATOM   178  C C   . ASN A 1 22  ? -8.658  -7.625  1.454   1.00 11.31 ? 22   ASN A C   1 
ATOM   179  O O   . ASN A 1 22  ? -7.797  -7.526  0.576   1.00 11.50 ? 22   ASN A O   1 
ATOM   180  C CB  . ASN A 1 22  ? -7.881  -5.339  2.250   1.00 11.77 ? 22   ASN A CB  1 
ATOM   181  C CG  . ASN A 1 22  ? -8.144  -4.596  0.979   1.00 11.50 ? 22   ASN A CG  1 
ATOM   182  O OD1 . ASN A 1 22  ? -9.256  -4.643  0.429   1.00 11.89 ? 22   ASN A OD1 1 
ATOM   183  N ND2 . ASN A 1 22  ? -7.129  -3.915  0.481   1.00 10.42 ? 22   ASN A ND2 1 
ATOM   184  N N   . ARG A 1 23  ? -9.486  -8.670  1.545   1.00 11.91 ? 23   ARG A N   1 
ATOM   185  C CA  . ARG A 1 23  ? -9.319  -9.855  0.708   1.00 12.32 ? 23   ARG A CA  1 
ATOM   186  C C   . ARG A 1 23  ? -10.160 -9.694  -0.535  1.00 13.04 ? 23   ARG A C   1 
ATOM   187  O O   . ARG A 1 23  ? -11.106 -10.441 -0.767  1.00 13.86 ? 23   ARG A O   1 
ATOM   188  C CB  . ARG A 1 23  ? -9.757  -11.088 1.487   1.00 12.13 ? 23   ARG A CB  1 
ATOM   189  C CG  . ARG A 1 23  ? -9.243  -12.403 0.931   1.00 11.58 ? 23   ARG A CG  1 
ATOM   190  C CD  . ARG A 1 23  ? -10.078 -13.579 1.387   1.00 12.72 ? 23   ARG A CD  1 
ATOM   191  N NE  . ARG A 1 23  ? -11.322 -13.620 0.639   1.00 13.47 ? 23   ARG A NE  1 
ATOM   192  C CZ  . ARG A 1 23  ? -12.517 -13.855 1.140   1.00 14.66 ? 23   ARG A CZ  1 
ATOM   193  N NH1 . ARG A 1 23  ? -12.698 -14.081 2.424   1.00 14.60 ? 23   ARG A NH1 1 
ATOM   194  N NH2 . ARG A 1 23  ? -13.565 -13.853 0.322   1.00 16.01 ? 23   ARG A NH2 1 
ATOM   195  N N   . TRP A 1 24  ? -9.765  -8.740  -1.363  1.00 13.94 ? 24   TRP A N   1 
ATOM   196  C CA  . TRP A 1 24  ? -10.601 -8.351  -2.477  1.00 14.67 ? 24   TRP A CA  1 
ATOM   197  C C   . TRP A 1 24  ? -10.521 -9.216  -3.710  1.00 14.33 ? 24   TRP A C   1 
ATOM   198  O O   . TRP A 1 24  ? -11.433 -9.156  -4.546  1.00 15.80 ? 24   TRP A O   1 
ATOM   199  C CB  . TRP A 1 24  ? -10.301 -6.906  -2.875  1.00 14.79 ? 24   TRP A CB  1 
ATOM   200  C CG  . TRP A 1 24  ? -8.902  -6.582  -3.304  1.00 15.98 ? 24   TRP A CG  1 
ATOM   201  C CD1 . TRP A 1 24  ? -7.891  -6.077  -2.527  1.00 17.97 ? 24   TRP A CD1 1 
ATOM   202  C CD2 . TRP A 1 24  ? -8.396  -6.629  -4.633  1.00 18.27 ? 24   TRP A CD2 1 
ATOM   203  N NE1 . TRP A 1 24  ? -6.775  -5.851  -3.296  1.00 18.23 ? 24   TRP A NE1 1 
ATOM   204  C CE2 . TRP A 1 24  ? -7.060  -6.177  -4.595  1.00 19.11 ? 24   TRP A CE2 1 
ATOM   205  C CE3 . TRP A 1 24  ? -8.938  -7.015  -5.861  1.00 21.75 ? 24   TRP A CE3 1 
ATOM   206  C CZ2 . TRP A 1 24  ? -6.258  -6.113  -5.727  1.00 20.75 ? 24   TRP A CZ2 1 
ATOM   207  C CZ3 . TRP A 1 24  ? -8.138  -6.959  -6.984  1.00 22.92 ? 24   TRP A CZ3 1 
ATOM   208  C CH2 . TRP A 1 24  ? -6.813  -6.507  -6.912  1.00 21.84 ? 24   TRP A CH2 1 
ATOM   209  N N   . GLY A 1 25  ? -9.497  -10.052 -3.821  1.00 13.94 ? 25   GLY A N   1 
ATOM   210  C CA  . GLY A 1 25  ? -9.249  -10.770 -5.061  1.00 14.30 ? 25   GLY A CA  1 
ATOM   211  C C   . GLY A 1 25  ? -9.414  -12.265 -5.069  1.00 14.16 ? 25   GLY A C   1 
ATOM   212  O O   . GLY A 1 25  ? -8.948  -12.916 -6.007  1.00 14.88 ? 25   GLY A O   1 
ATOM   213  N N   . THR A 1 26  ? -10.044 -12.822 -4.040  1.00 14.41 ? 26   THR A N   1 
ATOM   214  C CA  . THR A 1 26  ? -10.288 -14.257 -3.976  1.00 15.13 ? 26   THR A CA  1 
ATOM   215  C C   . THR A 1 26  ? -11.391 -14.571 -2.987  1.00 15.75 ? 26   THR A C   1 
ATOM   216  O O   . THR A 1 26  ? -11.701 -13.779 -2.096  1.00 15.11 ? 26   THR A O   1 
ATOM   217  C CB  . THR A 1 26  ? -9.001  -15.035 -3.576  1.00 15.12 ? 26   THR A CB  1 
ATOM   218  O OG1 . THR A 1 26  ? -9.249  -16.447 -3.571  1.00 15.38 ? 26   THR A OG1 1 
ATOM   219  C CG2 . THR A 1 26  ? -8.540  -14.696 -2.139  1.00 15.29 ? 26   THR A CG2 1 
ATOM   220  N N   . SER A 1 27  ? -11.950 -15.759 -3.165  1.00 17.52 ? 27   SER A N   1 
ATOM   221  C CA  . SER A 1 27  ? -12.968 -16.300 -2.274  1.00 18.63 ? 27   SER A CA  1 
ATOM   222  C C   . SER A 1 27  ? -12.325 -17.241 -1.264  1.00 18.16 ? 27   SER A C   1 
ATOM   223  O O   . SER A 1 27  ? -12.972 -17.621 -0.273  1.00 19.54 ? 27   SER A O   1 
ATOM   224  C CB  . SER A 1 27  ? -14.023 -17.065 -3.073  1.00 19.23 ? 27   SER A CB  1 
ATOM   225  O OG  . SER A 1 27  ? -13.394 -18.037 -3.898  1.00 23.98 ? 27   SER A OG  1 
ATOM   226  N N   . ALA A 1 28  ? -11.069 -17.626 -1.499  1.00 17.13 ? 28   ALA A N   1 
ATOM   227  C CA  . ALA A 1 28  ? -10.347 -18.532 -0.602  1.00 16.36 ? 28   ALA A CA  1 
ATOM   228  C C   . ALA A 1 28  ? -10.033 -17.829 0.716   1.00 16.05 ? 28   ALA A C   1 
ATOM   229  O O   . ALA A 1 28  ? -9.727  -16.647 0.729   1.00 16.67 ? 28   ALA A O   1 
ATOM   230  C CB  . ALA A 1 28  ? -9.029  -19.033 -1.256  1.00 16.55 ? 28   ALA A CB  1 
ATOM   231  N N   . THR A 1 29  ? -10.049 -18.571 1.811   1.00 15.89 ? 29   THR A N   1 
ATOM   232  C CA  . THR A 1 29  ? -9.892  -17.979 3.136   1.00 14.76 ? 29   THR A CA  1 
ATOM   233  C C   . THR A 1 29  ? -8.547  -17.361 3.449   1.00 13.61 ? 29   THR A C   1 
ATOM   234  O O   . THR A 1 29  ? -7.510  -17.982 3.265   1.00 13.59 ? 29   THR A O   1 
ATOM   235  C CB  . THR A 1 29  ? -10.181 -19.042 4.170   1.00 15.17 ? 29   THR A CB  1 
ATOM   236  O OG1 . THR A 1 29  ? -11.528 -19.501 4.005   1.00 16.05 ? 29   THR A OG1 1 
ATOM   237  C CG2 . THR A 1 29  ? -10.103 -18.452 5.614   1.00 15.66 ? 29   THR A CG2 1 
ATOM   238  N N   . GLN A 1 30  ? -8.591  -16.126 3.939   1.00 12.00 ? 30   GLN A N   1 
ATOM   239  C CA  . GLN A 1 30  ? -7.410  -15.412 4.408   1.00 11.76 ? 30   GLN A CA  1 
ATOM   240  C C   . GLN A 1 30  ? -7.706  -14.822 5.761   1.00 11.51 ? 30   GLN A C   1 
ATOM   241  O O   . GLN A 1 30  ? -8.759  -14.210 5.965   1.00 11.75 ? 30   GLN A O   1 
ATOM   242  C CB  . GLN A 1 30  ? -7.037  -14.268 3.475   1.00 11.20 ? 30   GLN A CB  1 
ATOM   243  C CG  . GLN A 1 30  ? -5.823  -13.464 3.927   1.00 12.52 ? 30   GLN A CG  1 
ATOM   244  C CD  . GLN A 1 30  ? -5.522  -12.309 2.999   1.00 12.11 ? 30   GLN A CD  1 
ATOM   245  O OE1 . GLN A 1 30  ? -4.930  -12.513 1.930   1.00 11.99 ? 30   GLN A OE1 1 
ATOM   246  N NE2 . GLN A 1 30  ? -5.933  -11.095 3.384   1.00 11.36 ? 30   GLN A NE2 1 
ATOM   247  N N   . CYS A 1 31  ? -6.755  -14.978 6.679   1.00 12.18 ? 31   CYS A N   1 
ATOM   248  C CA  . CYS A 1 31  ? -6.852  -14.374 8.002   1.00 12.29 ? 31   CYS A CA  1 
ATOM   249  C C   . CYS A 1 31  ? -5.593  -13.637 8.379   1.00 12.61 ? 31   CYS A C   1 
ATOM   250  O O   . CYS A 1 31  ? -4.523  -14.036 7.958   1.00 12.44 ? 31   CYS A O   1 
ATOM   251  C CB  . CYS A 1 31  ? -7.040  -15.437 9.069   1.00 12.75 ? 31   CYS A CB  1 
ATOM   252  S SG  . CYS A 1 31  ? -8.429  -16.542 8.854   1.00 11.30 ? 31   CYS A SG  1 
ATOM   253  N N   . ILE A 1 32  ? -5.728  -12.562 9.155   1.00 12.90 ? 32   ILE A N   1 
ATOM   254  C CA  . ILE A 1 32  ? -4.578  -11.872 9.735   1.00 12.78 ? 32   ILE A CA  1 
ATOM   255  C C   . ILE A 1 32  ? -4.761  -11.863 11.233  1.00 13.62 ? 32   ILE A C   1 
ATOM   256  O O   . ILE A 1 32  ? -5.886  -11.942 11.711  1.00 13.70 ? 32   ILE A O   1 
ATOM   257  C CB  . ILE A 1 32  ? -4.415  -10.456 9.206   1.00 13.26 ? 32   ILE A CB  1 
ATOM   258  C CG1 . ILE A 1 32  ? -5.662  -9.605  9.442   1.00 12.54 ? 32   ILE A CG1 1 
ATOM   259  C CG2 . ILE A 1 32  ? -4.156  -10.518 7.731   1.00 14.33 ? 32   ILE A CG2 1 
ATOM   260  C CD1 . ILE A 1 32  ? -5.477  -8.167  9.066   1.00 13.31 ? 32   ILE A CD1 1 
ATOM   261  N N   . ASN A 1 33  ? -3.647  -11.840 11.955  1.00 13.07 ? 33   ASN A N   1 
ATOM   262  C CA  . ASN A 1 33  ? -3.668  -11.727 13.410  1.00 14.51 ? 33   ASN A CA  1 
ATOM   263  C C   . ASN A 1 33  ? -3.069  -10.356 13.703  1.00 14.43 ? 33   ASN A C   1 
ATOM   264  O O   . ASN A 1 33  ? -1.889  -10.124 13.408  1.00 14.90 ? 33   ASN A O   1 
ATOM   265  C CB  . ASN A 1 33  ? -2.817  -12.844 14.046  1.00 14.61 ? 33   ASN A CB  1 
ATOM   266  C CG  . ASN A 1 33  ? -2.979  -12.928 15.556  1.00 20.46 ? 33   ASN A CG  1 
ATOM   267  O OD1 . ASN A 1 33  ? -4.038  -12.597 16.094  1.00 25.28 ? 33   ASN A OD1 1 
ATOM   268  N ND2 . ASN A 1 33  ? -1.932  -13.372 16.248  1.00 21.28 ? 33   ASN A ND2 1 
ATOM   269  N N   . VAL A 1 34  ? -3.871  -9.459  14.258  1.00 14.63 ? 34   VAL A N   1 
ATOM   270  C CA  . VAL A 1 34  ? -3.463  -8.083  14.560  1.00 15.31 ? 34   VAL A CA  1 
ATOM   271  C C   . VAL A 1 34  ? -2.991  -7.924  16.008  1.00 16.98 ? 34   VAL A C   1 
ATOM   272  O O   . VAL A 1 34  ? -3.721  -8.249  16.943  1.00 16.92 ? 34   VAL A O   1 
ATOM   273  C CB  . VAL A 1 34  ? -4.618  -7.124  14.274  1.00 15.30 ? 34   VAL A CB  1 
ATOM   274  C CG1 . VAL A 1 34  ? -4.171  -5.657  14.408  1.00 15.00 ? 34   VAL A CG1 1 
ATOM   275  C CG2 . VAL A 1 34  ? -5.175  -7.415  12.885  1.00 15.80 ? 34   VAL A CG2 1 
ATOM   276  N N   . THR A 1 35  ? -1.756  -7.454  16.177  1.00 18.49 ? 35   THR A N   1 
ATOM   277  C CA  . THR A 1 35  ? -1.173  -7.222  17.503  1.00 20.38 ? 35   THR A CA  1 
ATOM   278  C C   . THR A 1 35  ? -1.264  -5.730  17.817  1.00 20.33 ? 35   THR A C   1 
ATOM   279  O O   . THR A 1 35  ? -1.972  -4.994  17.148  1.00 20.66 ? 35   THR A O   1 
ATOM   280  C CB  . THR A 1 35  ? 0.306   -7.640  17.540  1.00 21.02 ? 35   THR A CB  1 
ATOM   281  O OG1 . THR A 1 35  ? 1.077   -6.720  16.763  1.00 25.06 ? 35   THR A OG1 1 
ATOM   282  C CG2 . THR A 1 35  ? 0.557   -8.926  16.859  1.00 24.37 ? 35   THR A CG2 1 
ATOM   283  N N   . GLY A 1 36  ? -0.540  -5.258  18.826  1.00 20.17 ? 36   GLY A N   1 
ATOM   284  C CA  . GLY A 1 36  ? -0.629  -3.847  19.138  1.00 19.91 ? 36   GLY A CA  1 
ATOM   285  C C   . GLY A 1 36  ? 0.054   -2.939  18.122  1.00 19.79 ? 36   GLY A C   1 
ATOM   286  O O   . GLY A 1 36  ? -0.269  -1.768  18.033  1.00 20.78 ? 36   GLY A O   1 
ATOM   287  N N   . ASN A 1 37  ? 0.989   -3.476  17.347  1.00 19.58 ? 37   ASN A N   1 
ATOM   288  C CA  . ASN A 1 37  ? 1.813   -2.631  16.490  1.00 19.50 ? 37   ASN A CA  1 
ATOM   289  C C   . ASN A 1 37  ? 1.849   -3.001  15.025  1.00 18.04 ? 37   ASN A C   1 
ATOM   290  O O   . ASN A 1 37  ? 2.502   -2.343  14.250  1.00 17.52 ? 37   ASN A O   1 
ATOM   291  C CB  . ASN A 1 37  ? 3.250   -2.652  17.019  1.00 20.61 ? 37   ASN A CB  1 
ATOM   292  C CG  . ASN A 1 37  ? 3.378   -2.009  18.390  1.00 24.13 ? 37   ASN A CG  1 
ATOM   293  O OD1 . ASN A 1 37  ? 4.284   -2.338  19.151  1.00 29.95 ? 37   ASN A OD1 1 
ATOM   294  N ND2 . ASN A 1 37  ? 2.467   -1.096  18.710  1.00 28.54 ? 37   ASN A ND2 1 
ATOM   295  N N   . GLY A 1 38  ? 1.166   -4.072  14.647  1.00 16.40 ? 38   GLY A N   1 
ATOM   296  C CA  . GLY A 1 38  ? 1.229   -4.543  13.273  1.00 15.14 ? 38   GLY A CA  1 
ATOM   297  C C   . GLY A 1 38  ? 0.343   -5.755  13.114  1.00 14.17 ? 38   GLY A C   1 
ATOM   298  O O   . GLY A 1 38  ? -0.599  -5.936  13.882  1.00 14.99 ? 38   GLY A O   1 
ATOM   299  N N   . PHE A 1 39  ? 0.614   -6.575  12.103  1.00 12.63 ? 39   PHE A N   1 
ATOM   300  C CA  . PHE A 1 39  ? -0.179  -7.780  11.884  1.00 12.31 ? 39   PHE A CA  1 
ATOM   301  C C   . PHE A 1 39  ? 0.684   -8.820  11.174  1.00 11.28 ? 39   PHE A C   1 
ATOM   302  O O   . PHE A 1 39  ? 1.716   -8.501  10.576  1.00 12.75 ? 39   PHE A O   1 
ATOM   303  C CB  . PHE A 1 39  ? -1.452  -7.485  11.045  1.00 11.83 ? 39   PHE A CB  1 
ATOM   304  C CG  . PHE A 1 39  ? -1.169  -7.131  9.601   1.00 12.25 ? 39   PHE A CG  1 
ATOM   305  C CD1 . PHE A 1 39  ? -0.901  -5.820  9.232   1.00 13.71 ? 39   PHE A CD1 1 
ATOM   306  C CD2 . PHE A 1 39  ? -1.132  -8.094  8.634   1.00 12.59 ? 39   PHE A CD2 1 
ATOM   307  C CE1 . PHE A 1 39  ? -0.614  -5.498  7.921   1.00 13.20 ? 39   PHE A CE1 1 
ATOM   308  C CE2 . PHE A 1 39  ? -0.842  -7.756  7.306   1.00 11.78 ? 39   PHE A CE2 1 
ATOM   309  C CZ  . PHE A 1 39  ? -0.579  -6.476  6.969   1.00 11.56 ? 39   PHE A CZ  1 
ATOM   310  N N   . GLU A 1 40  ? 0.213   -10.057 11.226  1.00 11.75 ? 40   GLU A N   1 
ATOM   311  C CA  . GLU A 1 40  ? 0.839   -11.188 10.565  1.00 11.76 ? 40   GLU A CA  1 
ATOM   312  C C   . GLU A 1 40  ? -0.248  -11.890 9.740   1.00 11.53 ? 40   GLU A C   1 
ATOM   313  O O   . GLU A 1 40  ? -1.396  -12.024 10.178  1.00 11.59 ? 40   GLU A O   1 
ATOM   314  C CB  . GLU A 1 40  ? 1.432   -12.154 11.608  1.00 12.62 ? 40   GLU A CB  1 
ATOM   315  C CG  . GLU A 1 40  ? 1.781   -13.530 11.042  1.00 12.87 ? 40   GLU A CG  1 
ATOM   316  C CD  . GLU A 1 40  ? 2.325   -14.525 12.050  1.00 14.01 ? 40   GLU A CD  1 
ATOM   317  O OE1 . GLU A 1 40  ? 1.904   -14.548 13.193  1.00 17.74 ? 40   GLU A OE1 1 
ATOM   318  O OE2 . GLU A 1 40  ? 3.234   -15.360 11.614  1.00 13.61 ? 40   GLU A OE2 1 
ATOM   319  N N   . ILE A 1 41  ? 0.094   -12.330 8.526   1.00 10.82 ? 41   ILE A N   1 
ATOM   320  C CA  . ILE A 1 41  ? -0.836  -13.154 7.767   1.00 10.85 ? 41   ILE A CA  1 
ATOM   321  C C   . ILE A 1 41  ? -0.771  -14.580 8.336   1.00 11.53 ? 41   ILE A C   1 
ATOM   322  O O   . ILE A 1 41  ? 0.289   -15.215 8.306   1.00 11.37 ? 41   ILE A O   1 
ATOM   323  C CB  . ILE A 1 41  ? -0.473  -13.175 6.271   1.00 10.82 ? 41   ILE A CB  1 
ATOM   324  C CG1 . ILE A 1 41  ? -0.543  -11.749 5.705   1.00 11.02 ? 41   ILE A CG1 1 
ATOM   325  C CG2 . ILE A 1 41  ? -1.407  -14.122 5.546   1.00 11.66 ? 41   ILE A CG2 1 
ATOM   326  C CD1 . ILE A 1 41  ? -0.158  -11.625 4.239   1.00 10.46 ? 41   ILE A CD1 1 
ATOM   327  N N   . THR A 1 42  ? -1.882  -15.064 8.894   1.00 12.12 ? 42   THR A N   1 
ATOM   328  C CA  . THR A 1 42  ? -1.937  -16.402 9.491   1.00 12.24 ? 42   THR A CA  1 
ATOM   329  C C   . THR A 1 42  ? -2.693  -17.455 8.684   1.00 12.46 ? 42   THR A C   1 
ATOM   330  O O   . THR A 1 42  ? -2.509  -18.639 8.932   1.00 12.88 ? 42   THR A O   1 
ATOM   331  C CB  . THR A 1 42  ? -2.527  -16.337 10.897  1.00 12.75 ? 42   THR A CB  1 
ATOM   332  O OG1 . THR A 1 42  ? -3.736  -15.571 10.875  1.00 12.70 ? 42   THR A OG1 1 
ATOM   333  C CG2 . THR A 1 42  ? -1.601  -15.581 11.830  1.00 14.31 ? 42   THR A CG2 1 
ATOM   334  N N   . GLN A 1 43  ? -3.538  -17.031 7.745   1.00 11.92 ? 43   GLN A N   1 
ATOM   335  C CA  . GLN A 1 43  ? -4.133  -17.958 6.784   1.00 12.41 ? 43   GLN A CA  1 
ATOM   336  C C   . GLN A 1 43  ? -4.140  -17.239 5.444   1.00 12.33 ? 43   GLN A C   1 
ATOM   337  O O   . GLN A 1 43  ? -4.472  -16.052 5.371   1.00 12.12 ? 43   GLN A O   1 
ATOM   338  C CB  . GLN A 1 43  ? -5.553  -18.380 7.174   1.00 12.00 ? 43   GLN A CB  1 
ATOM   339  C CG  . GLN A 1 43  ? -6.051  -19.543 6.345   1.00 12.99 ? 43   GLN A CG  1 
ATOM   340  C CD  . GLN A 1 43  ? -7.283  -20.242 6.903   1.00 13.70 ? 43   GLN A CD  1 
ATOM   341  O OE1 . GLN A 1 43  ? -7.697  -19.985 8.039   1.00 14.81 ? 43   GLN A OE1 1 
ATOM   342  N NE2 . GLN A 1 43  ? -7.874  -21.133 6.099   1.00 13.94 ? 43   GLN A NE2 1 
ATOM   343  N N   . ALA A 1 44  ? -3.739  -17.947 4.399   1.00 12.25 ? 44   ALA A N   1 
ATOM   344  C CA  . ALA A 1 44  ? -3.675  -17.356 3.068   1.00 12.62 ? 44   ALA A CA  1 
ATOM   345  C C   . ALA A 1 44  ? -3.879  -18.452 2.029   1.00 12.39 ? 44   ALA A C   1 
ATOM   346  O O   . ALA A 1 44  ? -2.993  -18.740 1.217   1.00 12.45 ? 44   ALA A O   1 
ATOM   347  C CB  . ALA A 1 44  ? -2.339  -16.651 2.862   1.00 12.44 ? 44   ALA A CB  1 
ATOM   348  N N   . ASP A 1 45  ? -5.060  -19.068 2.061   1.00 12.26 ? 45   ASP A N   1 
ATOM   349  C CA  . ASP A 1 45  ? -5.382  -20.171 1.176   1.00 12.99 ? 45   ASP A CA  1 
ATOM   350  C C   . ASP A 1 45  ? -5.417  -19.778 -0.305  1.00 13.04 ? 45   ASP A C   1 
ATOM   351  O O   . ASP A 1 45  ? -5.672  -18.635 -0.669  1.00 13.37 ? 45   ASP A O   1 
ATOM   352  C CB  . ASP A 1 45  ? -6.749  -20.760 1.519   1.00 12.73 ? 45   ASP A CB  1 
ATOM   353  C CG  . ASP A 1 45  ? -6.785  -21.484 2.843   1.00 12.87 ? 45   ASP A CG  1 
ATOM   354  O OD1 . ASP A 1 45  ? -5.730  -21.732 3.489   1.00 15.69 ? 45   ASP A OD1 1 
ATOM   355  O OD2 . ASP A 1 45  ? -7.896  -21.856 3.270   1.00 17.11 ? 45   ASP A OD2 1 
ATOM   356  N N   . GLY A 1 46  ? -5.178  -20.766 -1.150  1.00 13.92 ? 46   GLY A N   1 
ATOM   357  C CA  . GLY A 1 46  ? -5.320  -20.587 -2.577  1.00 13.98 ? 46   GLY A CA  1 
ATOM   358  C C   . GLY A 1 46  ? -4.300  -19.712 -3.267  1.00 13.75 ? 46   GLY A C   1 
ATOM   359  O O   . GLY A 1 46  ? -3.352  -19.190 -2.678  1.00 13.08 ? 46   GLY A O   1 
ATOM   360  N N   . SER A 1 47  ? -4.529  -19.554 -4.557  1.00 13.72 ? 47   SER A N   1 
ATOM   361  C CA  . SER A 1 47  ? -3.626  -18.809 -5.420  1.00 14.12 ? 47   SER A CA  1 
ATOM   362  C C   . SER A 1 47  ? -4.380  -18.276 -6.619  1.00 13.65 ? 47   SER A C   1 
ATOM   363  O O   . SER A 1 47  ? -5.464  -18.763 -6.952  1.00 15.42 ? 47   SER A O   1 
ATOM   364  C CB  . SER A 1 47  ? -2.488  -19.711 -5.912  1.00 13.98 ? 47   SER A CB  1 
ATOM   365  O OG  . SER A 1 47  ? -2.996  -20.794 -6.699  1.00 16.19 ? 47   SER A OG  1 
ATOM   366  N N   . VAL A 1 48  ? -3.798  -17.272 -7.263  1.00 13.54 ? 48   VAL A N   1 
ATOM   367  C CA  . VAL A 1 48  ? -4.364  -16.693 -8.472  1.00 13.27 ? 48   VAL A CA  1 
ATOM   368  C C   . VAL A 1 48  ? -3.251  -16.446 -9.480  1.00 12.82 ? 48   VAL A C   1 
ATOM   369  O O   . VAL A 1 48  ? -2.099  -16.326 -9.119  1.00 12.77 ? 48   VAL A O   1 
ATOM   370  C CB  . VAL A 1 48  ? -5.107  -15.382 -8.159  1.00 13.44 ? 48   VAL A CB  1 
ATOM   371  C CG1 . VAL A 1 48  ? -6.325  -15.664 -7.266  1.00 14.60 ? 48   VAL A CG1 1 
ATOM   372  C CG2 . VAL A 1 48  ? -4.175  -14.367 -7.503  1.00 12.89 ? 48   VAL A CG2 1 
ATOM   373  N N   . PRO A 1 49  ? -3.575  -16.358 -10.761 1.00 12.75 ? 49   PRO A N   1 
ATOM   374  C CA  . PRO A 1 49  ? -2.536  -16.148 -11.784 1.00 13.04 ? 49   PRO A CA  1 
ATOM   375  C C   . PRO A 1 49  ? -1.608  -14.936 -11.597 1.00 13.14 ? 49   PRO A C   1 
ATOM   376  O O   . PRO A 1 49  ? -2.077  -13.837 -11.345 1.00 12.37 ? 49   PRO A O   1 
ATOM   377  C CB  . PRO A 1 49  ? -3.362  -15.996 -13.076 1.00 12.59 ? 49   PRO A CB  1 
ATOM   378  C CG  . PRO A 1 49  ? -4.594  -16.761 -12.796 1.00 13.20 ? 49   PRO A CG  1 
ATOM   379  C CD  . PRO A 1 49  ? -4.914  -16.505 -11.353 1.00 13.24 ? 49   PRO A CD  1 
ATOM   380  N N   . THR A 1 50  ? -0.297  -15.126 -11.750 1.00 12.97 ? 50   THR A N   1 
ATOM   381  C CA  . THR A 1 50  ? 0.639   -14.017 -11.565 1.00 13.76 ? 50   THR A CA  1 
ATOM   382  C C   . THR A 1 50  ? 0.593   -12.966 -12.641 1.00 14.45 ? 50   THR A C   1 
ATOM   383  O O   . THR A 1 50  ? 1.177   -11.897 -12.491 1.00 15.52 ? 50   THR A O   1 
ATOM   384  C CB  . THR A 1 50  ? 2.069   -14.517 -11.416 1.00 13.78 ? 50   THR A CB  1 
ATOM   385  O OG1 . THR A 1 50  ? 2.380   -15.409 -12.500 1.00 13.28 ? 50   THR A OG1 1 
ATOM   386  C CG2 . THR A 1 50  ? 2.216   -15.345 -10.166 1.00 14.28 ? 50   THR A CG2 1 
ATOM   387  N N   . ASN A 1 51  ? -0.121  -13.250 -13.716 1.00 15.18 ? 51   ASN A N   1 
ATOM   388  C CA  . ASN A 1 51  ? -0.264  -12.260 -14.755 1.00 15.93 ? 51   ASN A CA  1 
ATOM   389  C C   . ASN A 1 51  ? -1.516  -11.452 -14.565 1.00 16.22 ? 51   ASN A C   1 
ATOM   390  O O   . ASN A 1 51  ? -1.862  -10.641 -15.409 1.00 17.24 ? 51   ASN A O   1 
ATOM   391  C CB  . ASN A 1 51  ? -0.219  -12.922 -16.130 1.00 16.64 ? 51   ASN A CB  1 
ATOM   392  C CG  . ASN A 1 51  ? -1.459  -13.697 -16.447 1.00 19.25 ? 51   ASN A CG  1 
ATOM   393  O OD1 . ASN A 1 51  ? -2.101  -14.254 -15.572 1.00 22.41 ? 51   ASN A OD1 1 
ATOM   394  N ND2 . ASN A 1 51  ? -1.814  -13.736 -17.723 1.00 26.09 ? 51   ASN A ND2 1 
ATOM   395  N N   . GLY A 1 52  ? -2.186  -11.656 -13.430 1.00 15.14 ? 52   GLY A N   1 
ATOM   396  C CA  . GLY A 1 52  ? -3.391  -10.933 -13.121 1.00 14.50 ? 52   GLY A CA  1 
ATOM   397  C C   . GLY A 1 52  ? -3.321  -10.274 -11.753 1.00 14.43 ? 52   GLY A C   1 
ATOM   398  O O   . GLY A 1 52  ? -2.247  -10.132 -11.175 1.00 14.51 ? 52   GLY A O   1 
ATOM   399  N N   . ALA A 1 53  ? -4.459  -9.863  -11.232 1.00 13.90 ? 53   ALA A N   1 
ATOM   400  C CA  . ALA A 1 53  ? -4.493  -9.231  -9.918  1.00 13.77 ? 53   ALA A CA  1 
ATOM   401  C C   . ALA A 1 53  ? -4.134  -10.231 -8.819  1.00 13.30 ? 53   ALA A C   1 
ATOM   402  O O   . ALA A 1 53  ? -4.325  -11.429 -8.977  1.00 13.27 ? 53   ALA A O   1 
ATOM   403  C CB  . ALA A 1 53  ? -5.832  -8.663  -9.663  1.00 13.83 ? 53   ALA A CB  1 
ATOM   404  N N   . PRO A 1 54  ? -3.666  -9.728  -7.683  1.00 12.46 ? 54   PRO A N   1 
ATOM   405  C CA  . PRO A 1 54  ? -3.362  -10.575 -6.524  1.00 11.81 ? 54   PRO A CA  1 
ATOM   406  C C   . PRO A 1 54  ? -4.608  -11.017 -5.755  1.00 11.47 ? 54   PRO A C   1 
ATOM   407  O O   . PRO A 1 54  ? -5.708  -10.619 -6.111  1.00 11.62 ? 54   PRO A O   1 
ATOM   408  C CB  . PRO A 1 54  ? -2.461  -9.663  -5.691  1.00 11.59 ? 54   PRO A CB  1 
ATOM   409  C CG  . PRO A 1 54  ? -3.100  -8.334  -5.908  1.00 12.12 ? 54   PRO A CG  1 
ATOM   410  C CD  . PRO A 1 54  ? -3.369  -8.312  -7.408  1.00 13.02 ? 54   PRO A CD  1 
ATOM   411  N N   . LYS A 1 55  ? -4.437  -11.843 -4.730  1.00 10.01 ? 55   LYS A N   1 
ATOM   412  C CA  . LYS A 1 55  ? -5.551  -12.335 -3.933  1.00 10.07 ? 55   LYS A CA  1 
ATOM   413  C C   . LYS A 1 55  ? -6.142  -11.240 -3.055  1.00 10.18 ? 55   LYS A C   1 
ATOM   414  O O   . LYS A 1 55  ? -7.309  -11.297 -2.663  1.00 11.50 ? 55   LYS A O   1 
ATOM   415  C CB  . LYS A 1 55  ? -5.089  -13.478 -3.000  1.00 10.67 ? 55   LYS A CB  1 
ATOM   416  C CG  . LYS A 1 55  ? -4.750  -14.749 -3.706  1.00 10.13 ? 55   LYS A CG  1 
ATOM   417  C CD  . LYS A 1 55  ? -4.445  -15.885 -2.725  1.00 10.14 ? 55   LYS A CD  1 
ATOM   418  C CE  . LYS A 1 55  ? -3.059  -15.803 -2.103  1.00 10.55 ? 55   LYS A CE  1 
ATOM   419  N NZ  . LYS A 1 55  ? -2.960  -16.724 -0.875  1.00 10.05 ? 55   LYS A NZ  1 
ATOM   420  N N   . SER A 1 56  ? -5.315  -10.268 -2.698  1.00 10.35 ? 56   SER A N   1 
ATOM   421  C CA  . SER A 1 56  ? -5.685  -9.359  -1.624  1.00 10.18 ? 56   SER A CA  1 
ATOM   422  C C   . SER A 1 56  ? -4.621  -8.313  -1.356  1.00 9.77  ? 56   SER A C   1 
ATOM   423  O O   . SER A 1 56  ? -3.548  -8.326  -1.949  1.00 9.56  ? 56   SER A O   1 
ATOM   424  C CB  . SER A 1 56  ? -5.768  -10.192 -0.343  1.00 10.05 ? 56   SER A CB  1 
ATOM   425  O OG  . SER A 1 56  ? -4.497  -10.771 -0.077  1.00 9.75  ? 56   SER A OG  1 
ATOM   426  N N   . TYR A 1 57  ? -4.944  -7.410  -0.432  1.00 10.42 ? 57   TYR A N   1 
ATOM   427  C CA  . TYR A 1 57  ? -3.985  -6.426  0.041   1.00 9.87  ? 57   TYR A CA  1 
ATOM   428  C C   . TYR A 1 57  ? -4.183  -6.156  1.527   1.00 10.01 ? 57   TYR A C   1 
ATOM   429  O O   . TYR A 1 57  ? -4.619  -5.065  1.912   1.00 10.16 ? 57   TYR A O   1 
ATOM   430  C CB  . TYR A 1 57  ? -4.026  -5.132  -0.777  1.00 9.32  ? 57   TYR A CB  1 
ATOM   431  C CG  . TYR A 1 57  ? -3.033  -4.077  -0.351  1.00 8.11  ? 57   TYR A CG  1 
ATOM   432  C CD1 . TYR A 1 57  ? -1.662  -4.351  -0.341  1.00 8.63  ? 57   TYR A CD1 1 
ATOM   433  C CD2 . TYR A 1 57  ? -3.444  -2.832  0.071   1.00 10.09 ? 57   TYR A CD2 1 
ATOM   434  C CE1 . TYR A 1 57  ? -0.742  -3.379  0.042   1.00 9.90  ? 57   TYR A CE1 1 
ATOM   435  C CE2 . TYR A 1 57  ? -2.525  -1.838  0.449   1.00 9.51  ? 57   TYR A CE2 1 
ATOM   436  C CZ  . TYR A 1 57  ? -1.174  -2.136  0.450   1.00 9.58  ? 57   TYR A CZ  1 
ATOM   437  O OH  . TYR A 1 57  ? -0.291  -1.154  0.832   1.00 10.61 ? 57   TYR A OH  1 
ATOM   438  N N   . PRO A 1 58  ? -3.836  -7.127  2.361   1.00 10.11 ? 58   PRO A N   1 
ATOM   439  C CA  . PRO A 1 58  ? -3.901  -6.922  3.813   1.00 9.91  ? 58   PRO A CA  1 
ATOM   440  C C   . PRO A 1 58  ? -2.874  -5.843  4.141   1.00 10.54 ? 58   PRO A C   1 
ATOM   441  O O   . PRO A 1 58  ? -1.737  -5.897  3.648   1.00 10.57 ? 58   PRO A O   1 
ATOM   442  C CB  . PRO A 1 58  ? -3.506  -8.297  4.375   1.00 9.76  ? 58   PRO A CB  1 
ATOM   443  C CG  . PRO A 1 58  ? -2.663  -8.905  3.311   1.00 10.29 ? 58   PRO A CG  1 
ATOM   444  C CD  . PRO A 1 58  ? -3.313  -8.461  2.035   1.00 9.65  ? 58   PRO A CD  1 
ATOM   445  N N   . SER A 1 59  ? -3.253  -4.856  4.947   1.00 10.70 ? 59   SER A N   1 
ATOM   446  C CA  . SER A 1 59  ? -2.428  -3.679  5.094   1.00 9.81  ? 59   SER A CA  1 
ATOM   447  C C   . SER A 1 59  ? -2.857  -2.874  6.283   1.00 10.48 ? 59   SER A C   1 
ATOM   448  O O   . SER A 1 59  ? -3.908  -3.129  6.880   1.00 10.60 ? 59   SER A O   1 
ATOM   449  C CB  . SER A 1 59  ? -2.530  -2.811  3.831   1.00 10.03 ? 59   SER A CB  1 
ATOM   450  O OG  . SER A 1 59  ? -3.883  -2.736  3.410   1.00 10.46 ? 59   SER A OG  1 
ATOM   451  N N   . VAL A 1 60  ? -2.007  -1.920  6.617   1.00 10.60 ? 60   VAL A N   1 
ATOM   452  C CA  . VAL A 1 60  ? -2.260  -0.964  7.684   1.00 10.75 ? 60   VAL A CA  1 
ATOM   453  C C   . VAL A 1 60  ? -2.196  0.402   7.022   1.00 10.86 ? 60   VAL A C   1 
ATOM   454  O O   . VAL A 1 60  ? -1.416  0.597   6.087   1.00 11.26 ? 60   VAL A O   1 
ATOM   455  C CB  . VAL A 1 60  ? -1.262  -1.166  8.839   1.00 11.41 ? 60   VAL A CB  1 
ATOM   456  C CG1 . VAL A 1 60  ? 0.188   -1.207  8.357   1.00 13.33 ? 60   VAL A CG1 1 
ATOM   457  C CG2 . VAL A 1 60  ? -1.423  -0.104  9.886   1.00 10.51 ? 60   VAL A CG2 1 
ATOM   458  N N   . TYR A 1 61  ? -3.022  1.349   7.460   1.00 10.25 ? 61   TYR A N   1 
ATOM   459  C CA  . TYR A 1 61  ? -3.029  2.658   6.803   1.00 10.44 ? 61   TYR A CA  1 
ATOM   460  C C   . TYR A 1 61  ? -3.446  3.847   7.656   1.00 10.61 ? 61   TYR A C   1 
ATOM   461  O O   . TYR A 1 61  ? -4.054  3.693   8.728   1.00 11.03 ? 61   TYR A O   1 
ATOM   462  C CB  . TYR A 1 61  ? -3.923  2.617   5.545   1.00 11.34 ? 61   TYR A CB  1 
ATOM   463  C CG  . TYR A 1 61  ? -5.431  2.466   5.734   1.00 10.97 ? 61   TYR A CG  1 
ATOM   464  C CD1 . TYR A 1 61  ? -6.240  3.580   5.967   1.00 11.57 ? 61   TYR A CD1 1 
ATOM   465  C CD2 . TYR A 1 61  ? -6.052  1.231   5.597   1.00 10.80 ? 61   TYR A CD2 1 
ATOM   466  C CE1 . TYR A 1 61  ? -7.622  3.463   6.099   1.00 11.07 ? 61   TYR A CE1 1 
ATOM   467  C CE2 . TYR A 1 61  ? -7.437  1.101   5.708   1.00 12.36 ? 61   TYR A CE2 1 
ATOM   468  C CZ  . TYR A 1 61  ? -8.208  2.220   5.979   1.00 11.79 ? 61   TYR A CZ  1 
ATOM   469  O OH  . TYR A 1 61  ? -9.570  2.072   6.101   1.00 11.66 ? 61   TYR A OH  1 
ATOM   470  N N   . ASP A 1 62  ? -3.105  5.017   7.121   1.00 10.58 ? 62   ASP A N   1 
ATOM   471  C CA  . ASP A 1 62  ? -3.504  6.323   7.624   1.00 11.90 ? 62   ASP A CA  1 
ATOM   472  C C   . ASP A 1 62  ? -4.402  6.875   6.521   1.00 11.92 ? 62   ASP A C   1 
ATOM   473  O O   . ASP A 1 62  ? -4.268  6.489   5.355   1.00 12.06 ? 62   ASP A O   1 
ATOM   474  C CB  . ASP A 1 62  ? -2.255  7.173   7.842   1.00 12.18 ? 62   ASP A CB  1 
ATOM   475  C CG  . ASP A 1 62  ? -2.548  8.584   8.322   1.00 12.56 ? 62   ASP A CG  1 
ATOM   476  O OD1 . ASP A 1 62  ? -3.614  8.841   8.922   1.00 11.87 ? 62   ASP A OD1 1 
ATOM   477  O OD2 . ASP A 1 62  ? -1.732  9.511   8.136   1.00 12.49 ? 62   ASP A OD2 1 
ATOM   478  N N   . GLY A 1 63  ? -5.316  7.750   6.874   1.00 12.13 ? 63   GLY A N   1 
ATOM   479  C CA  . GLY A 1 63  ? -6.238  8.317   5.909   1.00 12.44 ? 63   GLY A CA  1 
ATOM   480  C C   . GLY A 1 63  ? -7.537  7.556   5.836   1.00 12.36 ? 63   GLY A C   1 
ATOM   481  O O   . GLY A 1 63  ? -7.922  6.872   6.772   1.00 12.58 ? 63   GLY A O   1 
ATOM   482  N N   . CYS A 1 64  ? -8.233  7.725   4.716   1.00 12.57 ? 64   CYS A N   1 
ATOM   483  C CA  . CYS A 1 64  ? -9.529  7.115   4.496   1.00 12.78 ? 64   CYS A CA  1 
ATOM   484  C C   . CYS A 1 64  ? -9.560  6.211   3.269   1.00 12.45 ? 64   CYS A C   1 
ATOM   485  O O   . CYS A 1 64  ? -9.123  6.604   2.174   1.00 13.50 ? 64   CYS A O   1 
ATOM   486  C CB  . CYS A 1 64  ? -10.561 8.209   4.255   1.00 12.91 ? 64   CYS A CB  1 
ATOM   487  S SG  . CYS A 1 64  ? -10.805 9.363   5.587   1.00 12.71 ? 64   CYS A SG  1 
ATOM   488  N N   . HIS A 1 65  ? -10.133 5.034   3.454   1.00 11.87 ? 65   HIS A N   1 
ATOM   489  C CA  . HIS A 1 65  ? -10.244 4.031   2.393   1.00 11.88 ? 65   HIS A CA  1 
ATOM   490  C C   . HIS A 1 65  ? -11.663 3.492   2.461   1.00 12.08 ? 65   HIS A C   1 
ATOM   491  O O   . HIS A 1 65  ? -12.048 2.878   3.446   1.00 12.12 ? 65   HIS A O   1 
ATOM   492  C CB  . HIS A 1 65  ? -9.215  2.916   2.618   1.00 11.22 ? 65   HIS A CB  1 
ATOM   493  C CG  . HIS A 1 65  ? -9.225  1.856   1.554   1.00 11.99 ? 65   HIS A CG  1 
ATOM   494  N ND1 . HIS A 1 65  ? -8.743  2.078   0.282   1.00 12.04 ? 65   HIS A ND1 1 
ATOM   495  C CD2 . HIS A 1 65  ? -9.545  0.539   1.609   1.00 11.94 ? 65   HIS A CD2 1 
ATOM   496  C CE1 . HIS A 1 65  ? -8.866  0.972   -0.431  1.00 10.99 ? 65   HIS A CE1 1 
ATOM   497  N NE2 . HIS A 1 65  ? -9.340  0.017   0.353   1.00 12.42 ? 65   HIS A NE2 1 
ATOM   498  N N   . TYR A 1 66  ? -12.435 3.753   1.404   1.00 12.30 ? 66   TYR A N   1 
ATOM   499  C CA  . TYR A 1 66  ? -13.837 3.369   1.327   1.00 12.55 ? 66   TYR A CA  1 
ATOM   500  C C   . TYR A 1 66  ? -14.585 3.766   2.602   1.00 12.65 ? 66   TYR A C   1 
ATOM   501  O O   . TYR A 1 66  ? -15.360 3.004   3.179   1.00 13.31 ? 66   TYR A O   1 
ATOM   502  C CB  . TYR A 1 66  ? -14.000 1.906   0.901   1.00 12.16 ? 66   TYR A CB  1 
ATOM   503  C CG  . TYR A 1 66  ? -13.604 1.699   -0.534  1.00 13.67 ? 66   TYR A CG  1 
ATOM   504  C CD1 . TYR A 1 66  ? -14.518 1.875   -1.556  1.00 13.31 ? 66   TYR A CD1 1 
ATOM   505  C CD2 . TYR A 1 66  ? -12.305 1.371   -0.882  1.00 12.09 ? 66   TYR A CD2 1 
ATOM   506  C CE1 . TYR A 1 66  ? -14.168 1.710   -2.879  1.00 14.79 ? 66   TYR A CE1 1 
ATOM   507  C CE2 . TYR A 1 66  ? -11.940 1.206   -2.207  1.00 12.53 ? 66   TYR A CE2 1 
ATOM   508  C CZ  . TYR A 1 66  ? -12.882 1.370   -3.209  1.00 14.21 ? 66   TYR A CZ  1 
ATOM   509  O OH  . TYR A 1 66  ? -12.513 1.208   -4.529  1.00 14.75 ? 66   TYR A OH  1 
ATOM   510  N N   . GLY A 1 67  ? -14.373 5.012   2.998   1.00 12.66 ? 67   GLY A N   1 
ATOM   511  C CA  . GLY A 1 67  ? -15.088 5.594   4.126   1.00 13.00 ? 67   GLY A CA  1 
ATOM   512  C C   . GLY A 1 67  ? -14.583 5.233   5.510   1.00 13.68 ? 67   GLY A C   1 
ATOM   513  O O   . GLY A 1 67  ? -14.997 5.843   6.492   1.00 14.60 ? 67   GLY A O   1 
ATOM   514  N N   . ASN A 1 68  ? -13.668 4.283   5.590   1.00 13.98 ? 68   ASN A N   1 
ATOM   515  C CA  . ASN A 1 68  ? -13.094 3.846   6.865   1.00 14.40 ? 68   ASN A CA  1 
ATOM   516  C C   . ASN A 1 68  ? -11.814 4.660   7.086   1.00 13.56 ? 68   ASN A C   1 
ATOM   517  O O   . ASN A 1 68  ? -10.807 4.466   6.387   1.00 13.22 ? 68   ASN A O   1 
ATOM   518  C CB  . ASN A 1 68  ? -12.800 2.343   6.831   1.00 14.61 ? 68   ASN A CB  1 
ATOM   519  C CG  . ASN A 1 68  ? -12.381 1.781   8.196   1.00 19.62 ? 68   ASN A CG  1 
ATOM   520  O OD1 . ASN A 1 68  ? -12.341 0.550   8.382   1.00 23.85 ? 68   ASN A OD1 1 
ATOM   521  N ND2 . ASN A 1 68  ? -12.062 2.666   9.149   1.00 22.84 ? 68   ASN A ND2 1 
ATOM   522  N N   . CYS A 1 69  ? -11.881 5.610   8.022   1.00 14.13 ? 69   CYS A N   1 
ATOM   523  C CA  . CYS A 1 69  ? -10.798 6.565   8.239   1.00 13.61 ? 69   CYS A CA  1 
ATOM   524  C C   . CYS A 1 69  ? -10.047 6.290   9.531   1.00 14.28 ? 69   CYS A C   1 
ATOM   525  O O   . CYS A 1 69  ? -10.644 6.007   10.583  1.00 14.64 ? 69   CYS A O   1 
ATOM   526  C CB  . CYS A 1 69  ? -11.347 8.004   8.265   1.00 13.29 ? 69   CYS A CB  1 
ATOM   527  S SG  . CYS A 1 69  ? -12.245 8.507   6.757   1.00 14.12 ? 69   CYS A SG  1 
ATOM   528  N N   . ALA A 1 70  ? -8.732  6.375   9.463   1.00 13.70 ? 70   ALA A N   1 
ATOM   529  C CA  . ALA A 1 70  ? -7.933  6.179   10.659  1.00 14.80 ? 70   ALA A CA  1 
ATOM   530  C C   . ALA A 1 70  ? -8.176  7.306   11.677  1.00 14.16 ? 70   ALA A C   1 
ATOM   531  O O   . ALA A 1 70  ? -8.362  8.466   11.303  1.00 13.86 ? 70   ALA A O   1 
ATOM   532  C CB  . ALA A 1 70  ? -6.469  6.120   10.267  1.00 15.00 ? 70   ALA A CB  1 
ATOM   533  N N   . PRO A 1 71  ? -8.217  6.972   12.962  1.00 14.54 ? 71   PRO A N   1 
ATOM   534  C CA  . PRO A 1 71  ? -8.426  8.009   13.979  1.00 15.15 ? 71   PRO A CA  1 
ATOM   535  C C   . PRO A 1 71  ? -7.414  9.124   13.891  1.00 15.71 ? 71   PRO A C   1 
ATOM   536  O O   . PRO A 1 71  ? -6.211  8.853   13.772  1.00 16.15 ? 71   PRO A O   1 
ATOM   537  C CB  . PRO A 1 71  ? -8.246  7.251   15.299  1.00 15.35 ? 71   PRO A CB  1 
ATOM   538  C CG  . PRO A 1 71  ? -8.631  5.864   14.982  1.00 14.97 ? 71   PRO A CG  1 
ATOM   539  C CD  . PRO A 1 71  ? -8.117  5.629   13.551  1.00 14.52 ? 71   PRO A CD  1 
ATOM   540  N N   . ARG A 1 72  ? -7.920  10.352  13.953  1.00 16.02 ? 72   ARG A N   1 
ATOM   541  C CA  . ARG A 1 72  ? -7.124  11.576  13.977  1.00 16.56 ? 72   ARG A CA  1 
ATOM   542  C C   . ARG A 1 72  ? -6.301  11.840  12.736  1.00 15.84 ? 72   ARG A C   1 
ATOM   543  O O   . ARG A 1 72  ? -5.387  12.664  12.752  1.00 15.69 ? 72   ARG A O   1 
ATOM   544  C CB  . ARG A 1 72  ? -6.235  11.605  15.214  1.00 17.55 ? 72   ARG A CB  1 
ATOM   545  C CG  . ARG A 1 72  ? -7.031  11.752  16.476  1.00 19.22 ? 72   ARG A CG  1 
ATOM   546  C CD  . ARG A 1 72  ? -6.165  11.875  17.758  1.00 20.81 ? 72   ARG A CD  1 
ATOM   547  N NE  . ARG A 1 72  ? -5.060  10.917  17.794  1.00 22.09 ? 72   ARG A NE  1 
ATOM   548  C CZ  . ARG A 1 72  ? -5.201  9.624   18.055  1.00 23.08 ? 72   ARG A CZ  1 
ATOM   549  N NH1 . ARG A 1 72  ? -6.401  9.123   18.306  1.00 25.37 ? 72   ARG A NH1 1 
ATOM   550  N NH2 . ARG A 1 72  ? -4.138  8.826   18.084  1.00 23.52 ? 72   ARG A NH2 1 
ATOM   551  N N   . THR A 1 73  ? -6.673  11.220  11.619  1.00 15.20 ? 73   THR A N   1 
ATOM   552  C CA  . THR A 1 73  ? -5.908  11.421  10.417  1.00 14.21 ? 73   THR A CA  1 
ATOM   553  C C   . THR A 1 73  ? -6.102  12.858  9.963   1.00 14.52 ? 73   THR A C   1 
ATOM   554  O O   . THR A 1 73  ? -7.157  13.455  10.223  1.00 15.26 ? 73   THR A O   1 
ATOM   555  C CB  . THR A 1 73  ? -6.393  10.473  9.279   1.00 13.40 ? 73   THR A CB  1 
ATOM   556  O OG1 . THR A 1 73  ? -5.571  10.668  8.128   1.00 12.28 ? 73   THR A OG1 1 
ATOM   557  C CG2 . THR A 1 73  ? -7.857  10.754  8.861   1.00 14.04 ? 73   THR A CG2 1 
ATOM   558  N N   . THR A 1 74  ? -5.099  13.415  9.290   1.00 14.23 ? 74   THR A N   1 
ATOM   559  C CA  . THR A 1 74  ? -5.238  14.734  8.671   1.00 14.85 ? 74   THR A CA  1 
ATOM   560  C C   . THR A 1 74  ? -5.559  14.652  7.179   1.00 14.84 ? 74   THR A C   1 
ATOM   561  O O   . THR A 1 74  ? -5.546  15.675  6.479   1.00 15.14 ? 74   THR A O   1 
ATOM   562  C CB  . THR A 1 74  ? -3.972  15.559  8.867   1.00 15.32 ? 74   THR A CB  1 
ATOM   563  O OG1 . THR A 1 74  ? -2.840  14.846  8.337   1.00 16.39 ? 74   THR A OG1 1 
ATOM   564  C CG2 . THR A 1 74  ? -3.687  15.743  10.352  1.00 16.31 ? 74   THR A CG2 1 
ATOM   565  N N   . LEU A 1 75  ? -5.788  13.436  6.679   1.00 14.19 ? 75   LEU A N   1 
ATOM   566  C CA  . LEU A 1 75  ? -6.141  13.234  5.279   1.00 14.09 ? 75   LEU A CA  1 
ATOM   567  C C   . LEU A 1 75  ? -7.666  13.173  5.176   1.00 14.98 ? 75   LEU A C   1 
ATOM   568  O O   . LEU A 1 75  ? -8.327  12.721  6.102   1.00 15.23 ? 75   LEU A O   1 
ATOM   569  C CB  . LEU A 1 75  ? -5.529  11.935  4.759   1.00 13.42 ? 75   LEU A CB  1 
ATOM   570  C CG  . LEU A 1 75  ? -3.984  11.914  4.736   1.00 13.80 ? 75   LEU A CG  1 
ATOM   571  C CD1 . LEU A 1 75  ? -3.456  10.557  4.283   1.00 13.98 ? 75   LEU A CD1 1 
ATOM   572  C CD2 . LEU A 1 75  ? -3.349  13.010  3.911   1.00 13.69 ? 75   LEU A CD2 1 
ATOM   573  N N   . PRO A 1 76  ? -8.236  13.555  4.040   1.00 15.97 ? 76   PRO A N   1 
ATOM   574  C CA  . PRO A 1 76  ? -7.516  14.036  2.861   1.00 16.07 ? 76   PRO A CA  1 
ATOM   575  C C   . PRO A 1 76  ? -6.932  15.451  2.983   1.00 15.92 ? 76   PRO A C   1 
ATOM   576  O O   . PRO A 1 76  ? -7.480  16.310  3.674   1.00 16.86 ? 76   PRO A O   1 
ATOM   577  C CB  . PRO A 1 76  ? -8.606  13.999  1.777   1.00 16.52 ? 76   PRO A CB  1 
ATOM   578  C CG  . PRO A 1 76  ? -9.833  14.252  2.543   1.00 17.39 ? 76   PRO A CG  1 
ATOM   579  C CD  . PRO A 1 76  ? -9.677  13.426  3.791   1.00 15.88 ? 76   PRO A CD  1 
ATOM   580  N N   . MET A 1 77  ? -5.810  15.680  2.312   1.00 16.14 ? 77   MET A N   1 
ATOM   581  C CA  . MET A 1 77  ? -5.158  16.979  2.323   1.00 16.06 ? 77   MET A CA  1 
ATOM   582  C C   . MET A 1 77  ? -4.673  17.334  0.930   1.00 15.95 ? 77   MET A C   1 
ATOM   583  O O   . MET A 1 77  ? -4.136  16.484  0.215   1.00 14.90 ? 77   MET A O   1 
ATOM   584  C CB  . MET A 1 77  ? -3.962  16.965  3.274   1.00 16.75 ? 77   MET A CB  1 
ATOM   585  C CG  . MET A 1 77  ? -3.376  18.342  3.557   1.00 17.63 ? 77   MET A CG  1 
ATOM   586  S SD  . MET A 1 77  ? -1.943  18.223  4.661   1.00 20.67 ? 77   MET A SD  1 
ATOM   587  C CE  . MET A 1 77  ? -2.689  17.637  6.063   1.00 19.02 ? 77   MET A CE  1 
ATOM   588  N N   . ARG A 1 78  ? -4.848  18.596  0.539   1.00 15.70 ? 78   ARG A N   1 
ATOM   589  C CA  . ARG A 1 78  ? -4.369  19.057  -0.751  1.00 16.41 ? 78   ARG A CA  1 
ATOM   590  C C   . ARG A 1 78  ? -2.852  18.896  -0.817  1.00 16.17 ? 78   ARG A C   1 
ATOM   591  O O   . ARG A 1 78  ? -2.128  19.285  0.111   1.00 15.36 ? 78   ARG A O   1 
ATOM   592  C CB  . ARG A 1 78  ? -4.723  20.533  -0.970  1.00 16.77 ? 78   ARG A CB  1 
ATOM   593  C CG  . ARG A 1 78  ? -4.710  20.934  -2.421  1.00 19.66 ? 78   ARG A CG  1 
ATOM   594  C CD  . ARG A 1 78  ? -4.982  22.419  -2.681  1.00 22.40 ? 78   ARG A CD  1 
ATOM   595  N NE  . ARG A 1 78  ? -6.328  22.902  -2.345  1.00 23.93 ? 78   ARG A NE  1 
ATOM   596  C CZ  . ARG A 1 78  ? -7.432  22.765  -3.090  1.00 25.41 ? 78   ARG A CZ  1 
ATOM   597  N NH1 . ARG A 1 78  ? -7.426  22.088  -4.234  1.00 24.99 ? 78   ARG A NH1 1 
ATOM   598  N NH2 . ARG A 1 78  ? -8.572  23.303  -2.659  1.00 25.37 ? 78   ARG A NH2 1 
ATOM   599  N N   . ILE A 1 79  ? -2.369  18.367  -1.931  1.00 16.47 ? 79   ILE A N   1 
ATOM   600  C CA  . ILE A 1 79  ? -0.946  18.084  -2.083  1.00 16.81 ? 79   ILE A CA  1 
ATOM   601  C C   . ILE A 1 79  ? -0.086  19.320  -1.832  1.00 17.36 ? 79   ILE A C   1 
ATOM   602  O O   . ILE A 1 79  ? 0.928   19.252  -1.143  1.00 17.01 ? 79   ILE A O   1 
ATOM   603  C CB  . ILE A 1 79  ? -0.676  17.495  -3.483  1.00 16.60 ? 79   ILE A CB  1 
ATOM   604  C CG1 . ILE A 1 79  ? -1.272  16.092  -3.567  1.00 17.77 ? 79   ILE A CG1 1 
ATOM   605  C CG2 . ILE A 1 79  ? 0.824   17.489  -3.772  1.00 17.44 ? 79   ILE A CG2 1 
ATOM   606  C CD1 . ILE A 1 79  ? -1.274  15.478  -4.964  1.00 16.71 ? 79   ILE A CD1 1 
ATOM   607  N N   . SER A 1 80  ? -0.496  20.454  -2.390  1.00 17.34 ? 80   SER A N   1 
ATOM   608  C CA  . SER A 1 80  ? 0.274   21.685  -2.253  1.00 18.10 ? 80   SER A CA  1 
ATOM   609  C C   . SER A 1 80  ? 0.343   22.209  -0.819  1.00 18.02 ? 80   SER A C   1 
ATOM   610  O O   . SER A 1 80  ? 1.229   22.994  -0.480  1.00 18.68 ? 80   SER A O   1 
ATOM   611  C CB  . SER A 1 80  ? -0.243  22.742  -3.220  1.00 18.28 ? 80   SER A CB  1 
ATOM   612  O OG  . SER A 1 80  ? -1.549  23.131  -2.888  1.00 19.67 ? 80   SER A OG  1 
ATOM   613  N N   . SER A 1 81  ? -0.563  21.750  0.032   1.00 17.59 ? 81   SER A N   1 
ATOM   614  C CA  . SER A 1 81  ? -0.546  22.156  1.424   1.00 18.03 ? 81   SER A CA  1 
ATOM   615  C C   . SER A 1 81  ? 0.338   21.273  2.293   1.00 17.49 ? 81   SER A C   1 
ATOM   616  O O   . SER A 1 81  ? 0.570   21.592  3.459   1.00 18.72 ? 81   SER A O   1 
ATOM   617  C CB  . SER A 1 81  ? -1.958  22.109  1.968   1.00 19.09 ? 81   SER A CB  1 
ATOM   618  O OG  . SER A 1 81  ? -2.783  23.001  1.248   1.00 21.37 ? 81   SER A OG  1 
ATOM   619  N N   . ILE A 1 82  ? 0.800   20.154  1.750   1.00 16.11 ? 82   ILE A N   1 
ATOM   620  C CA  . ILE A 1 82  ? 1.615   19.240  2.540   1.00 15.95 ? 82   ILE A CA  1 
ATOM   621  C C   . ILE A 1 82  ? 3.044   19.734  2.690   1.00 15.63 ? 82   ILE A C   1 
ATOM   622  O O   . ILE A 1 82  ? 3.743   19.979  1.701   1.00 15.79 ? 82   ILE A O   1 
ATOM   623  C CB  . ILE A 1 82  ? 1.652   17.850  1.909   1.00 15.52 ? 82   ILE A CB  1 
ATOM   624  C CG1 . ILE A 1 82  ? 0.238   17.276  1.823   1.00 17.49 ? 82   ILE A CG1 1 
ATOM   625  C CG2 . ILE A 1 82  ? 2.535   16.933  2.747   1.00 15.54 ? 82   ILE A CG2 1 
ATOM   626  C CD1 . ILE A 1 82  ? 0.153   15.990  1.011   1.00 18.17 ? 82   ILE A CD1 1 
ATOM   627  N N   . GLY A 1 83  ? 3.477   19.852  3.939   1.00 15.28 ? 83   GLY A N   1 
ATOM   628  C CA  . GLY A 1 83  ? 4.858   20.201  4.222   1.00 15.14 ? 83   GLY A CA  1 
ATOM   629  C C   . GLY A 1 83  ? 5.738   18.958  4.187   1.00 14.66 ? 83   GLY A C   1 
ATOM   630  O O   . GLY A 1 83  ? 6.826   18.964  3.610   1.00 15.73 ? 83   GLY A O   1 
ATOM   631  N N   . SER A 1 84  ? 5.257   17.887  4.816   1.00 14.45 ? 84   SER A N   1 
ATOM   632  C CA  . SER A 1 84  ? 5.946   16.607  4.840   1.00 13.13 ? 84   SER A CA  1 
ATOM   633  C C   . SER A 1 84  ? 4.925   15.501  5.113   1.00 13.08 ? 84   SER A C   1 
ATOM   634  O O   . SER A 1 84  ? 3.905   15.726  5.780   1.00 12.37 ? 84   SER A O   1 
ATOM   635  C CB  . SER A 1 84  ? 7.052   16.564  5.926   1.00 12.71 ? 84   SER A CB  1 
ATOM   636  O OG  . SER A 1 84  ? 6.531   16.819  7.220   1.00 14.03 ? 84   SER A OG  1 
ATOM   637  N N   . ALA A 1 85  ? 5.206   14.306  4.604   1.00 12.58 ? 85   ALA A N   1 
ATOM   638  C CA  . ALA A 1 85  ? 4.392   13.145  4.886   1.00 12.62 ? 85   ALA A CA  1 
ATOM   639  C C   . ALA A 1 85  ? 5.269   11.973  5.333   1.00 12.72 ? 85   ALA A C   1 
ATOM   640  O O   . ALA A 1 85  ? 5.368   10.972  4.643   1.00 12.93 ? 85   ALA A O   1 
ATOM   641  C CB  . ALA A 1 85  ? 3.588   12.750  3.641   1.00 13.00 ? 85   ALA A CB  1 
ATOM   642  N N   . PRO A 1 86  ? 5.894   12.073  6.504   1.00 12.93 ? 86   PRO A N   1 
ATOM   643  C CA  . PRO A 1 86  ? 6.805   11.011  6.919   1.00 13.12 ? 86   PRO A CA  1 
ATOM   644  C C   . PRO A 1 86  ? 6.069   9.732   7.236   1.00 12.04 ? 86   PRO A C   1 
ATOM   645  O O   . PRO A 1 86  ? 5.062   9.732   7.957   1.00 11.05 ? 86   PRO A O   1 
ATOM   646  C CB  . PRO A 1 86  ? 7.470   11.581  8.170   1.00 13.31 ? 86   PRO A CB  1 
ATOM   647  C CG  . PRO A 1 86  ? 6.528   12.600  8.665   1.00 14.70 ? 86   PRO A CG  1 
ATOM   648  C CD  . PRO A 1 86  ? 5.808   13.162  7.489   1.00 13.05 ? 86   PRO A CD  1 
ATOM   649  N N   . SER A 1 87  ? 6.589   8.632   6.706   1.00 11.80 ? 87   SER A N   1 
ATOM   650  C CA  . SER A 1 87  ? 6.017   7.325   6.963   1.00 11.87 ? 87   SER A CA  1 
ATOM   651  C C   . SER A 1 87  ? 7.129   6.295   7.123   1.00 12.07 ? 87   SER A C   1 
ATOM   652  O O   . SER A 1 87  ? 8.243   6.499   6.635   1.00 12.16 ? 87   SER A O   1 
ATOM   653  C CB  . SER A 1 87  ? 5.048   6.931   5.830   1.00 12.14 ? 87   SER A CB  1 
ATOM   654  O OG  . SER A 1 87  ? 4.367   5.725   6.118   1.00 11.84 ? 87   SER A OG  1 
ATOM   655  N N   . SER A 1 88  ? 6.832   5.213   7.829   1.00 11.97 ? 88   SER A N   1 
ATOM   656  C CA  . SER A 1 88  ? 7.791   4.139   7.986   1.00 12.25 ? 88   SER A CA  1 
ATOM   657  C C   . SER A 1 88  ? 7.070   2.808   8.050   1.00 12.04 ? 88   SER A C   1 
ATOM   658  O O   . SER A 1 88  ? 5.903   2.730   8.404   1.00 10.49 ? 88   SER A O   1 
ATOM   659  C CB  . SER A 1 88  ? 8.604   4.331   9.279   1.00 13.10 ? 88   SER A CB  1 
ATOM   660  O OG  . SER A 1 88  ? 7.788   4.097   10.408  1.00 16.23 ? 88   SER A OG  1 
ATOM   661  N N   . VAL A 1 89  ? 7.798   1.760   7.708   1.00 12.42 ? 89   VAL A N   1 
ATOM   662  C CA  . VAL A 1 89  ? 7.277   0.409   7.819   1.00 12.02 ? 89   VAL A CA  1 
ATOM   663  C C   . VAL A 1 89  ? 8.454   -0.519  8.061   1.00 12.43 ? 89   VAL A C   1 
ATOM   664  O O   . VAL A 1 89  ? 9.582   -0.224  7.640   1.00 12.75 ? 89   VAL A O   1 
ATOM   665  C CB  . VAL A 1 89  ? 6.515   -0.026  6.522   1.00 12.10 ? 89   VAL A CB  1 
ATOM   666  C CG1 . VAL A 1 89  ? 7.477   -0.255  5.368   1.00 12.56 ? 89   VAL A CG1 1 
ATOM   667  C CG2 . VAL A 1 89  ? 5.719   -1.245  6.764   1.00 12.14 ? 89   VAL A CG2 1 
ATOM   668  N N   . SER A 1 90  ? 8.193   -1.611  8.762   1.00 11.22 ? 90   SER A N   1 
ATOM   669  C CA  . SER A 1 90  ? 9.175   -2.672  8.973   1.00 11.82 ? 90   SER A CA  1 
ATOM   670  C C   . SER A 1 90  ? 8.446   -3.955  8.645   1.00 11.44 ? 90   SER A C   1 
ATOM   671  O O   . SER A 1 90  ? 7.358   -4.201  9.173   1.00 12.69 ? 90   SER A O   1 
ATOM   672  C CB  . SER A 1 90  ? 9.635   -2.685  10.416  1.00 11.71 ? 90   SER A CB  1 
ATOM   673  O OG  . SER A 1 90  ? 10.425  -3.847  10.636  1.00 14.22 ? 90   SER A OG  1 
ATOM   674  N N   . TYR A 1 91  ? 9.057   -4.763  7.780   1.00 12.13 ? 91   TYR A N   1 
ATOM   675  C CA  . TYR A 1 91  ? 8.475   -5.992  7.270   1.00 12.21 ? 91   TYR A CA  1 
ATOM   676  C C   . TYR A 1 91  ? 9.262   -7.244  7.654   1.00 13.34 ? 91   TYR A C   1 
ATOM   677  O O   . TYR A 1 91  ? 10.487  -7.206  7.808   1.00 14.15 ? 91   TYR A O   1 
ATOM   678  C CB  . TYR A 1 91  ? 8.471   -5.963  5.736   1.00 11.90 ? 91   TYR A CB  1 
ATOM   679  C CG  . TYR A 1 91  ? 7.453   -5.104  5.028   1.00 10.92 ? 91   TYR A CG  1 
ATOM   680  C CD1 . TYR A 1 91  ? 6.092   -5.398  5.106   1.00 11.02 ? 91   TYR A CD1 1 
ATOM   681  C CD2 . TYR A 1 91  ? 7.852   -4.078  4.191   1.00 10.26 ? 91   TYR A CD2 1 
ATOM   682  C CE1 . TYR A 1 91  ? 5.165   -4.661  4.378   1.00 12.09 ? 91   TYR A CE1 1 
ATOM   683  C CE2 . TYR A 1 91  ? 6.921   -3.330  3.475   1.00 11.27 ? 91   TYR A CE2 1 
ATOM   684  C CZ  . TYR A 1 91  ? 5.597   -3.640  3.577   1.00 9.33  ? 91   TYR A CZ  1 
ATOM   685  O OH  . TYR A 1 91  ? 4.694   -2.904  2.820   1.00 10.92 ? 91   TYR A OH  1 
ATOM   686  N N   . ARG A 1 92  ? 8.545   -8.352  7.789   1.00 13.93 ? 92   ARG A N   1 
ATOM   687  C CA  . ARG A 1 92  ? 9.164   -9.655  7.957   1.00 14.20 ? 92   ARG A CA  1 
ATOM   688  C C   . ARG A 1 92  ? 8.733   -10.475 6.752   1.00 14.77 ? 92   ARG A C   1 
ATOM   689  O O   . ARG A 1 92  ? 7.533   -10.619 6.485   1.00 13.89 ? 92   ARG A O   1 
ATOM   690  C CB  . ARG A 1 92  ? 8.691   -10.331 9.238   1.00 14.82 ? 92   ARG A CB  1 
ATOM   691  C CG  . ARG A 1 92  ? 9.491   -11.565 9.561   1.00 16.61 ? 92   ARG A CG  1 
ATOM   692  C CD  . ARG A 1 92  ? 9.040   -12.215 10.846  1.00 18.32 ? 92   ARG A CD  1 
ATOM   693  N NE  . ARG A 1 92  ? 7.778   -12.933 10.754  1.00 18.70 ? 92   ARG A NE  1 
ATOM   694  C CZ  . ARG A 1 92  ? 6.749   -12.763 11.598  1.00 18.33 ? 92   ARG A CZ  1 
ATOM   695  N NH1 . ARG A 1 92  ? 6.848   -11.883 12.587  1.00 19.58 ? 92   ARG A NH1 1 
ATOM   696  N NH2 . ARG A 1 92  ? 5.639   -13.488 11.451  1.00 18.75 ? 92   ARG A NH2 1 
ATOM   697  N N   . TYR A 1 93  ? 9.710   -11.021 6.040   1.00 14.90 ? 93   TYR A N   1 
ATOM   698  C CA  . TYR A 1 93  ? 9.445   -11.788 4.842   1.00 15.06 ? 93   TYR A CA  1 
ATOM   699  C C   . TYR A 1 93  ? 9.588   -13.286 5.049   1.00 15.74 ? 93   TYR A C   1 
ATOM   700  O O   . TYR A 1 93  ? 10.123  -13.726 6.069   1.00 17.12 ? 93   TYR A O   1 
ATOM   701  C CB  . TYR A 1 93  ? 10.434  -11.342 3.787   1.00 15.04 ? 93   TYR A CB  1 
ATOM   702  C CG  . TYR A 1 93  ? 10.326  -9.886  3.439   1.00 14.19 ? 93   TYR A CG  1 
ATOM   703  C CD1 . TYR A 1 93  ? 9.118   -9.341  3.075   1.00 13.87 ? 93   TYR A CD1 1 
ATOM   704  C CD2 . TYR A 1 93  ? 11.431  -9.060  3.441   1.00 12.55 ? 93   TYR A CD2 1 
ATOM   705  C CE1 . TYR A 1 93  ? 9.004   -8.033  2.733   1.00 11.14 ? 93   TYR A CE1 1 
ATOM   706  C CE2 . TYR A 1 93  ? 11.331  -7.742  3.092   1.00 12.03 ? 93   TYR A CE2 1 
ATOM   707  C CZ  . TYR A 1 93  ? 10.105  -7.219  2.725   1.00 12.39 ? 93   TYR A CZ  1 
ATOM   708  O OH  . TYR A 1 93  ? 9.986   -5.894  2.372   1.00 11.35 ? 93   TYR A OH  1 
ATOM   709  N N   . THR A 1 94  ? 9.099   -14.056 4.080   1.00 15.13 ? 94   THR A N   1 
ATOM   710  C CA  . THR A 1 94  ? 9.251   -15.505 4.082   1.00 15.23 ? 94   THR A CA  1 
ATOM   711  C C   . THR A 1 94  ? 9.914   -15.902 2.763   1.00 15.85 ? 94   THR A C   1 
ATOM   712  O O   . THR A 1 94  ? 9.818   -15.201 1.752   1.00 16.47 ? 94   THR A O   1 
ATOM   713  C CB  . THR A 1 94  ? 7.923   -16.253 4.207   1.00 14.78 ? 94   THR A CB  1 
ATOM   714  O OG1 . THR A 1 94  ? 7.074   -15.904 3.110   1.00 14.82 ? 94   THR A OG1 1 
ATOM   715  C CG2 . THR A 1 94  ? 7.153   -15.810 5.437   1.00 15.01 ? 94   THR A CG2 1 
ATOM   716  N N   . GLY A 1 95  ? 10.623  -17.020 2.782   1.00 16.44 ? 95   GLY A N   1 
ATOM   717  C CA  . GLY A 1 95  ? 11.248  -17.539 1.576   1.00 17.18 ? 95   GLY A CA  1 
ATOM   718  C C   . GLY A 1 95  ? 10.254  -18.193 0.636   1.00 17.75 ? 95   GLY A C   1 
ATOM   719  O O   . GLY A 1 95  ? 10.524  -18.308 -0.555  1.00 18.42 ? 95   GLY A O   1 
ATOM   720  N N   . ASN A 1 96  ? 9.107   -18.607 1.165   1.00 18.30 ? 96   ASN A N   1 
ATOM   721  C CA  . ASN A 1 96  ? 8.067   -19.254 0.375   1.00 18.62 ? 96   ASN A CA  1 
ATOM   722  C C   . ASN A 1 96  ? 6.961   -18.291 -0.004  1.00 17.68 ? 96   ASN A C   1 
ATOM   723  O O   . ASN A 1 96  ? 6.799   -17.244 0.599   1.00 17.58 ? 96   ASN A O   1 
ATOM   724  C CB  . ASN A 1 96  ? 7.429   -20.370 1.179   1.00 20.06 ? 96   ASN A CB  1 
ATOM   725  C CG  . ASN A 1 96  ? 7.025   -19.911 2.571   1.00 23.49 ? 96   ASN A CG  1 
ATOM   726  O OD1 . ASN A 1 96  ? 7.883   -19.660 3.436   1.00 32.23 ? 96   ASN A OD1 1 
ATOM   727  N ND2 . ASN A 1 96  ? 5.726   -19.805 2.802   1.00 31.03 ? 96   ASN A ND2 1 
ATOM   728  N N   . GLY A 1 97  ? 6.174   -18.682 -0.988  1.00 15.98 ? 97   GLY A N   1 
ATOM   729  C CA  . GLY A 1 97  ? 5.078   -17.861 -1.436  1.00 14.78 ? 97   GLY A CA  1 
ATOM   730  C C   . GLY A 1 97  ? 5.432   -17.063 -2.670  1.00 14.05 ? 97   GLY A C   1 
ATOM   731  O O   . GLY A 1 97  ? 6.594   -17.005 -3.096  1.00 13.82 ? 97   GLY A O   1 
ATOM   732  N N   . VAL A 1 98  ? 4.403   -16.440 -3.248  1.00 13.57 ? 98   VAL A N   1 
ATOM   733  C CA  . VAL A 1 98  ? 4.563   -15.549 -4.396  1.00 13.28 ? 98   VAL A CA  1 
ATOM   734  C C   . VAL A 1 98  ? 3.826   -14.283 -3.983  1.00 12.55 ? 98   VAL A C   1 
ATOM   735  O O   . VAL A 1 98  ? 2.608   -14.301 -3.785  1.00 11.50 ? 98   VAL A O   1 
ATOM   736  C CB  . VAL A 1 98  ? 3.960   -16.143 -5.675  1.00 14.42 ? 98   VAL A CB  1 
ATOM   737  C CG1 . VAL A 1 98  ? 4.063   -15.177 -6.849  1.00 14.25 ? 98   VAL A CG1 1 
ATOM   738  C CG2 . VAL A 1 98  ? 4.675   -17.454 -6.055  1.00 13.34 ? 98   VAL A CG2 1 
ATOM   739  N N   . TYR A 1 99  ? 4.567   -13.192 -3.822  1.00 12.15 ? 99   TYR A N   1 
ATOM   740  C CA  . TYR A 1 99  ? 3.969   -11.976 -3.305  1.00 11.58 ? 99   TYR A CA  1 
ATOM   741  C C   . TYR A 1 99  ? 4.837   -10.761 -3.476  1.00 11.75 ? 99   TYR A C   1 
ATOM   742  O O   . TYR A 1 99  ? 6.011   -10.858 -3.823  1.00 11.42 ? 99   TYR A O   1 
ATOM   743  C CB  . TYR A 1 99  ? 3.756   -12.148 -1.783  1.00 12.04 ? 99   TYR A CB  1 
ATOM   744  C CG  . TYR A 1 99  ? 5.043   -12.387 -0.986  1.00 12.09 ? 99   TYR A CG  1 
ATOM   745  C CD1 . TYR A 1 99  ? 5.527   -13.656 -0.792  1.00 11.58 ? 99   TYR A CD1 1 
ATOM   746  C CD2 . TYR A 1 99  ? 5.726   -11.327 -0.394  1.00 10.90 ? 99   TYR A CD2 1 
ATOM   747  C CE1 . TYR A 1 99  ? 6.685   -13.866 -0.067  1.00 13.46 ? 99   TYR A CE1 1 
ATOM   748  C CE2 . TYR A 1 99  ? 6.882   -11.527 0.328   1.00 12.43 ? 99   TYR A CE2 1 
ATOM   749  C CZ  . TYR A 1 99  ? 7.353   -12.786 0.487   1.00 12.27 ? 99   TYR A CZ  1 
ATOM   750  O OH  . TYR A 1 99  ? 8.522   -12.935 1.256   1.00 14.30 ? 99   TYR A OH  1 
ATOM   751  N N   . ASN A 1 100 ? 4.248   -9.605  -3.185  1.00 10.98 ? 100  ASN A N   1 
ATOM   752  C CA  . ASN A 1 100 ? 5.021   -8.392  -3.017  1.00 10.84 ? 100  ASN A CA  1 
ATOM   753  C C   . ASN A 1 100 ? 4.731   -7.824  -1.632  1.00 10.22 ? 100  ASN A C   1 
ATOM   754  O O   . ASN A 1 100 ? 3.814   -8.277  -0.936  1.00 10.65 ? 100  ASN A O   1 
ATOM   755  C CB  . ASN A 1 100 ? 4.778   -7.351  -4.112  1.00 11.02 ? 100  ASN A CB  1 
ATOM   756  C CG  . ASN A 1 100 ? 3.416   -6.693  -4.050  1.00 12.42 ? 100  ASN A CG  1 
ATOM   757  O OD1 . ASN A 1 100 ? 2.886   -6.410  -2.984  1.00 11.53 ? 100  ASN A OD1 1 
ATOM   758  N ND2 . ASN A 1 100 ? 2.849   -6.404  -5.234  1.00 13.31 ? 100  ASN A ND2 1 
ATOM   759  N N   . ALA A 1 101 ? 5.578   -6.897  -1.226  1.00 10.82 ? 101  ALA A N   1 
ATOM   760  C CA  . ALA A 1 101 ? 5.330   -6.074  -0.053  1.00 10.31 ? 101  ALA A CA  1 
ATOM   761  C C   . ALA A 1 101 ? 5.342   -4.682  -0.627  1.00 10.62 ? 101  ALA A C   1 
ATOM   762  O O   . ALA A 1 101 ? 6.276   -4.320  -1.364  1.00 11.63 ? 101  ALA A O   1 
ATOM   763  C CB  . ALA A 1 101 ? 6.427   -6.248  1.005   1.00 9.96  ? 101  ALA A CB  1 
ATOM   764  N N   . ALA A 1 102 ? 4.299   -3.900  -0.350  1.00 10.21 ? 102  ALA A N   1 
ATOM   765  C CA  . ALA A 1 102 ? 4.155   -2.605  -0.989  1.00 9.69  ? 102  ALA A CA  1 
ATOM   766  C C   . ALA A 1 102 ? 3.320   -1.586  -0.232  1.00 10.37 ? 102  ALA A C   1 
ATOM   767  O O   . ALA A 1 102 ? 2.397   -1.951  0.498   1.00 10.44 ? 102  ALA A O   1 
ATOM   768  C CB  . ALA A 1 102 ? 3.526   -2.790  -2.402  1.00 10.72 ? 102  ALA A CB  1 
ATOM   769  N N   . TYR A 1 103 ? 3.703   -0.318  -0.411  1.00 10.52 ? 103  TYR A N   1 
ATOM   770  C CA  . TYR A 1 103 ? 2.867   0.825   -0.056  1.00 10.58 ? 103  TYR A CA  1 
ATOM   771  C C   . TYR A 1 103 ? 1.858   0.999   -1.191  1.00 10.66 ? 103  TYR A C   1 
ATOM   772  O O   . TYR A 1 103 ? 2.194   0.771   -2.378  1.00 11.08 ? 103  TYR A O   1 
ATOM   773  C CB  . TYR A 1 103 ? 3.649   2.124   0.067   1.00 10.52 ? 103  TYR A CB  1 
ATOM   774  C CG  . TYR A 1 103 ? 4.155   2.432   1.442   1.00 10.15 ? 103  TYR A CG  1 
ATOM   775  C CD1 . TYR A 1 103 ? 5.209   1.744   1.960   1.00 11.04 ? 103  TYR A CD1 1 
ATOM   776  C CD2 . TYR A 1 103 ? 3.596   3.435   2.186   1.00 10.55 ? 103  TYR A CD2 1 
ATOM   777  C CE1 . TYR A 1 103 ? 5.688   2.023   3.191   1.00 10.18 ? 103  TYR A CE1 1 
ATOM   778  C CE2 . TYR A 1 103 ? 4.060   3.721   3.444   1.00 10.52 ? 103  TYR A CE2 1 
ATOM   779  C CZ  . TYR A 1 103 ? 5.111   3.016   3.937   1.00 11.05 ? 103  TYR A CZ  1 
ATOM   780  O OH  . TYR A 1 103 ? 5.577   3.335   5.211   1.00 11.66 ? 103  TYR A OH  1 
ATOM   781  N N   . ASP A 1 104 ? 0.656   1.424   -0.811  1.00 10.87 ? 104  ASP A N   1 
ATOM   782  C CA  . ASP A 1 104 ? -0.428  1.789   -1.735  1.00 10.93 ? 104  ASP A CA  1 
ATOM   783  C C   . ASP A 1 104 ? -0.856  3.163   -1.247  1.00 10.64 ? 104  ASP A C   1 
ATOM   784  O O   . ASP A 1 104 ? -1.371  3.304   -0.116  1.00 10.62 ? 104  ASP A O   1 
ATOM   785  C CB  . ASP A 1 104 ? -1.566  0.799   -1.645  1.00 11.09 ? 104  ASP A CB  1 
ATOM   786  C CG  . ASP A 1 104 ? -2.268  0.554   -2.951  1.00 13.59 ? 104  ASP A CG  1 
ATOM   787  O OD1 . ASP A 1 104 ? -1.722  0.778   -4.064  1.00 14.66 ? 104  ASP A OD1 1 
ATOM   788  O OD2 . ASP A 1 104 ? -3.402  0.052   -2.926  1.00 15.18 ? 104  ASP A OD2 1 
ATOM   789  N N   . ILE A 1 105 ? -0.587  4.185   -2.062  1.00 11.03 ? 105  ILE A N   1 
ATOM   790  C CA  . ILE A 1 105 ? -0.842  5.570   -1.708  1.00 10.85 ? 105  ILE A CA  1 
ATOM   791  C C   . ILE A 1 105 ? -1.807  6.150   -2.718  1.00 11.05 ? 105  ILE A C   1 
ATOM   792  O O   . ILE A 1 105 ? -1.571  6.066   -3.932  1.00 10.94 ? 105  ILE A O   1 
ATOM   793  C CB  . ILE A 1 105 ? 0.470   6.358   -1.704  1.00 11.44 ? 105  ILE A CB  1 
ATOM   794  C CG1 . ILE A 1 105 ? 1.425   5.782   -0.657  1.00 12.89 ? 105  ILE A CG1 1 
ATOM   795  C CG2 . ILE A 1 105 ? 0.210   7.845   -1.455  1.00 11.36 ? 105  ILE A CG2 1 
ATOM   796  C CD1 . ILE A 1 105 ? 2.875   6.054   -0.975  1.00 14.09 ? 105  ILE A CD1 1 
ATOM   797  N N   . TRP A 1 106 ? -2.906  6.710   -2.235  1.00 10.81 ? 106  TRP A N   1 
ATOM   798  C CA  . TRP A 1 106 ? -3.950  7.191   -3.141  1.00 10.57 ? 106  TRP A CA  1 
ATOM   799  C C   . TRP A 1 106 ? -4.106  8.710   -3.262  1.00 11.61 ? 106  TRP A C   1 
ATOM   800  O O   . TRP A 1 106 ? -4.061  9.439   -2.271  1.00 11.75 ? 106  TRP A O   1 
ATOM   801  C CB  . TRP A 1 106 ? -5.274  6.601   -2.719  1.00 10.50 ? 106  TRP A CB  1 
ATOM   802  C CG  . TRP A 1 106 ? -5.384  5.119   -2.856  1.00 9.67  ? 106  TRP A CG  1 
ATOM   803  C CD1 . TRP A 1 106 ? -5.171  4.197   -1.877  1.00 10.72 ? 106  TRP A CD1 1 
ATOM   804  C CD2 . TRP A 1 106 ? -5.770  4.375   -4.023  1.00 11.51 ? 106  TRP A CD2 1 
ATOM   805  N NE1 . TRP A 1 106 ? -5.406  2.935   -2.352  1.00 10.64 ? 106  TRP A NE1 1 
ATOM   806  C CE2 . TRP A 1 106 ? -5.754  3.015   -3.676  1.00 11.61 ? 106  TRP A CE2 1 
ATOM   807  C CE3 . TRP A 1 106 ? -6.106  4.724   -5.334  1.00 13.04 ? 106  TRP A CE3 1 
ATOM   808  C CZ2 . TRP A 1 106 ? -6.090  2.004   -4.561  1.00 14.42 ? 106  TRP A CZ2 1 
ATOM   809  C CZ3 . TRP A 1 106 ? -6.443  3.702   -6.223  1.00 12.19 ? 106  TRP A CZ3 1 
ATOM   810  C CH2 . TRP A 1 106 ? -6.437  2.372   -5.829  1.00 13.43 ? 106  TRP A CH2 1 
ATOM   811  N N   . LEU A 1 107 ? -4.318  9.158   -4.505  1.00 11.94 ? 107  LEU A N   1 
ATOM   812  C CA  . LEU A 1 107 ? -4.547  10.569  -4.838  1.00 12.94 ? 107  LEU A CA  1 
ATOM   813  C C   . LEU A 1 107 ? -5.844  10.709  -5.649  1.00 12.92 ? 107  LEU A C   1 
ATOM   814  O O   . LEU A 1 107 ? -6.249  9.787   -6.355  1.00 13.10 ? 107  LEU A O   1 
ATOM   815  C CB  . LEU A 1 107 ? -3.399  11.153  -5.671  1.00 12.22 ? 107  LEU A CB  1 
ATOM   816  C CG  . LEU A 1 107 ? -1.964  10.867  -5.240  1.00 12.85 ? 107  LEU A CG  1 
ATOM   817  C CD1 . LEU A 1 107 ? -0.991  11.553  -6.194  1.00 13.65 ? 107  LEU A CD1 1 
ATOM   818  C CD2 . LEU A 1 107 ? -1.720  11.337  -3.826  1.00 13.95 ? 107  LEU A CD2 1 
ATOM   819  N N   . ASP A 1 108 ? -6.491  11.858  -5.507  1.00 13.50 ? 108  ASP A N   1 
ATOM   820  C CA  . ASP A 1 108 ? -7.731  12.107  -6.221  1.00 13.83 ? 108  ASP A CA  1 
ATOM   821  C C   . ASP A 1 108 ? -7.826  13.608  -6.476  1.00 14.14 ? 108  ASP A C   1 
ATOM   822  O O   . ASP A 1 108 ? -7.234  14.410  -5.764  1.00 13.34 ? 108  ASP A O   1 
ATOM   823  C CB  . ASP A 1 108 ? -8.910  11.609  -5.391  1.00 13.95 ? 108  ASP A CB  1 
ATOM   824  C CG  . ASP A 1 108 ? -10.156 11.401  -6.220  1.00 14.83 ? 108  ASP A CG  1 
ATOM   825  O OD1 . ASP A 1 108 ? -10.232 10.360  -6.906  1.00 13.87 ? 108  ASP A OD1 1 
ATOM   826  O OD2 . ASP A 1 108 ? -11.103 12.208  -6.179  1.00 15.55 ? 108  ASP A OD2 1 
ATOM   827  N N   . PRO A 1 109 ? -8.535  14.023  -7.522  1.00 15.00 ? 109  PRO A N   1 
ATOM   828  C CA  . PRO A 1 109 ? -8.737  15.455  -7.731  1.00 15.22 ? 109  PRO A CA  1 
ATOM   829  C C   . PRO A 1 109 ? -9.689  16.069  -6.705  1.00 15.65 ? 109  PRO A C   1 
ATOM   830  O O   . PRO A 1 109 ? -9.742  17.297  -6.588  1.00 17.43 ? 109  PRO A O   1 
ATOM   831  C CB  . PRO A 1 109 ? -9.340  15.508  -9.148  1.00 14.71 ? 109  PRO A CB  1 
ATOM   832  C CG  . PRO A 1 109 ? -9.959  14.220  -9.322  1.00 14.79 ? 109  PRO A CG  1 
ATOM   833  C CD  . PRO A 1 109 ? -9.047  13.233  -8.646  1.00 15.54 ? 109  PRO A CD  1 
ATOM   834  N N   . THR A 1 110 ? -10.449 15.231  -5.989  1.00 16.38 ? 110  THR A N   1 
ATOM   835  C CA  . THR A 1 110 ? -11.316 15.696  -4.910  1.00 16.94 ? 110  THR A CA  1 
ATOM   836  C C   . THR A 1 110 ? -10.812 15.215  -3.555  1.00 17.13 ? 110  THR A C   1 
ATOM   837  O O   . THR A 1 110 ? -9.988  14.304  -3.522  1.00 16.80 ? 110  THR A O   1 
ATOM   838  C CB  . THR A 1 110 ? -12.720 15.175  -5.131  1.00 17.53 ? 110  THR A CB  1 
ATOM   839  O OG1 . THR A 1 110 ? -12.758 13.754  -4.944  1.00 17.55 ? 110  THR A OG1 1 
ATOM   840  C CG2 . THR A 1 110 ? -13.135 15.379  -6.594  1.00 19.15 ? 110  THR A CG2 1 
ATOM   841  N N   . PRO A 1 111 ? -11.277 15.821  -2.456  1.00 16.72 ? 111  PRO A N   1 
ATOM   842  C CA  . PRO A 1 111 ? -10.888 15.396  -1.100  1.00 16.68 ? 111  PRO A CA  1 
ATOM   843  C C   . PRO A 1 111 ? -11.703 14.176  -0.721  1.00 16.44 ? 111  PRO A C   1 
ATOM   844  O O   . PRO A 1 111 ? -12.527 14.182  0.194   1.00 16.67 ? 111  PRO A O   1 
ATOM   845  C CB  . PRO A 1 111 ? -11.240 16.616  -0.240  1.00 16.78 ? 111  PRO A CB  1 
ATOM   846  C CG  . PRO A 1 111 ? -12.466 17.174  -0.952  1.00 17.27 ? 111  PRO A CG  1 
ATOM   847  C CD  . PRO A 1 111 ? -12.126 17.030  -2.403  1.00 17.22 ? 111  PRO A CD  1 
ATOM   848  N N   . ARG A 1 112 ? -11.415 13.108  -1.455  1.00 16.52 ? 112  ARG A N   1 
ATOM   849  C CA  . ARG A 1 112 ? -12.163 11.861  -1.430  1.00 16.42 ? 112  ARG A CA  1 
ATOM   850  C C   . ARG A 1 112 ? -11.921 11.024  -0.185  1.00 16.25 ? 112  ARG A C   1 
ATOM   851  O O   . ARG A 1 112 ? -10.788 10.831  0.242   1.00 17.13 ? 112  ARG A O   1 
ATOM   852  C CB  . ARG A 1 112 ? -11.780 11.036  -2.656  1.00 16.38 ? 112  ARG A CB  1 
ATOM   853  C CG  . ARG A 1 112 ? -12.645 9.834   -2.909  1.00 17.67 ? 112  ARG A CG  1 
ATOM   854  C CD  . ARG A 1 112 ? -12.448 9.220   -4.281  1.00 17.33 ? 112  ARG A CD  1 
ATOM   855  N NE  . ARG A 1 112 ? -13.098 9.961   -5.365  1.00 17.62 ? 112  ARG A NE  1 
ATOM   856  C CZ  . ARG A 1 112 ? -14.388 9.891   -5.658  1.00 18.22 ? 112  ARG A CZ  1 
ATOM   857  N NH1 . ARG A 1 112 ? -15.211 9.149   -4.931  1.00 17.99 ? 112  ARG A NH1 1 
ATOM   858  N NH2 . ARG A 1 112 ? -14.857 10.587  -6.690  1.00 18.57 ? 112  ARG A NH2 1 
ATOM   859  N N   . THR A 1 113 ? -13.003 10.522  0.380   1.00 16.24 ? 113  THR A N   1 
ATOM   860  C CA  . THR A 1 113 ? -12.929 9.655   1.547   1.00 15.88 ? 113  THR A CA  1 
ATOM   861  C C   . THR A 1 113 ? -13.515 8.268   1.291   1.00 15.07 ? 113  THR A C   1 
ATOM   862  O O   . THR A 1 113 ? -13.291 7.354   2.078   1.00 15.31 ? 113  THR A O   1 
ATOM   863  C CB  . THR A 1 113 ? -13.638 10.263  2.742   1.00 15.69 ? 113  THR A CB  1 
ATOM   864  O OG1 . THR A 1 113 ? -15.012 10.485  2.413   1.00 17.20 ? 113  THR A OG1 1 
ATOM   865  C CG2 . THR A 1 113 ? -13.055 11.635  3.097   1.00 16.86 ? 113  THR A CG2 1 
ATOM   866  N N   . ASN A 1 114 ? -14.223 8.099   0.177   1.00 14.14 ? 114  ASN A N   1 
ATOM   867  C CA  . ASN A 1 114 ? -14.871 6.844   -0.148  1.00 14.10 ? 114  ASN A CA  1 
ATOM   868  C C   . ASN A 1 114 ? -14.902 6.734   -1.678  1.00 14.28 ? 114  ASN A C   1 
ATOM   869  O O   . ASN A 1 114 ? -14.754 7.738   -2.395  1.00 14.97 ? 114  ASN A O   1 
ATOM   870  C CB  . ASN A 1 114 ? -16.280 6.840   0.497   1.00 13.61 ? 114  ASN A CB  1 
ATOM   871  C CG  . ASN A 1 114 ? -16.849 5.452   0.771   1.00 13.38 ? 114  ASN A CG  1 
ATOM   872  O OD1 . ASN A 1 114 ? -17.662 5.290   1.702   1.00 16.94 ? 114  ASN A OD1 1 
ATOM   873  N ND2 . ASN A 1 114 ? -16.488 4.464   -0.027  1.00 10.36 ? 114  ASN A ND2 1 
ATOM   874  N N   . GLY A 1 115 ? -15.070 5.517   -2.169  1.00 14.11 ? 115  GLY A N   1 
ATOM   875  C CA  . GLY A 1 115 ? -15.067 5.246   -3.587  1.00 14.43 ? 115  GLY A CA  1 
ATOM   876  C C   . GLY A 1 115 ? -13.680 5.101   -4.155  1.00 14.90 ? 115  GLY A C   1 
ATOM   877  O O   . GLY A 1 115 ? -12.669 5.343   -3.486  1.00 14.69 ? 115  GLY A O   1 
ATOM   878  N N   . VAL A 1 116 ? -13.625 4.688   -5.415  1.00 15.34 ? 116  VAL A N   1 
ATOM   879  C CA  . VAL A 1 116 ? -12.356 4.515   -6.090  1.00 16.09 ? 116  VAL A CA  1 
ATOM   880  C C   . VAL A 1 116 ? -11.680 5.866   -6.307  1.00 15.26 ? 116  VAL A C   1 
ATOM   881  O O   . VAL A 1 116 ? -12.306 6.825   -6.735  1.00 16.25 ? 116  VAL A O   1 
ATOM   882  C CB  . VAL A 1 116 ? -12.523 3.847   -7.466  1.00 17.32 ? 116  VAL A CB  1 
ATOM   883  C CG1 . VAL A 1 116 ? -11.169 3.672   -8.111  1.00 19.31 ? 116  VAL A CG1 1 
ATOM   884  C CG2 . VAL A 1 116 ? -13.249 2.511   -7.349  1.00 19.01 ? 116  VAL A CG2 1 
ATOM   885  N N   . ASN A 1 117 ? -10.393 5.937   -5.976  1.00 14.15 ? 117  ASN A N   1 
ATOM   886  C CA  . ASN A 1 117 ? -9.596  7.122   -6.230  1.00 13.75 ? 117  ASN A CA  1 
ATOM   887  C C   . ASN A 1 117 ? -8.954  7.022   -7.613  1.00 13.10 ? 117  ASN A C   1 
ATOM   888  O O   . ASN A 1 117 ? -8.703  5.933   -8.100  1.00 13.31 ? 117  ASN A O   1 
ATOM   889  C CB  . ASN A 1 117 ? -8.479  7.240   -5.184  1.00 13.52 ? 117  ASN A CB  1 
ATOM   890  C CG  . ASN A 1 117 ? -8.957  7.808   -3.843  1.00 12.48 ? 117  ASN A CG  1 
ATOM   891  O OD1 . ASN A 1 117 ? -8.452  8.842   -3.384  1.00 15.24 ? 117  ASN A OD1 1 
ATOM   892  N ND2 . ASN A 1 117 ? -9.896  7.117   -3.192  1.00 14.34 ? 117  ASN A ND2 1 
ATOM   893  N N   . ARG A 1 118 ? -8.653  8.167   -8.221  1.00 13.24 ? 118  ARG A N   1 
ATOM   894  C CA  . ARG A 1 118 ? -8.132  8.215   -9.584  1.00 13.59 ? 118  ARG A CA  1 
ATOM   895  C C   . ARG A 1 118 ? -6.712  7.713   -9.766  1.00 13.28 ? 118  ARG A C   1 
ATOM   896  O O   . ARG A 1 118 ? -6.406  7.092   -10.775 1.00 13.48 ? 118  ARG A O   1 
ATOM   897  C CB  . ARG A 1 118 ? -8.206  9.645   -10.118 1.00 14.08 ? 118  ARG A CB  1 
ATOM   898  C CG  . ARG A 1 118 ? -9.618  10.111  -10.487 1.00 15.35 ? 118  ARG A CG  1 
ATOM   899  C CD  . ARG A 1 118 ? -10.373 9.135   -11.359 1.00 14.53 ? 118  ARG A CD  1 
ATOM   900  N NE  . ARG A 1 118 ? -9.525  8.681   -12.449 1.00 16.42 ? 118  ARG A NE  1 
ATOM   901  C CZ  . ARG A 1 118 ? -9.552  7.466   -12.980 1.00 18.48 ? 118  ARG A CZ  1 
ATOM   902  N NH1 . ARG A 1 118 ? -10.430 6.562   -12.567 1.00 19.15 ? 118  ARG A NH1 1 
ATOM   903  N NH2 . ARG A 1 118 ? -8.692  7.149   -13.928 1.00 20.31 ? 118  ARG A NH2 1 
ATOM   904  N N   . THR A 1 119 ? -5.842  8.002   -8.810  1.00 13.11 ? 119  THR A N   1 
ATOM   905  C CA  . THR A 1 119 ? -4.439  7.646   -8.960  1.00 13.10 ? 119  THR A CA  1 
ATOM   906  C C   . THR A 1 119 ? -3.897  6.859   -7.781  1.00 12.88 ? 119  THR A C   1 
ATOM   907  O O   . THR A 1 119 ? -4.126  7.221   -6.625  1.00 12.78 ? 119  THR A O   1 
ATOM   908  C CB  . THR A 1 119 ? -3.586  8.911   -9.210  1.00 13.16 ? 119  THR A CB  1 
ATOM   909  O OG1 . THR A 1 119 ? -3.832  9.412   -10.541 1.00 14.80 ? 119  THR A OG1 1 
ATOM   910  C CG2 . THR A 1 119 ? -2.086  8.572   -9.179  1.00 12.77 ? 119  THR A CG2 1 
ATOM   911  N N   . GLU A 1 120 ? -3.202  5.783   -8.113  1.00 12.96 ? 120  GLU A N   1 
ATOM   912  C CA  . GLU A 1 120 ? -2.612  4.853   -7.163  1.00 13.17 ? 120  GLU A CA  1 
ATOM   913  C C   . GLU A 1 120 ? -1.100  4.818   -7.325  1.00 13.31 ? 120  GLU A C   1 
ATOM   914  O O   . GLU A 1 120 ? -0.582  4.601   -8.417  1.00 14.39 ? 120  GLU A O   1 
ATOM   915  C CB  . GLU A 1 120 ? -3.219  3.461   -7.390  1.00 12.98 ? 120  GLU A CB  1 
ATOM   916  C CG  . GLU A 1 120 ? -2.798  2.382   -6.395  1.00 12.60 ? 120  GLU A CG  1 
ATOM   917  C CD  . GLU A 1 120 ? -3.419  1.020   -6.697  1.00 12.55 ? 120  GLU A CD  1 
ATOM   918  O OE1 . GLU A 1 120 ? -4.159  0.907   -7.716  1.00 13.62 ? 120  GLU A OE1 1 
ATOM   919  O OE2 . GLU A 1 120 ? -3.144  0.041   -5.960  1.00 13.72 ? 120  GLU A OE2 1 
ATOM   920  N N   . ILE A 1 121 ? -0.400  5.084   -6.232  1.00 12.94 ? 121  ILE A N   1 
ATOM   921  C CA  . ILE A 1 121 ? 1.046   5.034   -6.205  1.00 12.50 ? 121  ILE A CA  1 
ATOM   922  C C   . ILE A 1 121 ? 1.406   3.788   -5.424  1.00 12.65 ? 121  ILE A C   1 
ATOM   923  O O   . ILE A 1 121 ? 0.979   3.681   -4.277  1.00 12.80 ? 121  ILE A O   1 
ATOM   924  C CB  . ILE A 1 121 ? 1.609   6.256   -5.470  1.00 12.58 ? 121  ILE A CB  1 
ATOM   925  C CG1 . ILE A 1 121 ? 1.237   7.569   -6.148  1.00 12.64 ? 121  ILE A CG1 1 
ATOM   926  C CG2 . ILE A 1 121 ? 3.134   6.136   -5.304  1.00 13.37 ? 121  ILE A CG2 1 
ATOM   927  C CD1 . ILE A 1 121 ? 1.656   8.803   -5.372  1.00 14.02 ? 121  ILE A CD1 1 
ATOM   928  N N   . MET A 1 122 ? 2.138   2.845   -6.015  1.00 12.80 ? 122  MET A N   1 
ATOM   929  C CA  . MET A 1 122 ? 2.607   1.690   -5.273  1.00 12.82 ? 122  MET A CA  1 
ATOM   930  C C   . MET A 1 122 ? 4.120   1.769   -5.152  1.00 13.16 ? 122  MET A C   1 
ATOM   931  O O   . MET A 1 122 ? 4.809   2.054   -6.126  1.00 12.71 ? 122  MET A O   1 
ATOM   932  C CB  . MET A 1 122 ? 2.231   0.380   -5.960  1.00 13.59 ? 122  MET A CB  1 
ATOM   933  C CG  . MET A 1 122 ? 0.745   0.201   -6.117  1.00 14.30 ? 122  MET A CG  1 
ATOM   934  S SD  . MET A 1 122 ? 0.291   -1.515  -6.322  1.00 17.30 ? 122  MET A SD  1 
ATOM   935  C CE  . MET A 1 122 ? 0.499   -2.050  -4.732  1.00 19.89 ? 122  MET A CE  1 
ATOM   936  N N   . ILE A 1 123 ? 4.622   1.488   -3.966  1.00 12.78 ? 123  ILE A N   1 
ATOM   937  C CA  . ILE A 1 123 ? 6.056   1.426   -3.752  1.00 12.66 ? 123  ILE A CA  1 
ATOM   938  C C   . ILE A 1 123 ? 6.340   0.000   -3.323  1.00 12.68 ? 123  ILE A C   1 
ATOM   939  O O   . ILE A 1 123 ? 5.982   -0.420  -2.211  1.00 13.11 ? 123  ILE A O   1 
ATOM   940  C CB  . ILE A 1 123 ? 6.549   2.418   -2.678  1.00 12.46 ? 123  ILE A CB  1 
ATOM   941  C CG1 . ILE A 1 123 ? 6.025   3.832   -2.928  1.00 12.52 ? 123  ILE A CG1 1 
ATOM   942  C CG2 . ILE A 1 123 ? 8.070   2.419   -2.636  1.00 12.93 ? 123  ILE A CG2 1 
ATOM   943  C CD1 . ILE A 1 123 ? 6.347   4.790   -1.767  1.00 11.84 ? 123  ILE A CD1 1 
ATOM   944  N N   . TRP A 1 124 ? 6.948   -0.769  -4.227  1.00 12.58 ? 124  TRP A N   1 
ATOM   945  C CA  . TRP A 1 124 ? 7.254   -2.171  -3.957  1.00 12.23 ? 124  TRP A CA  1 
ATOM   946  C C   . TRP A 1 124 ? 8.580   -2.332  -3.254  1.00 12.47 ? 124  TRP A C   1 
ATOM   947  O O   . TRP A 1 124 ? 9.625   -2.131  -3.853  1.00 13.41 ? 124  TRP A O   1 
ATOM   948  C CB  . TRP A 1 124 ? 7.253   -2.997  -5.261  1.00 13.02 ? 124  TRP A CB  1 
ATOM   949  C CG  . TRP A 1 124 ? 5.917   -3.148  -5.943  1.00 12.50 ? 124  TRP A CG  1 
ATOM   950  C CD1 . TRP A 1 124 ? 4.871   -2.253  -5.957  1.00 15.68 ? 124  TRP A CD1 1 
ATOM   951  C CD2 . TRP A 1 124 ? 5.487   -4.265  -6.730  1.00 13.06 ? 124  TRP A CD2 1 
ATOM   952  N NE1 . TRP A 1 124 ? 3.830   -2.757  -6.707  1.00 15.35 ? 124  TRP A NE1 1 
ATOM   953  C CE2 . TRP A 1 124 ? 4.180   -3.993  -7.182  1.00 13.92 ? 124  TRP A CE2 1 
ATOM   954  C CE3 . TRP A 1 124 ? 6.074   -5.478  -7.100  1.00 14.30 ? 124  TRP A CE3 1 
ATOM   955  C CZ2 . TRP A 1 124 ? 3.463   -4.890  -7.982  1.00 13.52 ? 124  TRP A CZ2 1 
ATOM   956  C CZ3 . TRP A 1 124 ? 5.346   -6.373  -7.877  1.00 13.33 ? 124  TRP A CZ3 1 
ATOM   957  C CH2 . TRP A 1 124 ? 4.064   -6.072  -8.307  1.00 12.18 ? 124  TRP A CH2 1 
ATOM   958  N N   . PHE A 1 125 ? 8.515   -2.697  -1.980  1.00 11.89 ? 125  PHE A N   1 
ATOM   959  C CA  . PHE A 1 125 ? 9.702   -2.936  -1.163  1.00 12.10 ? 125  PHE A CA  1 
ATOM   960  C C   . PHE A 1 125 ? 10.312  -4.311  -1.420  1.00 12.58 ? 125  PHE A C   1 
ATOM   961  O O   . PHE A 1 125 ? 11.483  -4.527  -1.143  1.00 12.34 ? 125  PHE A O   1 
ATOM   962  C CB  . PHE A 1 125 ? 9.357   -2.898  0.316   1.00 12.68 ? 125  PHE A CB  1 
ATOM   963  C CG  . PHE A 1 125 ? 9.294   -1.510  0.918   1.00 13.13 ? 125  PHE A CG  1 
ATOM   964  C CD1 . PHE A 1 125 ? 8.650   -0.472  0.275   1.00 13.34 ? 125  PHE A CD1 1 
ATOM   965  C CD2 . PHE A 1 125 ? 9.835   -1.276  2.182   1.00 13.23 ? 125  PHE A CD2 1 
ATOM   966  C CE1 . PHE A 1 125 ? 8.575   0.787   0.868   1.00 12.65 ? 125  PHE A CE1 1 
ATOM   967  C CE2 . PHE A 1 125 ? 9.757   -0.025  2.758   1.00 13.05 ? 125  PHE A CE2 1 
ATOM   968  C CZ  . PHE A 1 125 ? 9.117   1.008   2.093   1.00 12.37 ? 125  PHE A CZ  1 
ATOM   969  N N   . ASN A 1 126 ? 9.513   -5.267  -1.864  1.00 12.64 ? 126  ASN A N   1 
ATOM   970  C CA  . ASN A 1 126 ? 10.025  -6.607  -2.099  1.00 13.17 ? 126  ASN A CA  1 
ATOM   971  C C   . ASN A 1 126 ? 9.126   -7.364  -3.067  1.00 13.93 ? 126  ASN A C   1 
ATOM   972  O O   . ASN A 1 126 ? 7.929   -7.074  -3.185  1.00 13.49 ? 126  ASN A O   1 
ATOM   973  C CB  . ASN A 1 126 ? 10.192  -7.345  -0.748  1.00 13.20 ? 126  ASN A CB  1 
ATOM   974  C CG  . ASN A 1 126 ? 11.029  -8.632  -0.868  1.00 14.16 ? 126  ASN A CG  1 
ATOM   975  O OD1 . ASN A 1 126 ? 11.804  -8.801  -1.819  1.00 14.44 ? 126  ASN A OD1 1 
ATOM   976  N ND2 . ASN A 1 126 ? 10.872  -9.534  0.092   1.00 15.18 ? 126  ASN A ND2 1 
ATOM   977  N N   . ARG A 1 127 ? 9.729   -8.327  -3.765  1.00 14.60 ? 127  ARG A N   1 
ATOM   978  C CA  . ARG A 1 127 ? 9.066   -9.191  -4.725  1.00 15.67 ? 127  ARG A CA  1 
ATOM   979  C C   . ARG A 1 127 ? 9.629   -10.583 -4.518  1.00 15.68 ? 127  ARG A C   1 
ATOM   980  O O   . ARG A 1 127 ? 10.853  -10.746 -4.511  1.00 16.96 ? 127  ARG A O   1 
ATOM   981  C CB  . ARG A 1 127 ? 9.450   -8.789  -6.144  1.00 16.16 ? 127  ARG A CB  1 
ATOM   982  C CG  . ARG A 1 127 ? 8.806   -7.540  -6.650  1.00 19.53 ? 127  ARG A CG  1 
ATOM   983  C CD  . ARG A 1 127 ? 9.326   -7.083  -8.035  1.00 22.61 ? 127  ARG A CD  1 
ATOM   984  N NE  . ARG A 1 127 ? 10.721  -6.639  -7.962  1.00 25.19 ? 127  ARG A NE  1 
ATOM   985  C CZ  . ARG A 1 127 ? 11.548  -6.486  -9.004  1.00 27.73 ? 127  ARG A CZ  1 
ATOM   986  N NH1 . ARG A 1 127 ? 11.141  -6.727  -10.253 1.00 27.33 ? 127  ARG A NH1 1 
ATOM   987  N NH2 . ARG A 1 127 ? 12.798  -6.076  -8.783  1.00 28.01 ? 127  ARG A NH2 1 
ATOM   988  N N   . VAL A 1 128 ? 8.755   -11.567 -4.345  1.00 15.23 ? 128  VAL A N   1 
ATOM   989  C CA  . VAL A 1 128 ? 9.166   -12.954 -4.243  1.00 15.39 ? 128  VAL A CA  1 
ATOM   990  C C   . VAL A 1 128 ? 8.341   -13.702 -5.270  1.00 15.42 ? 128  VAL A C   1 
ATOM   991  O O   . VAL A 1 128 ? 7.109   -13.639 -5.255  1.00 14.01 ? 128  VAL A O   1 
ATOM   992  C CB  . VAL A 1 128 ? 8.967   -13.520 -2.843  1.00 16.19 ? 128  VAL A CB  1 
ATOM   993  C CG1 . VAL A 1 128 ? 9.250   -15.014 -2.832  1.00 17.53 ? 128  VAL A CG1 1 
ATOM   994  C CG2 . VAL A 1 128 ? 9.896   -12.775 -1.853  1.00 16.84 ? 128  VAL A CG2 1 
ATOM   995  N N   . GLY A 1 129 ? 9.011   -14.393 -6.188  1.00 15.52 ? 129  GLY A N   1 
ATOM   996  C CA  . GLY A 1 129 ? 8.284   -15.058 -7.248  1.00 15.60 ? 129  GLY A CA  1 
ATOM   997  C C   . GLY A 1 129 ? 8.125   -14.100 -8.414  1.00 15.55 ? 129  GLY A C   1 
ATOM   998  O O   . GLY A 1 129 ? 8.490   -12.921 -8.319  1.00 15.73 ? 129  GLY A O   1 
ATOM   999  N N   . PRO A 1 130 ? 7.563   -14.598 -9.514  1.00 15.60 ? 130  PRO A N   1 
ATOM   1000 C CA  . PRO A 1 130 ? 7.439   -13.834 -10.761 1.00 15.89 ? 130  PRO A CA  1 
ATOM   1001 C C   . PRO A 1 130 ? 6.245   -12.889 -10.834 1.00 16.23 ? 130  PRO A C   1 
ATOM   1002 O O   . PRO A 1 130 ? 5.373   -13.024 -11.675 1.00 16.68 ? 130  PRO A O   1 
ATOM   1003 C CB  . PRO A 1 130 ? 7.333   -14.943 -11.814 1.00 15.87 ? 130  PRO A CB  1 
ATOM   1004 C CG  . PRO A 1 130 ? 6.595   -16.030 -11.110 1.00 14.60 ? 130  PRO A CG  1 
ATOM   1005 C CD  . PRO A 1 130 ? 7.095   -15.985 -9.680  1.00 15.76 ? 130  PRO A CD  1 
ATOM   1006 N N   . VAL A 1 131 ? 6.276   -11.906 -9.950  1.00 17.58 ? 131  VAL A N   1 
ATOM   1007 C CA  . VAL A 1 131 ? 5.244   -10.903 -9.771  1.00 17.96 ? 131  VAL A CA  1 
ATOM   1008 C C   . VAL A 1 131 ? 5.718   -9.653  -10.522 1.00 17.40 ? 131  VAL A C   1 
ATOM   1009 O O   . VAL A 1 131 ? 6.916   -9.397  -10.596 1.00 16.57 ? 131  VAL A O   1 
ATOM   1010 C CB  . VAL A 1 131 ? 5.183   -10.687 -8.254  1.00 17.77 ? 131  VAL A CB  1 
ATOM   1011 C CG1 . VAL A 1 131 ? 4.245   -11.502 -7.459  1.00 20.55 ? 131  VAL A CG1 1 
ATOM   1012 C CG2 . VAL A 1 131 ? 6.197   -9.871  -7.632  1.00 20.58 ? 131  VAL A CG2 1 
ATOM   1013 N N   . GLN A 1 132 ? 4.792   -8.908  -11.114 1.00 17.69 ? 132  GLN A N   1 
ATOM   1014 C CA  . GLN A 1 132 ? 5.146   -7.675  -11.797 1.00 18.42 ? 132  GLN A CA  1 
ATOM   1015 C C   . GLN A 1 132 ? 4.032   -6.638  -11.605 1.00 17.69 ? 132  GLN A C   1 
ATOM   1016 O O   . GLN A 1 132 ? 2.884   -7.010  -11.416 1.00 17.39 ? 132  GLN A O   1 
ATOM   1017 C CB  . GLN A 1 132 ? 5.472   -7.988  -13.263 1.00 19.52 ? 132  GLN A CB  1 
ATOM   1018 C CG  . GLN A 1 132 ? 4.562   -7.532  -14.319 1.00 19.43 ? 132  GLN A CG  1 
ATOM   1019 C CD  . GLN A 1 132 ? 5.175   -7.882  -15.654 1.00 19.61 ? 132  GLN A CD  1 
ATOM   1020 O OE1 . GLN A 1 132 ? 6.343   -8.286  -15.708 1.00 18.23 ? 132  GLN A OE1 1 
ATOM   1021 N NE2 . GLN A 1 132 ? 4.419   -7.713  -16.717 1.00 19.85 ? 132  GLN A NE2 1 
ATOM   1022 N N   . PRO A 1 133 ? 4.374   -5.354  -11.571 1.00 18.51 ? 133  PRO A N   1 
ATOM   1023 C CA  . PRO A 1 133 ? 3.346   -4.324  -11.401 1.00 18.29 ? 133  PRO A CA  1 
ATOM   1024 C C   . PRO A 1 133 ? 2.447   -4.136  -12.608 1.00 18.30 ? 133  PRO A C   1 
ATOM   1025 O O   . PRO A 1 133 ? 2.658   -4.722  -13.679 1.00 18.43 ? 133  PRO A O   1 
ATOM   1026 C CB  . PRO A 1 133 ? 4.147   -3.053  -11.134 1.00 18.69 ? 133  PRO A CB  1 
ATOM   1027 C CG  . PRO A 1 133 ? 5.431   -3.287  -11.635 1.00 19.94 ? 133  PRO A CG  1 
ATOM   1028 C CD  . PRO A 1 133 ? 5.720   -4.762  -11.599 1.00 18.34 ? 133  PRO A CD  1 
ATOM   1029 N N   . ILE A 1 134 ? 1.424   -3.311  -12.398 1.00 17.41 ? 134  ILE A N   1 
ATOM   1030 C CA  . ILE A 1 134 ? 0.471   -2.938  -13.426 1.00 17.68 ? 134  ILE A CA  1 
ATOM   1031 C C   . ILE A 1 134 ? 1.186   -2.136  -14.490 1.00 17.41 ? 134  ILE A C   1 
ATOM   1032 O O   . ILE A 1 134 ? 2.072   -1.357  -14.184 1.00 16.50 ? 134  ILE A O   1 
ATOM   1033 C CB  . ILE A 1 134 ? -0.647  -2.085  -12.810 1.00 17.81 ? 134  ILE A CB  1 
ATOM   1034 C CG1 . ILE A 1 134 ? -1.485  -2.939  -11.853 1.00 18.85 ? 134  ILE A CG1 1 
ATOM   1035 C CG2 . ILE A 1 134 ? -1.536  -1.447  -13.899 1.00 18.64 ? 134  ILE A CG2 1 
ATOM   1036 C CD1 . ILE A 1 134 ? -2.185  -4.090  -12.525 1.00 21.04 ? 134  ILE A CD1 1 
ATOM   1037 N N   . GLY A 1 135 ? 0.796   -2.336  -15.744 1.00 18.11 ? 135  GLY A N   1 
ATOM   1038 C CA  . GLY A 1 135 ? 1.317   -1.533  -16.836 1.00 18.91 ? 135  GLY A CA  1 
ATOM   1039 C C   . GLY A 1 135 ? 2.645   -1.955  -17.416 1.00 20.03 ? 135  GLY A C   1 
ATOM   1040 O O   . GLY A 1 135 ? 2.942   -3.147  -17.546 1.00 19.78 ? 135  GLY A O   1 
ATOM   1041 N N   . SER A 1 136 ? 3.464   -0.982  -17.791 1.00 21.54 ? 136  SER A N   1 
ATOM   1042 C CA  . SER A 1 136 ? 4.784   -1.314  -18.315 1.00 22.56 ? 136  SER A CA  1 
ATOM   1043 C C   . SER A 1 136 ? 5.834   -0.345  -17.793 1.00 22.95 ? 136  SER A C   1 
ATOM   1044 O O   . SER A 1 136 ? 5.497   0.749   -17.338 1.00 21.96 ? 136  SER A O   1 
ATOM   1045 C CB  . SER A 1 136 ? 4.768   -1.283  -19.836 1.00 23.45 ? 136  SER A CB  1 
ATOM   1046 O OG  . SER A 1 136 ? 4.510   0.035   -20.264 1.00 26.90 ? 136  SER A OG  1 
ATOM   1047 N N   . PRO A 1 137 ? 7.103   -0.748  -17.811 1.00 23.81 ? 137  PRO A N   1 
ATOM   1048 C CA  . PRO A 1 137 ? 8.161   0.128   -17.311 1.00 24.00 ? 137  PRO A CA  1 
ATOM   1049 C C   . PRO A 1 137 ? 8.405   1.325   -18.203 1.00 24.54 ? 137  PRO A C   1 
ATOM   1050 O O   . PRO A 1 137 ? 8.352   1.200   -19.436 1.00 23.80 ? 137  PRO A O   1 
ATOM   1051 C CB  . PRO A 1 137 ? 9.378   -0.791  -17.275 1.00 24.41 ? 137  PRO A CB  1 
ATOM   1052 C CG  . PRO A 1 137 ? 9.093   -1.783  -18.316 1.00 24.23 ? 137  PRO A CG  1 
ATOM   1053 C CD  . PRO A 1 137 ? 7.641   -2.061  -18.212 1.00 24.27 ? 137  PRO A CD  1 
ATOM   1054 N N   . VAL A 1 138 ? 8.655   2.470   -17.567 1.00 24.88 ? 138  VAL A N   1 
ATOM   1055 C CA  . VAL A 1 138 ? 8.920   3.731   -18.253 1.00 26.39 ? 138  VAL A CA  1 
ATOM   1056 C C   . VAL A 1 138 ? 10.259  4.367   -17.820 1.00 27.14 ? 138  VAL A C   1 
ATOM   1057 O O   . VAL A 1 138 ? 10.532  5.519   -18.164 1.00 29.19 ? 138  VAL A O   1 
ATOM   1058 C CB  . VAL A 1 138 ? 7.760   4.751   -18.047 1.00 26.24 ? 138  VAL A CB  1 
ATOM   1059 C CG1 . VAL A 1 138 ? 6.444   4.235   -18.663 1.00 26.56 ? 138  VAL A CG1 1 
ATOM   1060 C CG2 . VAL A 1 138 ? 7.582   5.076   -16.569 1.00 26.46 ? 138  VAL A CG2 1 
ATOM   1061 N N   . GLY A 1 139 ? 11.124  3.612   -17.153 1.00 27.89 ? 139  GLY A N   1 
ATOM   1062 C CA  . GLY A 1 139 ? 12.411  4.154   -16.758 1.00 28.09 ? 139  GLY A CA  1 
ATOM   1063 C C   . GLY A 1 139 ? 12.733  4.042   -15.285 1.00 28.09 ? 139  GLY A C   1 
ATOM   1064 O O   . GLY A 1 139 ? 12.021  3.422   -14.493 1.00 27.75 ? 139  GLY A O   1 
ATOM   1065 N N   . THR A 1 140 ? 13.849  4.662   -14.935 1.00 28.32 ? 140  THR A N   1 
ATOM   1066 C CA  . THR A 1 140 ? 14.357  4.663   -13.586 1.00 28.05 ? 140  THR A CA  1 
ATOM   1067 C C   . THR A 1 140 ? 14.182  6.036   -12.942 1.00 27.09 ? 140  THR A C   1 
ATOM   1068 O O   . THR A 1 140 ? 14.241  7.070   -13.613 1.00 27.50 ? 140  THR A O   1 
ATOM   1069 C CB  . THR A 1 140 ? 15.840  4.282   -13.652 1.00 28.28 ? 140  THR A CB  1 
ATOM   1070 O OG1 . THR A 1 140 ? 15.963  2.984   -14.241 1.00 29.98 ? 140  THR A OG1 1 
ATOM   1071 C CG2 . THR A 1 140 ? 16.433  4.116   -12.277 1.00 28.77 ? 140  THR A CG2 1 
ATOM   1072 N N   . ALA A 1 141 ? 13.954  6.052   -11.633 1.00 25.49 ? 141  ALA A N   1 
ATOM   1073 C CA  . ALA A 1 141 ? 13.833  7.301   -10.906 1.00 24.51 ? 141  ALA A CA  1 
ATOM   1074 C C   . ALA A 1 141 ? 14.576  7.190   -9.576  1.00 23.52 ? 141  ALA A C   1 
ATOM   1075 O O   . ALA A 1 141 ? 14.711  6.099   -9.019  1.00 22.16 ? 141  ALA A O   1 
ATOM   1076 C CB  . ALA A 1 141 ? 12.378  7.640   -10.669 1.00 24.44 ? 141  ALA A CB  1 
ATOM   1077 N N   . HIS A 1 142 ? 15.067  8.325   -9.084  1.00 22.97 ? 142  HIS A N   1 
ATOM   1078 C CA  . HIS A 1 142 ? 15.724  8.380   -7.791  1.00 23.05 ? 142  HIS A CA  1 
ATOM   1079 C C   . HIS A 1 142 ? 14.809  9.139   -6.853  1.00 22.07 ? 142  HIS A C   1 
ATOM   1080 O O   . HIS A 1 142 ? 14.551  10.335  -7.056  1.00 22.33 ? 142  HIS A O   1 
ATOM   1081 C CB  . HIS A 1 142 ? 17.081  9.081   -7.882  1.00 23.79 ? 142  HIS A CB  1 
ATOM   1082 C CG  . HIS A 1 142 ? 18.101  8.310   -8.662  1.00 26.22 ? 142  HIS A CG  1 
ATOM   1083 N ND1 . HIS A 1 142 ? 17.994  8.138   -10.026 1.00 30.72 ? 142  HIS A ND1 1 
ATOM   1084 C CD2 . HIS A 1 142 ? 19.059  7.446   -8.252  1.00 29.32 ? 142  HIS A CD2 1 
ATOM   1085 C CE1 . HIS A 1 142 ? 18.876  7.238   -10.426 1.00 31.03 ? 142  HIS A CE1 1 
ATOM   1086 N NE2 . HIS A 1 142 ? 19.577  6.850   -9.377  1.00 31.99 ? 142  HIS A NE2 1 
ATOM   1087 N N   . VAL A 1 143 ? 14.284  8.437   -5.855  1.00 20.94 ? 143  VAL A N   1 
ATOM   1088 C CA  . VAL A 1 143 ? 13.369  9.038   -4.900  1.00 20.20 ? 143  VAL A CA  1 
ATOM   1089 C C   . VAL A 1 143 ? 13.764  8.645   -3.501  1.00 19.52 ? 143  VAL A C   1 
ATOM   1090 O O   . VAL A 1 143 ? 13.992  7.472   -3.215  1.00 18.63 ? 143  VAL A O   1 
ATOM   1091 C CB  . VAL A 1 143 ? 11.914  8.569   -5.121  1.00 20.14 ? 143  VAL A CB  1 
ATOM   1092 C CG1 . VAL A 1 143 ? 10.959  9.433   -4.289  1.00 20.10 ? 143  VAL A CG1 1 
ATOM   1093 C CG2 . VAL A 1 143 ? 11.552  8.593   -6.600  1.00 20.81 ? 143  VAL A CG2 1 
ATOM   1094 N N   . GLY A 1 144 ? 13.875  9.641   -2.632  1.00 19.08 ? 144  GLY A N   1 
ATOM   1095 C CA  . GLY A 1 144 ? 14.188  9.390   -1.250  1.00 19.20 ? 144  GLY A CA  1 
ATOM   1096 C C   . GLY A 1 144 ? 15.582  8.841   -1.017  1.00 19.14 ? 144  GLY A C   1 
ATOM   1097 O O   . GLY A 1 144 ? 15.868  8.313   0.051   1.00 19.27 ? 144  GLY A O   1 
ATOM   1098 N N   . GLY A 1 145 ? 16.462  8.986   -2.006  1.00 19.61 ? 145  GLY A N   1 
ATOM   1099 C CA  . GLY A 1 145 ? 17.818  8.494   -1.870  1.00 20.02 ? 145  GLY A CA  1 
ATOM   1100 C C   . GLY A 1 145 ? 17.983  7.041   -2.285  1.00 20.13 ? 145  GLY A C   1 
ATOM   1101 O O   . GLY A 1 145 ? 19.034  6.445   -2.044  1.00 20.85 ? 145  GLY A O   1 
ATOM   1102 N N   . ARG A 1 146 ? 16.946  6.485   -2.909  1.00 19.96 ? 146  ARG A N   1 
ATOM   1103 C CA  . ARG A 1 146 ? 16.932  5.102   -3.375  1.00 19.99 ? 146  ARG A CA  1 
ATOM   1104 C C   . ARG A 1 146 ? 16.605  5.092   -4.869  1.00 19.58 ? 146  ARG A C   1 
ATOM   1105 O O   . ARG A 1 146 ? 16.019  6.035   -5.390  1.00 20.03 ? 146  ARG A O   1 
ATOM   1106 C CB  . ARG A 1 146 ? 15.876  4.293   -2.598  1.00 20.22 ? 146  ARG A CB  1 
ATOM   1107 C CG  . ARG A 1 146 ? 16.277  3.923   -1.190  1.00 21.46 ? 146  ARG A CG  1 
ATOM   1108 C CD  . ARG A 1 146 ? 15.238  3.106   -0.472  1.00 21.23 ? 146  ARG A CD  1 
ATOM   1109 N NE  . ARG A 1 146 ? 15.609  2.805   0.910   1.00 22.34 ? 146  ARG A NE  1 
ATOM   1110 C CZ  . ARG A 1 146 ? 16.332  1.761   1.294   1.00 22.20 ? 146  ARG A CZ  1 
ATOM   1111 N NH1 . ARG A 1 146 ? 16.793  0.892   0.406   1.00 21.15 ? 146  ARG A NH1 1 
ATOM   1112 N NH2 . ARG A 1 146 ? 16.595  1.585   2.578   1.00 24.17 ? 146  ARG A NH2 1 
ATOM   1113 N N   . SER A 1 147 ? 17.012  4.040   -5.567  1.00 19.11 ? 147  SER A N   1 
ATOM   1114 C CA  . SER A 1 147 ? 16.706  3.926   -6.992  1.00 19.19 ? 147  SER A CA  1 
ATOM   1115 C C   . SER A 1 147 ? 15.480  3.044   -7.211  1.00 18.25 ? 147  SER A C   1 
ATOM   1116 O O   . SER A 1 147 ? 15.319  2.030   -6.526  1.00 18.11 ? 147  SER A O   1 
ATOM   1117 C CB  . SER A 1 147 ? 17.883  3.340   -7.757  1.00 19.46 ? 147  SER A CB  1 
ATOM   1118 O OG  . SER A 1 147 ? 17.572  3.265   -9.141  1.00 22.31 ? 147  SER A OG  1 
ATOM   1119 N N   . TRP A 1 148 ? 14.619  3.443   -8.151  1.00 18.00 ? 148  TRP A N   1 
ATOM   1120 C CA  . TRP A 1 148 ? 13.384  2.699   -8.450  1.00 17.85 ? 148  TRP A CA  1 
ATOM   1121 C C   . TRP A 1 148 ? 13.148  2.499   -9.931  1.00 18.90 ? 148  TRP A C   1 
ATOM   1122 O O   . TRP A 1 148 ? 13.444  3.369   -10.732 1.00 18.95 ? 148  TRP A O   1 
ATOM   1123 C CB  . TRP A 1 148 ? 12.145  3.410   -7.893  1.00 17.63 ? 148  TRP A CB  1 
ATOM   1124 C CG  . TRP A 1 148 ? 12.300  3.786   -6.466  1.00 15.35 ? 148  TRP A CG  1 
ATOM   1125 C CD1 . TRP A 1 148 ? 12.845  4.930   -5.994  1.00 15.42 ? 148  TRP A CD1 1 
ATOM   1126 C CD2 . TRP A 1 148 ? 11.930  3.014   -5.315  1.00 13.60 ? 148  TRP A CD2 1 
ATOM   1127 N NE1 . TRP A 1 148 ? 12.850  4.927   -4.617  1.00 14.38 ? 148  TRP A NE1 1 
ATOM   1128 C CE2 . TRP A 1 148 ? 12.280  3.764   -4.180  1.00 14.41 ? 148  TRP A CE2 1 
ATOM   1129 C CE3 . TRP A 1 148 ? 11.331  1.768   -5.127  1.00 13.83 ? 148  TRP A CE3 1 
ATOM   1130 C CZ2 . TRP A 1 148 ? 12.062  3.310   -2.884  1.00 13.12 ? 148  TRP A CZ2 1 
ATOM   1131 C CZ3 . TRP A 1 148 ? 11.113  1.319   -3.841  1.00 12.91 ? 148  TRP A CZ3 1 
ATOM   1132 C CH2 . TRP A 1 148 ? 11.475  2.091   -2.734  1.00 13.93 ? 148  TRP A CH2 1 
ATOM   1133 N N   . GLU A 1 149 ? 12.614  1.330   -10.257 1.00 19.93 ? 149  GLU A N   1 
ATOM   1134 C CA  . GLU A 1 149 ? 12.199  1.016   -11.611 1.00 20.90 ? 149  GLU A CA  1 
ATOM   1135 C C   . GLU A 1 149 ? 10.759  1.476   -11.635 1.00 20.54 ? 149  GLU A C   1 
ATOM   1136 O O   . GLU A 1 149 ? 9.968   1.064   -10.778 1.00 20.47 ? 149  GLU A O   1 
ATOM   1137 C CB  . GLU A 1 149 ? 12.313  -0.484  -11.862 1.00 21.99 ? 149  GLU A CB  1 
ATOM   1138 C CG  . GLU A 1 149 ? 11.973  -0.935  -13.268 1.00 24.57 ? 149  GLU A CG  1 
ATOM   1139 C CD  . GLU A 1 149 ? 12.159  -2.436  -13.422 1.00 26.46 ? 149  GLU A CD  1 
ATOM   1140 O OE1 . GLU A 1 149 ? 13.296  -2.933  -13.228 1.00 31.02 ? 149  GLU A OE1 1 
ATOM   1141 O OE2 . GLU A 1 149 ? 11.171  -3.134  -13.694 1.00 28.57 ? 149  GLU A OE2 1 
ATOM   1142 N N   . VAL A 1 150 ? 10.426  2.362   -12.565 1.00 20.22 ? 150  VAL A N   1 
ATOM   1143 C CA  . VAL A 1 150 ? 9.093   2.944   -12.606 1.00 19.85 ? 150  VAL A CA  1 
ATOM   1144 C C   . VAL A 1 150 ? 8.218   2.312   -13.679 1.00 19.54 ? 150  VAL A C   1 
ATOM   1145 O O   . VAL A 1 150 ? 8.653   2.119   -14.822 1.00 20.15 ? 150  VAL A O   1 
ATOM   1146 C CB  . VAL A 1 150 ? 9.153   4.471   -12.842 1.00 20.18 ? 150  VAL A CB  1 
ATOM   1147 C CG1 . VAL A 1 150 ? 7.769   5.087   -12.677 1.00 20.26 ? 150  VAL A CG1 1 
ATOM   1148 C CG2 . VAL A 1 150 ? 10.158  5.130   -11.894 1.00 21.20 ? 150  VAL A CG2 1 
ATOM   1149 N N   . TRP A 1 151 ? 6.986   1.999   -13.299 1.00 18.14 ? 151  TRP A N   1 
ATOM   1150 C CA  . TRP A 1 151 ? 6.000   1.436   -14.197 1.00 17.73 ? 151  TRP A CA  1 
ATOM   1151 C C   . TRP A 1 151 ? 4.750   2.279   -14.154 1.00 17.81 ? 151  TRP A C   1 
ATOM   1152 O O   . TRP A 1 151 ? 4.377   2.765   -13.092 1.00 17.63 ? 151  TRP A O   1 
ATOM   1153 C CB  . TRP A 1 151 ? 5.595   0.031   -13.756 1.00 17.75 ? 151  TRP A CB  1 
ATOM   1154 C CG  . TRP A 1 151 ? 6.647   -1.007  -13.905 1.00 17.76 ? 151  TRP A CG  1 
ATOM   1155 C CD1 . TRP A 1 151 ? 7.896   -0.993  -13.374 1.00 18.92 ? 151  TRP A CD1 1 
ATOM   1156 C CD2 . TRP A 1 151 ? 6.525   -2.248  -14.614 1.00 18.44 ? 151  TRP A CD2 1 
ATOM   1157 N NE1 . TRP A 1 151 ? 8.570   -2.141  -13.720 1.00 19.77 ? 151  TRP A NE1 1 
ATOM   1158 C CE2 . TRP A 1 151 ? 7.747   -2.929  -14.483 1.00 20.66 ? 151  TRP A CE2 1 
ATOM   1159 C CE3 . TRP A 1 151 ? 5.503   -2.846  -15.356 1.00 19.82 ? 151  TRP A CE3 1 
ATOM   1160 C CZ2 . TRP A 1 151 ? 7.977   -4.178  -15.069 1.00 21.46 ? 151  TRP A CZ2 1 
ATOM   1161 C CZ3 . TRP A 1 151 ? 5.726   -4.087  -15.937 1.00 20.67 ? 151  TRP A CZ3 1 
ATOM   1162 C CH2 . TRP A 1 151 ? 6.951   -4.735  -15.795 1.00 22.27 ? 151  TRP A CH2 1 
ATOM   1163 N N   . THR A 1 152 ? 4.070   2.415   -15.285 1.00 17.62 ? 152  THR A N   1 
ATOM   1164 C CA  . THR A 1 152 ? 2.796   3.109   -15.316 1.00 17.67 ? 152  THR A CA  1 
ATOM   1165 C C   . THR A 1 152 ? 1.795   2.352   -16.172 1.00 17.93 ? 152  THR A C   1 
ATOM   1166 O O   . THR A 1 152 ? 2.145   1.723   -17.179 1.00 17.22 ? 152  THR A O   1 
ATOM   1167 C CB  . THR A 1 152 ? 2.892   4.549   -15.863 1.00 18.20 ? 152  THR A CB  1 
ATOM   1168 O OG1 . THR A 1 152 ? 3.469   4.537   -17.182 1.00 20.64 ? 152  THR A OG1 1 
ATOM   1169 C CG2 . THR A 1 152 ? 3.819   5.421   -15.025 1.00 18.23 ? 152  THR A CG2 1 
ATOM   1170 N N   . GLY A 1 153 ? 0.540   2.465   -15.778 1.00 18.27 ? 153  GLY A N   1 
ATOM   1171 C CA  . GLY A 1 153 ? -0.541  1.823   -16.484 1.00 18.94 ? 153  GLY A CA  1 
ATOM   1172 C C   . GLY A 1 153 ? -1.867  2.038   -15.798 1.00 19.51 ? 153  GLY A C   1 
ATOM   1173 O O   . GLY A 1 153 ? -1.996  2.912   -14.939 1.00 20.22 ? 153  GLY A O   1 
ATOM   1174 N N   . SER A 1 154 ? -2.861  1.263   -16.217 1.00 20.20 ? 154  SER A N   1 
ATOM   1175 C CA  . SER A 1 154 ? -4.187  1.284   -15.617 1.00 20.56 ? 154  SER A CA  1 
ATOM   1176 C C   . SER A 1 154 ? -4.598  -0.136  -15.290 1.00 20.68 ? 154  SER A C   1 
ATOM   1177 O O   . SER A 1 154 ? -4.251  -1.075  -16.017 1.00 20.86 ? 154  SER A O   1 
ATOM   1178 C CB  . SER A 1 154 ? -5.215  1.889   -16.580 1.00 20.82 ? 154  SER A CB  1 
ATOM   1179 O OG  . SER A 1 154 ? -6.548  1.636   -16.157 1.00 21.78 ? 154  SER A OG  1 
ATOM   1180 N N   . ASN A 1 155 ? -5.344  -0.294  -14.203 1.00 20.52 ? 155  ASN A N   1 
ATOM   1181 C CA  . ASN A 1 155 ? -5.874  -1.596  -13.820 1.00 21.24 ? 155  ASN A CA  1 
ATOM   1182 C C   . ASN A 1 155 ? -7.292  -1.758  -14.327 1.00 22.23 ? 155  ASN A C   1 
ATOM   1183 O O   . ASN A 1 155 ? -7.978  -2.733  -14.012 1.00 23.25 ? 155  ASN A O   1 
ATOM   1184 C CB  . ASN A 1 155 ? -5.848  -1.784  -12.308 1.00 21.09 ? 155  ASN A CB  1 
ATOM   1185 C CG  . ASN A 1 155 ? -6.638  -0.731  -11.563 1.00 20.23 ? 155  ASN A CG  1 
ATOM   1186 O OD1 . ASN A 1 155 ? -7.499  -0.055  -12.123 1.00 16.02 ? 155  ASN A OD1 1 
ATOM   1187 N ND2 . ASN A 1 155 ? -6.374  -0.614  -10.270 1.00 18.12 ? 155  ASN A ND2 1 
ATOM   1188 N N   . GLY A 1 156 ? -7.738  -0.783  -15.105 1.00 23.25 ? 156  GLY A N   1 
ATOM   1189 C CA  . GLY A 1 156 ? -9.077  -0.816  -15.656 1.00 23.53 ? 156  GLY A CA  1 
ATOM   1190 C C   . GLY A 1 156 ? -10.030 0.114   -14.941 1.00 23.68 ? 156  GLY A C   1 
ATOM   1191 O O   . GLY A 1 156 ? -11.031 0.552   -15.529 1.00 24.65 ? 156  GLY A O   1 
ATOM   1192 N N   . SER A 1 157 ? -9.736  0.403   -13.675 1.00 22.89 ? 157  SER A N   1 
ATOM   1193 C CA  . SER A 1 157 ? -10.572 1.269   -12.855 1.00 22.31 ? 157  SER A CA  1 
ATOM   1194 C C   . SER A 1 157 ? -9.860  2.587   -12.564 1.00 20.81 ? 157  SER A C   1 
ATOM   1195 O O   . SER A 1 157 ? -10.480 3.652   -12.572 1.00 21.34 ? 157  SER A O   1 
ATOM   1196 C CB  . SER A 1 157 ? -10.926 0.580   -11.542 1.00 22.52 ? 157  SER A CB  1 
ATOM   1197 O OG  . SER A 1 157 ? -11.530 -0.687  -11.760 1.00 25.57 ? 157  SER A OG  1 
ATOM   1198 N N   . ASN A 1 158 ? -8.557  2.510   -12.305 1.00 18.85 ? 158  ASN A N   1 
ATOM   1199 C CA  . ASN A 1 158 ? -7.781  3.695   -11.969 1.00 17.23 ? 158  ASN A CA  1 
ATOM   1200 C C   . ASN A 1 158 ? -6.365  3.602   -12.525 1.00 16.61 ? 158  ASN A C   1 
ATOM   1201 O O   . ASN A 1 158 ? -5.890  2.523   -12.878 1.00 16.00 ? 158  ASN A O   1 
ATOM   1202 C CB  . ASN A 1 158 ? -7.739  3.892   -10.450 1.00 16.88 ? 158  ASN A CB  1 
ATOM   1203 C CG  . ASN A 1 158 ? -7.063  2.740   -9.725  1.00 15.55 ? 158  ASN A CG  1 
ATOM   1204 O OD1 . ASN A 1 158 ? -7.716  1.807   -9.261  1.00 14.24 ? 158  ASN A OD1 1 
ATOM   1205 N ND2 . ASN A 1 158 ? -5.738  2.818   -9.606  1.00 14.63 ? 158  ASN A ND2 1 
ATOM   1206 N N   . ASP A 1 159 ? -5.700  4.748   -12.576 1.00 15.93 ? 159  ASP A N   1 
ATOM   1207 C CA  . ASP A 1 159 ? -4.315  4.824   -12.998 1.00 15.73 ? 159  ASP A CA  1 
ATOM   1208 C C   . ASP A 1 159 ? -3.396  4.395   -11.856 1.00 14.90 ? 159  ASP A C   1 
ATOM   1209 O O   . ASP A 1 159 ? -3.686  4.614   -10.664 1.00 14.18 ? 159  ASP A O   1 
ATOM   1210 C CB  . ASP A 1 159 ? -3.972  6.243   -13.422 1.00 15.77 ? 159  ASP A CB  1 
ATOM   1211 C CG  . ASP A 1 159 ? -4.796  6.709   -14.596 1.00 17.70 ? 159  ASP A CG  1 
ATOM   1212 O OD1 . ASP A 1 159 ? -4.917  5.920   -15.561 1.00 18.39 ? 159  ASP A OD1 1 
ATOM   1213 O OD2 . ASP A 1 159 ? -5.362  7.823   -14.628 1.00 19.70 ? 159  ASP A OD2 1 
ATOM   1214 N N   . VAL A 1 160 ? -2.270  3.819   -12.243 1.00 14.66 ? 160  VAL A N   1 
ATOM   1215 C CA  . VAL A 1 160 ? -1.293  3.284   -11.309 1.00 14.76 ? 160  VAL A CA  1 
ATOM   1216 C C   . VAL A 1 160 ? 0.130   3.642   -11.737 1.00 14.71 ? 160  VAL A C   1 
ATOM   1217 O O   . VAL A 1 160 ? 0.521   3.466   -12.909 1.00 15.02 ? 160  VAL A O   1 
ATOM   1218 C CB  . VAL A 1 160 ? -1.369  1.739   -11.218 1.00 14.58 ? 160  VAL A CB  1 
ATOM   1219 C CG1 . VAL A 1 160 ? -0.438  1.197   -10.106 1.00 15.30 ? 160  VAL A CG1 1 
ATOM   1220 C CG2 . VAL A 1 160 ? -2.789  1.253   -11.001 1.00 14.36 ? 160  VAL A CG2 1 
ATOM   1221 N N   . ILE A 1 161 ? 0.918   4.120   -10.781 1.00 14.01 ? 161  ILE A N   1 
ATOM   1222 C CA  . ILE A 1 161 ? 2.335   4.339   -10.991 1.00 13.98 ? 161  ILE A CA  1 
ATOM   1223 C C   . ILE A 1 161 ? 3.036   3.587   -9.871  1.00 14.39 ? 161  ILE A C   1 
ATOM   1224 O O   . ILE A 1 161 ? 2.691   3.732   -8.690  1.00 14.19 ? 161  ILE A O   1 
ATOM   1225 C CB  . ILE A 1 161 ? 2.716   5.839   -11.043 1.00 14.40 ? 161  ILE A CB  1 
ATOM   1226 C CG1 . ILE A 1 161 ? 4.236   5.973   -11.183 1.00 15.03 ? 161  ILE A CG1 1 
ATOM   1227 C CG2 . ILE A 1 161 ? 2.247   6.560   -9.796  1.00 14.26 ? 161  ILE A CG2 1 
ATOM   1228 C CD1 . ILE A 1 161 ? 4.728   7.377   -11.411 1.00 16.96 ? 161  ILE A CD1 1 
ATOM   1229 N N   . SER A 1 162 ? 3.974   2.737   -10.251 1.00 14.33 ? 162  SER A N   1 
ATOM   1230 C CA  . SER A 1 162 ? 4.649   1.868   -9.297  1.00 14.19 ? 162  SER A CA  1 
ATOM   1231 C C   . SER A 1 162 ? 6.149   2.112   -9.310  1.00 14.51 ? 162  SER A C   1 
ATOM   1232 O O   . SER A 1 162 ? 6.749   2.384   -10.347 1.00 14.13 ? 162  SER A O   1 
ATOM   1233 C CB  . SER A 1 162 ? 4.348   0.398   -9.620  1.00 14.85 ? 162  SER A CB  1 
ATOM   1234 O OG  . SER A 1 162 ? 2.955   0.139   -9.717  1.00 14.54 ? 162  SER A OG  1 
ATOM   1235 N N   . PHE A 1 163 ? 6.748   1.979   -8.138  1.00 13.83 ? 163  PHE A N   1 
ATOM   1236 C CA  . PHE A 1 163 ? 8.174   2.156   -7.961  1.00 14.36 ? 163  PHE A CA  1 
ATOM   1237 C C   . PHE A 1 163 ? 8.712   0.864   -7.374  1.00 15.13 ? 163  PHE A C   1 
ATOM   1238 O O   . PHE A 1 163 ? 8.365   0.509   -6.240  1.00 14.49 ? 163  PHE A O   1 
ATOM   1239 C CB  . PHE A 1 163 ? 8.446   3.328   -7.009  1.00 13.83 ? 163  PHE A CB  1 
ATOM   1240 C CG  . PHE A 1 163 ? 7.933   4.641   -7.516  1.00 13.78 ? 163  PHE A CG  1 
ATOM   1241 C CD1 . PHE A 1 163 ? 6.603   4.980   -7.365  1.00 13.81 ? 163  PHE A CD1 1 
ATOM   1242 C CD2 . PHE A 1 163 ? 8.772   5.527   -8.174  1.00 14.56 ? 163  PHE A CD2 1 
ATOM   1243 C CE1 . PHE A 1 163 ? 6.136   6.180   -7.837  1.00 13.21 ? 163  PHE A CE1 1 
ATOM   1244 C CE2 . PHE A 1 163 ? 8.306   6.716   -8.642  1.00 13.85 ? 163  PHE A CE2 1 
ATOM   1245 C CZ  . PHE A 1 163 ? 6.994   7.042   -8.500  1.00 13.49 ? 163  PHE A CZ  1 
ATOM   1246 N N   . LEU A 1 164 ? 9.520   0.151   -8.154  1.00 15.88 ? 164  LEU A N   1 
ATOM   1247 C CA  . LEU A 1 164 ? 10.073  -1.137  -7.754  1.00 16.96 ? 164  LEU A CA  1 
ATOM   1248 C C   . LEU A 1 164 ? 11.504  -1.047  -7.268  1.00 16.51 ? 164  LEU A C   1 
ATOM   1249 O O   . LEU A 1 164 ? 12.360  -0.545  -7.981  1.00 15.92 ? 164  LEU A O   1 
ATOM   1250 C CB  . LEU A 1 164 ? 10.056  -2.102  -8.939  1.00 17.83 ? 164  LEU A CB  1 
ATOM   1251 C CG  . LEU A 1 164 ? 8.856   -3.028  -9.037  1.00 21.76 ? 164  LEU A CG  1 
ATOM   1252 C CD1 . LEU A 1 164 ? 7.565   -2.250  -9.069  1.00 23.32 ? 164  LEU A CD1 1 
ATOM   1253 C CD2 . LEU A 1 164 ? 9.028   -3.869  -10.298 1.00 23.05 ? 164  LEU A CD2 1 
ATOM   1254 N N   . ALA A 1 165 ? 11.744  -1.535  -6.062  1.00 16.17 ? 165  ALA A N   1 
ATOM   1255 C CA  . ALA A 1 165 ? 13.090  -1.611  -5.488  1.00 16.67 ? 165  ALA A CA  1 
ATOM   1256 C C   . ALA A 1 165 ? 13.862  -2.714  -6.200  1.00 17.74 ? 165  ALA A C   1 
ATOM   1257 O O   . ALA A 1 165 ? 13.270  -3.690  -6.636  1.00 17.25 ? 165  ALA A O   1 
ATOM   1258 C CB  . ALA A 1 165 ? 13.020  -1.916  -4.023  1.00 16.97 ? 165  ALA A CB  1 
ATOM   1259 N N   . PRO A 1 166 ? 15.177  -2.565  -6.323  1.00 18.04 ? 166  PRO A N   1 
ATOM   1260 C CA  . PRO A 1 166 ? 16.022  -3.580  -6.983  1.00 19.31 ? 166  PRO A CA  1 
ATOM   1261 C C   . PRO A 1 166 ? 16.247  -4.846  -6.167  1.00 19.39 ? 166  PRO A C   1 
ATOM   1262 O O   . PRO A 1 166 ? 16.548  -5.904  -6.735  1.00 19.95 ? 166  PRO A O   1 
ATOM   1263 C CB  . PRO A 1 166 ? 17.353  -2.852  -7.148  1.00 19.20 ? 166  PRO A CB  1 
ATOM   1264 C CG  . PRO A 1 166 ? 17.371  -1.871  -5.989  1.00 19.10 ? 166  PRO A CG  1 
ATOM   1265 C CD  . PRO A 1 166 ? 15.955  -1.377  -5.925  1.00 19.08 ? 166  PRO A CD  1 
ATOM   1266 N N   . SER A 1 167 ? 16.130  -4.733  -4.852  1.00 19.41 ? 167  SER A N   1 
ATOM   1267 C CA  . SER A 1 167 ? 16.271  -5.860  -3.947  1.00 19.52 ? 167  SER A CA  1 
ATOM   1268 C C   . SER A 1 167 ? 15.451  -5.580  -2.694  1.00 18.77 ? 167  SER A C   1 
ATOM   1269 O O   . SER A 1 167 ? 15.034  -4.445  -2.476  1.00 19.07 ? 167  SER A O   1 
ATOM   1270 C CB  . SER A 1 167 ? 17.738  -6.069  -3.563  1.00 20.19 ? 167  SER A CB  1 
ATOM   1271 O OG  . SER A 1 167 ? 18.224  -4.943  -2.859  1.00 22.61 ? 167  SER A OG  1 
ATOM   1272 N N   . ALA A 1 168 ? 15.254  -6.600  -1.867  1.00 17.99 ? 168  ALA A N   1 
ATOM   1273 C CA  . ALA A 1 168 ? 14.399  -6.488  -0.684  1.00 17.21 ? 168  ALA A CA  1 
ATOM   1274 C C   . ALA A 1 168 ? 14.786  -5.367  0.273   1.00 17.31 ? 168  ALA A C   1 
ATOM   1275 O O   . ALA A 1 168 ? 15.934  -5.269  0.716   1.00 17.02 ? 168  ALA A O   1 
ATOM   1276 C CB  . ALA A 1 168 ? 14.364  -7.786  0.083   1.00 17.54 ? 168  ALA A CB  1 
ATOM   1277 N N   . ILE A 1 169 ? 13.794  -4.550  0.612   1.00 16.56 ? 169  ILE A N   1 
ATOM   1278 C CA  . ILE A 1 169 ? 13.934  -3.536  1.638   1.00 16.08 ? 169  ILE A CA  1 
ATOM   1279 C C   . ILE A 1 169 ? 13.164  -4.031  2.864   1.00 16.51 ? 169  ILE A C   1 
ATOM   1280 O O   . ILE A 1 169 ? 11.941  -4.157  2.807   1.00 16.60 ? 169  ILE A O   1 
ATOM   1281 C CB  . ILE A 1 169 ? 13.327  -2.207  1.170   1.00 16.17 ? 169  ILE A CB  1 
ATOM   1282 C CG1 . ILE A 1 169 ? 14.012  -1.717  -0.111  1.00 16.06 ? 169  ILE A CG1 1 
ATOM   1283 C CG2 . ILE A 1 169 ? 13.412  -1.204  2.308   1.00 15.36 ? 169  ILE A CG2 1 
ATOM   1284 C CD1 . ILE A 1 169 ? 13.405  -0.470  -0.690  1.00 18.02 ? 169  ILE A CD1 1 
ATOM   1285 N N   . SER A 1 170 ? 13.855  -4.298  3.968   1.00 16.51 ? 170  SER A N   1 
ATOM   1286 C CA  . SER A 1 170 ? 13.224  -4.810  5.182   1.00 17.18 ? 170  SER A CA  1 
ATOM   1287 C C   . SER A 1 170 ? 12.449  -3.741  5.936   1.00 16.77 ? 170  SER A C   1 
ATOM   1288 O O   . SER A 1 170 ? 11.394  -4.011  6.524   1.00 16.61 ? 170  SER A O   1 
ATOM   1289 C CB  . SER A 1 170 ? 14.272  -5.436  6.121   1.00 17.74 ? 170  SER A CB  1 
ATOM   1290 O OG  . SER A 1 170 ? 15.305  -4.517  6.411   1.00 23.26 ? 170  SER A OG  1 
ATOM   1291 N N   . SER A 1 171 ? 12.996  -2.536  5.942   1.00 15.65 ? 171  SER A N   1 
ATOM   1292 C CA  . SER A 1 171 ? 12.357  -1.410  6.608   1.00 15.52 ? 171  SER A CA  1 
ATOM   1293 C C   . SER A 1 171 ? 12.863  -0.121  5.988   1.00 15.16 ? 171  SER A C   1 
ATOM   1294 O O   . SER A 1 171 ? 13.972  -0.057  5.470   1.00 15.61 ? 171  SER A O   1 
ATOM   1295 C CB  . SER A 1 171 ? 12.634  -1.422  8.116   1.00 15.68 ? 171  SER A CB  1 
ATOM   1296 O OG  . SER A 1 171 ? 14.017  -1.212  8.394   1.00 18.53 ? 171  SER A OG  1 
ATOM   1297 N N   . TRP A 1 172 ? 12.042  0.912   6.021   1.00 14.00 ? 172  TRP A N   1 
ATOM   1298 C CA  . TRP A 1 172 ? 12.457  2.204   5.516   1.00 13.70 ? 172  TRP A CA  1 
ATOM   1299 C C   . TRP A 1 172 ? 11.554  3.265   6.127   1.00 13.86 ? 172  TRP A C   1 
ATOM   1300 O O   . TRP A 1 172 ? 10.359  3.027   6.334   1.00 13.32 ? 172  TRP A O   1 
ATOM   1301 C CB  . TRP A 1 172 ? 12.369  2.240   3.989   1.00 13.75 ? 172  TRP A CB  1 
ATOM   1302 C CG  . TRP A 1 172 ? 13.081  3.402   3.325   1.00 13.90 ? 172  TRP A CG  1 
ATOM   1303 C CD1 . TRP A 1 172 ? 14.262  3.994   3.725   1.00 13.90 ? 172  TRP A CD1 1 
ATOM   1304 C CD2 . TRP A 1 172 ? 12.661  4.105   2.158   1.00 12.64 ? 172  TRP A CD2 1 
ATOM   1305 N NE1 . TRP A 1 172 ? 14.588  5.014   2.861   1.00 15.92 ? 172  TRP A NE1 1 
ATOM   1306 C CE2 . TRP A 1 172 ? 13.624  5.095   1.887   1.00 14.36 ? 172  TRP A CE2 1 
ATOM   1307 C CE3 . TRP A 1 172 ? 11.563  3.993   1.295   1.00 12.99 ? 172  TRP A CE3 1 
ATOM   1308 C CZ2 . TRP A 1 172 ? 13.517  5.952   0.806   1.00 13.90 ? 172  TRP A CZ2 1 
ATOM   1309 C CZ3 . TRP A 1 172 ? 11.462  4.862   0.232   1.00 12.28 ? 172  TRP A CZ3 1 
ATOM   1310 C CH2 . TRP A 1 172 ? 12.427  5.823   -0.002  1.00 12.46 ? 172  TRP A CH2 1 
ATOM   1311 N N   . SER A 1 173 ? 12.149  4.414   6.435   1.00 13.59 ? 173  SER A N   1 
ATOM   1312 C CA  . SER A 1 173 ? 11.423  5.578   6.920   1.00 14.03 ? 173  SER A CA  1 
ATOM   1313 C C   . SER A 1 173 ? 11.740  6.652   5.897   1.00 13.68 ? 173  SER A C   1 
ATOM   1314 O O   . SER A 1 173 ? 12.925  6.904   5.577   1.00 14.22 ? 173  SER A O   1 
ATOM   1315 C CB  . SER A 1 173 ? 11.880  6.014   8.314   1.00 14.25 ? 173  SER A CB  1 
ATOM   1316 O OG  . SER A 1 173 ? 11.788  4.966   9.259   1.00 18.06 ? 173  SER A OG  1 
ATOM   1317 N N   . PHE A 1 174 ? 10.699  7.295   5.374   1.00 13.14 ? 174  PHE A N   1 
ATOM   1318 C CA  . PHE A 1 174 ? 10.856  8.215   4.262   1.00 13.04 ? 174  PHE A CA  1 
ATOM   1319 C C   . PHE A 1 174 ? 9.703   9.224   4.215   1.00 12.70 ? 174  PHE A C   1 
ATOM   1320 O O   . PHE A 1 174 ? 8.800   9.194   5.060   1.00 13.52 ? 174  PHE A O   1 
ATOM   1321 C CB  . PHE A 1 174 ? 10.899  7.400   2.961   1.00 12.94 ? 174  PHE A CB  1 
ATOM   1322 C CG  . PHE A 1 174 ? 9.632   6.640   2.677   1.00 12.14 ? 174  PHE A CG  1 
ATOM   1323 C CD1 . PHE A 1 174 ? 9.312   5.489   3.381   1.00 12.36 ? 174  PHE A CD1 1 
ATOM   1324 C CD2 . PHE A 1 174 ? 8.765   7.069   1.693   1.00 11.91 ? 174  PHE A CD2 1 
ATOM   1325 C CE1 . PHE A 1 174 ? 8.141   4.796   3.118   1.00 14.91 ? 174  PHE A CE1 1 
ATOM   1326 C CE2 . PHE A 1 174 ? 7.595   6.382   1.435   1.00 12.90 ? 174  PHE A CE2 1 
ATOM   1327 C CZ  . PHE A 1 174 ? 7.284   5.246   2.130   1.00 13.46 ? 174  PHE A CZ  1 
ATOM   1328 N N   . ASP A 1 175 ? 9.771   10.149  3.270   1.00 13.51 ? 175  ASP A N   1 
ATOM   1329 C CA  . ASP A 1 175 ? 8.717   11.128  3.072   1.00 12.69 ? 175  ASP A CA  1 
ATOM   1330 C C   . ASP A 1 175 ? 7.886   10.753  1.856   1.00 12.75 ? 175  ASP A C   1 
ATOM   1331 O O   . ASP A 1 175 ? 8.359   10.803  0.723   1.00 12.37 ? 175  ASP A O   1 
ATOM   1332 C CB  . ASP A 1 175 ? 9.303   12.541  2.919   1.00 13.39 ? 175  ASP A CB  1 
ATOM   1333 C CG  . ASP A 1 175 ? 8.274   13.624  3.142   1.00 14.91 ? 175  ASP A CG  1 
ATOM   1334 O OD1 . ASP A 1 175 ? 7.102   13.366  2.801   1.00 13.52 ? 175  ASP A OD1 1 
ATOM   1335 O OD2 . ASP A 1 175 ? 8.534   14.734  3.673   1.00 16.17 ? 175  ASP A OD2 1 
ATOM   1336 N N   . VAL A 1 176 ? 6.647   10.371  2.119   1.00 13.05 ? 176  VAL A N   1 
ATOM   1337 C CA  . VAL A 1 176 ? 5.704   10.003  1.081   1.00 13.16 ? 176  VAL A CA  1 
ATOM   1338 C C   . VAL A 1 176 ? 5.534   11.143  0.090   1.00 13.84 ? 176  VAL A C   1 
ATOM   1339 O O   . VAL A 1 176 ? 5.253   10.899  -1.088  1.00 12.42 ? 176  VAL A O   1 
ATOM   1340 C CB  . VAL A 1 176 ? 4.354   9.596   1.688   1.00 12.77 ? 176  VAL A CB  1 
ATOM   1341 C CG1 . VAL A 1 176 ? 3.239   9.592   0.624   1.00 13.31 ? 176  VAL A CG1 1 
ATOM   1342 C CG2 . VAL A 1 176 ? 4.494   8.231   2.302   1.00 13.41 ? 176  VAL A CG2 1 
ATOM   1343 N N   . LYS A 1 177 ? 5.730   12.382  0.531   1.00 14.12 ? 177  LYS A N   1 
ATOM   1344 C CA  . LYS A 1 177 ? 5.594   13.517  -0.385  1.00 15.16 ? 177  LYS A CA  1 
ATOM   1345 C C   . LYS A 1 177 ? 6.499   13.406  -1.617  1.00 15.13 ? 177  LYS A C   1 
ATOM   1346 O O   . LYS A 1 177 ? 6.126   13.817  -2.721  1.00 14.54 ? 177  LYS A O   1 
ATOM   1347 C CB  . LYS A 1 177 ? 5.872   14.829  0.351   1.00 16.34 ? 177  LYS A CB  1 
ATOM   1348 C CG  . LYS A 1 177 ? 5.860   16.042  -0.511  1.00 18.48 ? 177  LYS A CG  1 
ATOM   1349 C CD  . LYS A 1 177 ? 4.493   16.280  -1.026  1.00 19.33 ? 177  LYS A CD  1 
ATOM   1350 C CE  . LYS A 1 177 ? 4.223   17.781  -1.172  1.00 20.98 ? 177  LYS A CE  1 
ATOM   1351 N NZ  . LYS A 1 177 ? 4.948   18.317  -2.361  1.00 22.92 ? 177  LYS A NZ  1 
ATOM   1352 N N   . ASP A 1 178 ? 7.680   12.830  -1.446  1.00 14.84 ? 178  ASP A N   1 
ATOM   1353 C CA  . ASP A 1 178 ? 8.608   12.721  -2.559  1.00 15.42 ? 178  ASP A CA  1 
ATOM   1354 C C   . ASP A 1 178 ? 8.014   11.851  -3.690  1.00 14.87 ? 178  ASP A C   1 
ATOM   1355 O O   . ASP A 1 178 ? 8.268   12.115  -4.873  1.00 15.68 ? 178  ASP A O   1 
ATOM   1356 C CB  . ASP A 1 178 ? 9.946   12.134  -2.100  1.00 15.77 ? 178  ASP A CB  1 
ATOM   1357 C CG  . ASP A 1 178 ? 10.684  13.015  -1.100  1.00 19.19 ? 178  ASP A CG  1 
ATOM   1358 O OD1 . ASP A 1 178 ? 10.295  14.177  -0.883  1.00 22.44 ? 178  ASP A OD1 1 
ATOM   1359 O OD2 . ASP A 1 178 ? 11.668  12.597  -0.451  1.00 21.66 ? 178  ASP A OD2 1 
ATOM   1360 N N   . PHE A 1 179 ? 7.259   10.812  -3.328  1.00 14.42 ? 179  PHE A N   1 
ATOM   1361 C CA  . PHE A 1 179 ? 6.620   9.933   -4.313  1.00 13.94 ? 179  PHE A CA  1 
ATOM   1362 C C   . PHE A 1 179 ? 5.379   10.606  -4.892  1.00 14.43 ? 179  PHE A C   1 
ATOM   1363 O O   . PHE A 1 179 ? 5.077   10.450  -6.068  1.00 14.24 ? 179  PHE A O   1 
ATOM   1364 C CB  . PHE A 1 179 ? 6.295   8.567   -3.696  1.00 14.04 ? 179  PHE A CB  1 
ATOM   1365 C CG  . PHE A 1 179 ? 7.524   7.760   -3.397  1.00 11.91 ? 179  PHE A CG  1 
ATOM   1366 C CD1 . PHE A 1 179 ? 8.231   7.922   -2.202  1.00 11.98 ? 179  PHE A CD1 1 
ATOM   1367 C CD2 . PHE A 1 179 ? 8.040   6.901   -4.350  1.00 12.24 ? 179  PHE A CD2 1 
ATOM   1368 C CE1 . PHE A 1 179 ? 9.365   7.196   -1.957  1.00 13.77 ? 179  PHE A CE1 1 
ATOM   1369 C CE2 . PHE A 1 179 ? 9.196   6.185   -4.099  1.00 14.10 ? 179  PHE A CE2 1 
ATOM   1370 C CZ  . PHE A 1 179 ? 9.851   6.326   -2.904  1.00 14.61 ? 179  PHE A CZ  1 
ATOM   1371 N N   . VAL A 1 180 ? 4.681   11.375  -4.075  1.00 14.36 ? 180  VAL A N   1 
ATOM   1372 C CA  . VAL A 1 180 ? 3.532   12.123  -4.562  1.00 14.84 ? 180  VAL A CA  1 
ATOM   1373 C C   . VAL A 1 180 ? 3.999   13.098  -5.657  1.00 15.21 ? 180  VAL A C   1 
ATOM   1374 O O   . VAL A 1 180 ? 3.359   13.247  -6.720  1.00 15.52 ? 180  VAL A O   1 
ATOM   1375 C CB  . VAL A 1 180 ? 2.824   12.874  -3.440  1.00 14.82 ? 180  VAL A CB  1 
ATOM   1376 C CG1 . VAL A 1 180 ? 1.776   13.816  -4.018  1.00 14.35 ? 180  VAL A CG1 1 
ATOM   1377 C CG2 . VAL A 1 180 ? 2.165   11.906  -2.477  1.00 13.81 ? 180  VAL A CG2 1 
ATOM   1378 N N   . ASP A 1 181 ? 5.133   13.742  -5.421  1.00 15.36 ? 181  ASP A N   1 
ATOM   1379 C CA  . ASP A 1 181 ? 5.702   14.656  -6.410  1.00 16.70 ? 181  ASP A CA  1 
ATOM   1380 C C   . ASP A 1 181 ? 6.039   13.973  -7.721  1.00 17.03 ? 181  ASP A C   1 
ATOM   1381 O O   . ASP A 1 181 ? 5.927   14.585  -8.786  1.00 16.67 ? 181  ASP A O   1 
ATOM   1382 C CB  . ASP A 1 181 ? 6.959   15.293  -5.860  1.00 16.70 ? 181  ASP A CB  1 
ATOM   1383 C CG  . ASP A 1 181 ? 6.670   16.300  -4.764  1.00 17.66 ? 181  ASP A CG  1 
ATOM   1384 O OD1 . ASP A 1 181 ? 5.491   16.678  -4.558  1.00 19.39 ? 181  ASP A OD1 1 
ATOM   1385 O OD2 . ASP A 1 181 ? 7.582   16.759  -4.049  1.00 21.31 ? 181  ASP A OD2 1 
ATOM   1386 N N   . GLN A 1 182 ? 6.451   12.712  -7.656  1.00 17.19 ? 182  GLN A N   1 
ATOM   1387 C CA  . GLN A 1 182 ? 6.751   11.953  -8.870  1.00 17.93 ? 182  GLN A CA  1 
ATOM   1388 C C   . GLN A 1 182 ? 5.470   11.625  -9.631  1.00 17.98 ? 182  GLN A C   1 
ATOM   1389 O O   . GLN A 1 182 ? 5.483   11.553  -10.860 1.00 18.26 ? 182  GLN A O   1 
ATOM   1390 C CB  . GLN A 1 182 ? 7.516   10.670  -8.545  1.00 18.09 ? 182  GLN A CB  1 
ATOM   1391 C CG  . GLN A 1 182 ? 8.937   10.892  -8.047  1.00 19.61 ? 182  GLN A CG  1 
ATOM   1392 C CD  . GLN A 1 182 ? 9.932   11.233  -9.147  1.00 22.39 ? 182  GLN A CD  1 
ATOM   1393 O OE1 . GLN A 1 182 ? 10.971  11.832  -8.872  1.00 27.57 ? 182  GLN A OE1 1 
ATOM   1394 N NE2 . GLN A 1 182 ? 9.636   10.842  -10.377 1.00 21.79 ? 182  GLN A NE2 1 
ATOM   1395 N N   . ALA A 1 183 ? 4.369   11.388  -8.919  1.00 17.75 ? 183  ALA A N   1 
ATOM   1396 C CA  . ALA A 1 183 ? 3.109   11.127  -9.586  1.00 18.21 ? 183  ALA A CA  1 
ATOM   1397 C C   . ALA A 1 183 ? 2.706   12.373  -10.375 1.00 18.12 ? 183  ALA A C   1 
ATOM   1398 O O   . ALA A 1 183 ? 2.268   12.285  -11.517 1.00 18.17 ? 183  ALA A O   1 
ATOM   1399 C CB  . ALA A 1 183 ? 2.015   10.760  -8.572  1.00 18.33 ? 183  ALA A CB  1 
ATOM   1400 N N   . VAL A 1 184 ? 2.837   13.534  -9.743  1.00 18.18 ? 184  VAL A N   1 
ATOM   1401 C CA  . VAL A 1 184 ? 2.537   14.797  -10.388 1.00 18.39 ? 184  VAL A CA  1 
ATOM   1402 C C   . VAL A 1 184 ? 3.425   14.968  -11.618 1.00 18.84 ? 184  VAL A C   1 
ATOM   1403 O O   . VAL A 1 184 ? 2.921   15.277  -12.693 1.00 19.29 ? 184  VAL A O   1 
ATOM   1404 C CB  . VAL A 1 184 ? 2.726   15.966  -9.400  1.00 18.66 ? 184  VAL A CB  1 
ATOM   1405 C CG1 . VAL A 1 184 ? 2.634   17.308  -10.089 1.00 18.89 ? 184  VAL A CG1 1 
ATOM   1406 C CG2 . VAL A 1 184 ? 1.698   15.875  -8.289  1.00 17.42 ? 184  VAL A CG2 1 
ATOM   1407 N N   . SER A 1 185 ? 4.732   14.745  -11.483 1.00 19.37 ? 185  SER A N   1 
ATOM   1408 C CA  . SER A 1 185 ? 5.652   14.957  -12.606 1.00 20.58 ? 185  SER A CA  1 
ATOM   1409 C C   . SER A 1 185 ? 5.398   14.005  -13.777 1.00 21.05 ? 185  SER A C   1 
ATOM   1410 O O   . SER A 1 185 ? 5.805   14.292  -14.913 1.00 22.07 ? 185  SER A O   1 
ATOM   1411 C CB  . SER A 1 185 ? 7.115   14.885  -12.155 1.00 21.04 ? 185  SER A CB  1 
ATOM   1412 O OG  . SER A 1 185 ? 7.530   13.558  -11.919 1.00 22.71 ? 185  SER A OG  1 
ATOM   1413 N N   . HIS A 1 186 ? 4.723   12.892  -13.504 1.00 20.95 ? 186  HIS A N   1 
ATOM   1414 C CA  . HIS A 1 186 ? 4.360   11.920  -14.534 1.00 20.89 ? 186  HIS A CA  1 
ATOM   1415 C C   . HIS A 1 186 ? 2.963   12.172  -15.097 1.00 20.50 ? 186  HIS A C   1 
ATOM   1416 O O   . HIS A 1 186 ? 2.467   11.385  -15.905 1.00 21.21 ? 186  HIS A O   1 
ATOM   1417 C CB  . HIS A 1 186 ? 4.448   10.502  -13.978 1.00 21.41 ? 186  HIS A CB  1 
ATOM   1418 C CG  . HIS A 1 186 ? 5.851   10.009  -13.802 1.00 22.07 ? 186  HIS A CG  1 
ATOM   1419 N ND1 . HIS A 1 186 ? 6.499   9.261   -14.759 1.00 25.02 ? 186  HIS A ND1 1 
ATOM   1420 C CD2 . HIS A 1 186 ? 6.776   10.283  -12.853 1.00 21.94 ? 186  HIS A CD2 1 
ATOM   1421 C CE1 . HIS A 1 186 ? 7.729   9.005   -14.351 1.00 23.48 ? 186  HIS A CE1 1 
ATOM   1422 N NE2 . HIS A 1 186 ? 7.940   9.658   -13.225 1.00 25.31 ? 186  HIS A NE2 1 
ATOM   1423 N N   . GLY A 1 187 ? 2.319   13.247  -14.663 1.00 20.17 ? 187  GLY A N   1 
ATOM   1424 C CA  . GLY A 1 187 ? 1.033   13.640  -15.200 1.00 19.98 ? 187  GLY A CA  1 
ATOM   1425 C C   . GLY A 1 187 ? -0.163  12.921  -14.629 1.00 19.78 ? 187  GLY A C   1 
ATOM   1426 O O   . GLY A 1 187 ? -1.247  12.935  -15.225 1.00 19.92 ? 187  GLY A O   1 
ATOM   1427 N N   . LEU A 1 188 ? 0.018   12.333  -13.452 1.00 19.03 ? 188  LEU A N   1 
ATOM   1428 C CA  . LEU A 1 188 ? -1.039  11.553  -12.821 1.00 18.78 ? 188  LEU A CA  1 
ATOM   1429 C C   . LEU A 1 188 ? -1.709  12.271  -11.664 1.00 18.00 ? 188  LEU A C   1 
ATOM   1430 O O   . LEU A 1 188 ? -2.496  11.672  -10.934 1.00 18.17 ? 188  LEU A O   1 
ATOM   1431 C CB  . LEU A 1 188 ? -0.490  10.193  -12.367 1.00 19.19 ? 188  LEU A CB  1 
ATOM   1432 C CG  . LEU A 1 188 ? 0.061   9.315   -13.507 1.00 20.94 ? 188  LEU A CG  1 
ATOM   1433 C CD1 . LEU A 1 188 ? 0.764   8.112   -12.948 1.00 23.12 ? 188  LEU A CD1 1 
ATOM   1434 C CD2 . LEU A 1 188 ? -1.002  8.843   -14.474 1.00 23.01 ? 188  LEU A CD2 1 
ATOM   1435 N N   . ALA A 1 189 ? -1.417  13.555  -11.518 1.00 17.03 ? 189  ALA A N   1 
ATOM   1436 C CA  . ALA A 1 189 ? -2.016  14.394  -10.501 1.00 16.97 ? 189  ALA A CA  1 
ATOM   1437 C C   . ALA A 1 189 ? -1.459  15.804  -10.710 1.00 17.00 ? 189  ALA A C   1 
ATOM   1438 O O   . ALA A 1 189 ? -0.534  15.990  -11.498 1.00 17.32 ? 189  ALA A O   1 
ATOM   1439 C CB  . ALA A 1 189 ? -1.673  13.881  -9.090  1.00 16.58 ? 189  ALA A CB  1 
ATOM   1440 N N   . THR A 1 190 ? -2.048  16.787  -10.037 1.00 17.56 ? 190  THR A N   1 
ATOM   1441 C CA  . THR A 1 190 ? -1.488  18.136  -9.990  1.00 18.15 ? 190  THR A CA  1 
ATOM   1442 C C   . THR A 1 190 ? -1.386  18.493  -8.526  1.00 18.17 ? 190  THR A C   1 
ATOM   1443 O O   . THR A 1 190 ? -1.951  17.808  -7.679  1.00 18.13 ? 190  THR A O   1 
ATOM   1444 C CB  . THR A 1 190 ? -2.374  19.182  -10.651 1.00 18.46 ? 190  THR A CB  1 
ATOM   1445 O OG1 . THR A 1 190 ? -3.488  19.468  -9.801  1.00 18.31 ? 190  THR A OG1 1 
ATOM   1446 C CG2 . THR A 1 190 ? -2.968  18.678  -11.975 1.00 20.14 ? 190  THR A CG2 1 
ATOM   1447 N N   . PRO A 1 191 ? -0.679  19.565  -8.206  1.00 18.77 ? 191  PRO A N   1 
ATOM   1448 C CA  . PRO A 1 191 ? -0.617  20.028  -6.816  1.00 18.49 ? 191  PRO A CA  1 
ATOM   1449 C C   . PRO A 1 191 ? -1.948  20.387  -6.169  1.00 18.42 ? 191  PRO A C   1 
ATOM   1450 O O   . PRO A 1 191 ? -2.017  20.474  -4.944  1.00 17.21 ? 191  PRO A O   1 
ATOM   1451 C CB  . PRO A 1 191 ? 0.311   21.239  -6.902  1.00 18.66 ? 191  PRO A CB  1 
ATOM   1452 C CG  . PRO A 1 191 ? 1.181   20.921  -8.061  1.00 19.08 ? 191  PRO A CG  1 
ATOM   1453 C CD  . PRO A 1 191 ? 0.223   20.343  -9.075  1.00 18.78 ? 191  PRO A CD  1 
ATOM   1454 N N   . ASP A 1 192 ? -2.996  20.579  -6.959  1.00 18.04 ? 192  ASP A N   1 
ATOM   1455 C CA  . ASP A 1 192 ? -4.297  20.867  -6.382  1.00 18.56 ? 192  ASP A CA  1 
ATOM   1456 C C   . ASP A 1 192 ? -5.090  19.598  -6.079  1.00 17.66 ? 192  ASP A C   1 
ATOM   1457 O O   . ASP A 1 192 ? -6.197  19.683  -5.552  1.00 17.86 ? 192  ASP A O   1 
ATOM   1458 C CB  . ASP A 1 192 ? -5.123  21.719  -7.352  1.00 19.02 ? 192  ASP A CB  1 
ATOM   1459 C CG  . ASP A 1 192 ? -4.667  23.154  -7.413  1.00 22.06 ? 192  ASP A CG  1 
ATOM   1460 O OD1 . ASP A 1 192 ? -4.136  23.670  -6.405  1.00 26.16 ? 192  ASP A OD1 1 
ATOM   1461 O OD2 . ASP A 1 192 ? -4.829  23.852  -8.434  1.00 28.30 ? 192  ASP A OD2 1 
ATOM   1462 N N   . TRP A 1 193 ? -4.565  18.428  -6.445  1.00 16.59 ? 193  TRP A N   1 
ATOM   1463 C CA  . TRP A 1 193 ? -5.217  17.171  -6.084  1.00 15.77 ? 193  TRP A CA  1 
ATOM   1464 C C   . TRP A 1 193 ? -4.987  16.921  -4.593  1.00 15.42 ? 193  TRP A C   1 
ATOM   1465 O O   . TRP A 1 193 ? -4.311  17.683  -3.920  1.00 15.71 ? 193  TRP A O   1 
ATOM   1466 C CB  . TRP A 1 193 ? -4.676  15.986  -6.877  1.00 15.89 ? 193  TRP A CB  1 
ATOM   1467 C CG  . TRP A 1 193 ? -5.160  15.851  -8.294  1.00 15.48 ? 193  TRP A CG  1 
ATOM   1468 C CD1 . TRP A 1 193 ? -5.471  16.852  -9.161  1.00 16.58 ? 193  TRP A CD1 1 
ATOM   1469 C CD2 . TRP A 1 193 ? -5.346  14.632  -9.010  1.00 16.49 ? 193  TRP A CD2 1 
ATOM   1470 N NE1 . TRP A 1 193 ? -5.841  16.332  -10.380 1.00 17.62 ? 193  TRP A NE1 1 
ATOM   1471 C CE2 . TRP A 1 193 ? -5.788  14.967  -10.312 1.00 17.27 ? 193  TRP A CE2 1 
ATOM   1472 C CE3 . TRP A 1 193 ? -5.199  13.286  -8.686  1.00 17.82 ? 193  TRP A CE3 1 
ATOM   1473 C CZ2 . TRP A 1 193 ? -6.072  14.004  -11.278 1.00 17.58 ? 193  TRP A CZ2 1 
ATOM   1474 C CZ3 . TRP A 1 193 ? -5.475  12.332  -9.640  1.00 17.76 ? 193  TRP A CZ3 1 
ATOM   1475 C CH2 . TRP A 1 193 ? -5.902  12.695  -10.927 1.00 17.75 ? 193  TRP A CH2 1 
ATOM   1476 N N   . TYR A 1 194 ? -5.552  15.832  -4.101  1.00 14.35 ? 194  TYR A N   1 
ATOM   1477 C CA  . TYR A 1 194 ? -5.514  15.490  -2.694  1.00 14.17 ? 194  TYR A CA  1 
ATOM   1478 C C   . TYR A 1 194 ? -4.883  14.129  -2.450  1.00 13.21 ? 194  TYR A C   1 
ATOM   1479 O O   . TYR A 1 194 ? -5.049  13.199  -3.225  1.00 12.73 ? 194  TYR A O   1 
ATOM   1480 C CB  . TYR A 1 194 ? -6.942  15.427  -2.172  1.00 13.63 ? 194  TYR A CB  1 
ATOM   1481 C CG  . TYR A 1 194 ? -7.651  16.765  -2.180  1.00 15.17 ? 194  TYR A CG  1 
ATOM   1482 C CD1 . TYR A 1 194 ? -8.249  17.238  -3.336  1.00 17.21 ? 194  TYR A CD1 1 
ATOM   1483 C CD2 . TYR A 1 194 ? -7.720  17.543  -1.038  1.00 16.86 ? 194  TYR A CD2 1 
ATOM   1484 C CE1 . TYR A 1 194 ? -8.889  18.475  -3.360  1.00 18.81 ? 194  TYR A CE1 1 
ATOM   1485 C CE2 . TYR A 1 194 ? -8.370  18.778  -1.046  1.00 19.35 ? 194  TYR A CE2 1 
ATOM   1486 C CZ  . TYR A 1 194 ? -8.955  19.236  -2.214  1.00 19.01 ? 194  TYR A CZ  1 
ATOM   1487 O OH  . TYR A 1 194 ? -9.603  20.485  -2.230  1.00 23.09 ? 194  TYR A OH  1 
ATOM   1488 N N   . LEU A 1 195 ? -4.172  14.038  -1.334  1.00 12.68 ? 195  LEU A N   1 
ATOM   1489 C CA  . LEU A 1 195 ? -3.665  12.783  -0.836  1.00 12.24 ? 195  LEU A CA  1 
ATOM   1490 C C   . LEU A 1 195 ? -4.766  12.256  0.071   1.00 11.99 ? 195  LEU A C   1 
ATOM   1491 O O   . LEU A 1 195 ? -5.185  12.964  0.999   1.00 11.87 ? 195  LEU A O   1 
ATOM   1492 C CB  . LEU A 1 195 ? -2.388  13.040  -0.050  1.00 11.93 ? 195  LEU A CB  1 
ATOM   1493 C CG  . LEU A 1 195 ? -1.802  11.864  0.737   1.00 11.89 ? 195  LEU A CG  1 
ATOM   1494 C CD1 . LEU A 1 195 ? -1.511  10.705  -0.158  1.00 12.36 ? 195  LEU A CD1 1 
ATOM   1495 C CD2 . LEU A 1 195 ? -0.530  12.267  1.478   1.00 11.31 ? 195  LEU A CD2 1 
ATOM   1496 N N   . THR A 1 196 ? -5.216  11.014  -0.140  1.00 11.58 ? 196  THR A N   1 
ATOM   1497 C CA  . THR A 1 196 ? -6.376  10.471  0.602   1.00 11.90 ? 196  THR A CA  1 
ATOM   1498 C C   . THR A 1 196 ? -6.048  9.334   1.566   1.00 11.37 ? 196  THR A C   1 
ATOM   1499 O O   . THR A 1 196 ? -6.741  9.171   2.568   1.00 12.25 ? 196  THR A O   1 
ATOM   1500 C CB  . THR A 1 196 ? -7.530  10.018  -0.323  1.00 12.12 ? 196  THR A CB  1 
ATOM   1501 O OG1 . THR A 1 196 ? -7.089  8.984   -1.209  1.00 11.75 ? 196  THR A OG1 1 
ATOM   1502 C CG2 . THR A 1 196 ? -7.978  11.137  -1.214  1.00 14.00 ? 196  THR A CG2 1 
ATOM   1503 N N   . SER A 1 197 ? -5.045  8.517   1.249   1.00 11.10 ? 197  SER A N   1 
ATOM   1504 C CA  . SER A 1 197 ? -4.570  7.510   2.215   1.00 10.92 ? 197  SER A CA  1 
ATOM   1505 C C   . SER A 1 197 ? -3.149  7.070   1.911   1.00 10.75 ? 197  SER A C   1 
ATOM   1506 O O   . SER A 1 197 ? -2.688  7.170   0.776   1.00 10.11 ? 197  SER A O   1 
ATOM   1507 C CB  . SER A 1 197 ? -5.485  6.287   2.291   1.00 11.02 ? 197  SER A CB  1 
ATOM   1508 O OG  . SER A 1 197 ? -5.487  5.589   1.061   1.00 10.13 ? 197  SER A OG  1 
ATOM   1509 N N   . ILE A 1 198 ? -2.460  6.582   2.946   1.00 10.34 ? 198  ILE A N   1 
ATOM   1510 C CA  . ILE A 1 198 ? -1.102  6.041   2.871   1.00 10.12 ? 198  ILE A CA  1 
ATOM   1511 C C   . ILE A 1 198 ? -1.196  4.665   3.513   1.00 9.89  ? 198  ILE A C   1 
ATOM   1512 O O   . ILE A 1 198 ? -1.493  4.563   4.719   1.00 9.68  ? 198  ILE A O   1 
ATOM   1513 C CB  . ILE A 1 198 ? -0.113  6.915   3.665   1.00 10.23 ? 198  ILE A CB  1 
ATOM   1514 C CG1 . ILE A 1 198 ? 0.008   8.324   3.074   1.00 10.19 ? 198  ILE A CG1 1 
ATOM   1515 C CG2 . ILE A 1 198 ? 1.234   6.201   3.767   1.00 10.16 ? 198  ILE A CG2 1 
ATOM   1516 C CD1 . ILE A 1 198 ? 0.848   9.315   3.857   1.00 12.68 ? 198  ILE A CD1 1 
ATOM   1517 N N   . GLN A 1 199 ? -0.981  3.609   2.727   1.00 10.11 ? 199  GLN A N   1 
ATOM   1518 C CA  . GLN A 1 199 ? -1.186  2.228   3.180   1.00 10.32 ? 199  GLN A CA  1 
ATOM   1519 C C   . GLN A 1 199 ? 0.068   1.396   2.955   1.00 9.94  ? 199  GLN A C   1 
ATOM   1520 O O   . GLN A 1 199 ? 0.794   1.639   2.003   1.00 10.21 ? 199  GLN A O   1 
ATOM   1521 C CB  . GLN A 1 199 ? -2.356  1.576   2.416   1.00 10.01 ? 199  GLN A CB  1 
ATOM   1522 C CG  . GLN A 1 199 ? -3.533  2.508   2.217   1.00 10.26 ? 199  GLN A CG  1 
ATOM   1523 C CD  . GLN A 1 199 ? -4.767  1.816   1.627   1.00 10.43 ? 199  GLN A CD  1 
ATOM   1524 O OE1 . GLN A 1 199 ? -4.828  0.590   1.534   1.00 12.00 ? 199  GLN A OE1 1 
ATOM   1525 N NE2 . GLN A 1 199 ? -5.756  2.622   1.226   1.00 10.72 ? 199  GLN A NE2 1 
ATOM   1526 N N   . ALA A 1 200 ? 0.310   0.409   3.830   1.00 10.20 ? 200  ALA A N   1 
ATOM   1527 C CA  . ALA A 1 200 ? 1.419   -0.508  3.644   1.00 10.06 ? 200  ALA A CA  1 
ATOM   1528 C C   . ALA A 1 200 ? 0.994   -1.921  3.982   1.00 10.14 ? 200  ALA A C   1 
ATOM   1529 O O   . ALA A 1 200 ? 0.375   -2.171  5.029   1.00 10.98 ? 200  ALA A O   1 
ATOM   1530 C CB  . ALA A 1 200 ? 2.600   -0.129  4.512   1.00 10.09 ? 200  ALA A CB  1 
ATOM   1531 N N   . GLY A 1 201 ? 1.339   -2.854  3.104   1.00 10.38 ? 201  GLY A N   1 
ATOM   1532 C CA  . GLY A 1 201 ? 0.997   -4.235  3.343   1.00 10.00 ? 201  GLY A CA  1 
ATOM   1533 C C   . GLY A 1 201 ? 1.631   -5.165  2.339   1.00 10.50 ? 201  GLY A C   1 
ATOM   1534 O O   . GLY A 1 201 ? 2.758   -4.918  1.874   1.00 10.36 ? 201  GLY A O   1 
ATOM   1535 N N   . PHE A 1 202 ? 0.908   -6.231  2.018   1.00 10.66 ? 202  PHE A N   1 
ATOM   1536 C CA  . PHE A 1 202 ? 1.390   -7.226  1.072   1.00 10.23 ? 202  PHE A CA  1 
ATOM   1537 C C   . PHE A 1 202 ? 0.337   -7.555  0.047   1.00 10.37 ? 202  PHE A C   1 
ATOM   1538 O O   . PHE A 1 202 ? -0.848  -7.518  0.342   1.00 10.12 ? 202  PHE A O   1 
ATOM   1539 C CB  . PHE A 1 202 ? 1.684   -8.553  1.775   1.00 10.40 ? 202  PHE A CB  1 
ATOM   1540 C CG  . PHE A 1 202 ? 2.734   -8.494  2.856   1.00 11.05 ? 202  PHE A CG  1 
ATOM   1541 C CD1 . PHE A 1 202 ? 4.060   -8.659  2.549   1.00 10.56 ? 202  PHE A CD1 1 
ATOM   1542 C CD2 . PHE A 1 202 ? 2.359   -8.385  4.179   1.00 11.40 ? 202  PHE A CD2 1 
ATOM   1543 C CE1 . PHE A 1 202 ? 5.020   -8.672  3.554   1.00 12.24 ? 202  PHE A CE1 1 
ATOM   1544 C CE2 . PHE A 1 202 ? 3.293   -8.377  5.174   1.00 11.86 ? 202  PHE A CE2 1 
ATOM   1545 C CZ  . PHE A 1 202 ? 4.621   -8.504  4.864   1.00 11.75 ? 202  PHE A CZ  1 
ATOM   1546 N N   . GLU A 1 203 ? 0.783   -7.952  -1.140  1.00 9.67  ? 203  GLU A N   1 
ATOM   1547 C CA  . GLU A 1 203 ? -0.128  -8.493  -2.141  1.00 10.35 ? 203  GLU A CA  1 
ATOM   1548 C C   . GLU A 1 203 ? 0.316   -9.921  -2.425  1.00 10.71 ? 203  GLU A C   1 
ATOM   1549 O O   . GLU A 1 203 ? 1.329   -10.130 -3.117  1.00 10.98 ? 203  GLU A O   1 
ATOM   1550 C CB  . GLU A 1 203 ? -0.098  -7.672  -3.422  1.00 10.59 ? 203  GLU A CB  1 
ATOM   1551 C CG  . GLU A 1 203 ? -0.622  -6.265  -3.245  1.00 11.85 ? 203  GLU A CG  1 
ATOM   1552 C CD  . GLU A 1 203 ? -0.833  -5.547  -4.553  1.00 14.44 ? 203  GLU A CD  1 
ATOM   1553 O OE1 . GLU A 1 203 ? -0.050  -5.780  -5.506  1.00 14.18 ? 203  GLU A OE1 1 
ATOM   1554 O OE2 . GLU A 1 203 ? -1.807  -4.755  -4.616  1.00 20.76 ? 203  GLU A OE2 1 
ATOM   1555 N N   . PRO A 1 204 ? -0.370  -10.908 -1.866  1.00 10.85 ? 204  PRO A N   1 
ATOM   1556 C CA  . PRO A 1 204 ? -0.056  -12.304 -2.165  1.00 10.94 ? 204  PRO A CA  1 
ATOM   1557 C C   . PRO A 1 204 ? -0.790  -12.870 -3.382  1.00 11.45 ? 204  PRO A C   1 
ATOM   1558 O O   . PRO A 1 204 ? -1.996  -12.646 -3.547  1.00 12.17 ? 204  PRO A O   1 
ATOM   1559 C CB  . PRO A 1 204 ? -0.496  -13.028 -0.882  1.00 11.38 ? 204  PRO A CB  1 
ATOM   1560 C CG  . PRO A 1 204 ? -1.706  -12.275 -0.483  1.00 11.90 ? 204  PRO A CG  1 
ATOM   1561 C CD  . PRO A 1 204 ? -1.436  -10.815 -0.857  1.00 10.74 ? 204  PRO A CD  1 
ATOM   1562 N N   . TRP A 1 205 ? -0.042  -13.621 -4.191  1.00 11.17 ? 205  TRP A N   1 
ATOM   1563 C CA  . TRP A 1 205 ? -0.594  -14.376 -5.310  1.00 11.15 ? 205  TRP A CA  1 
ATOM   1564 C C   . TRP A 1 205 ? -0.648  -15.874 -4.986  1.00 10.96 ? 205  TRP A C   1 
ATOM   1565 O O   . TRP A 1 205 ? -1.488  -16.597 -5.517  1.00 11.10 ? 205  TRP A O   1 
ATOM   1566 C CB  . TRP A 1 205 ? 0.220   -14.164 -6.581  1.00 10.97 ? 205  TRP A CB  1 
ATOM   1567 C CG  . TRP A 1 205 ? -0.114  -12.955 -7.378  1.00 10.88 ? 205  TRP A CG  1 
ATOM   1568 C CD1 . TRP A 1 205 ? -0.905  -12.920 -8.494  1.00 12.04 ? 205  TRP A CD1 1 
ATOM   1569 C CD2 . TRP A 1 205 ? 0.369   -11.618 -7.195  1.00 9.61  ? 205  TRP A CD2 1 
ATOM   1570 N NE1 . TRP A 1 205 ? -0.953  -11.648 -9.006  1.00 12.51 ? 205  TRP A NE1 1 
ATOM   1571 C CE2 . TRP A 1 205 ? -0.187  -10.827 -8.223  1.00 10.83 ? 205  TRP A CE2 1 
ATOM   1572 C CE3 . TRP A 1 205 ? 1.201   -11.000 -6.258  1.00 10.42 ? 205  TRP A CE3 1 
ATOM   1573 C CZ2 . TRP A 1 205 ? 0.070   -9.480  -8.340  1.00 11.11 ? 205  TRP A CZ2 1 
ATOM   1574 C CZ3 . TRP A 1 205 ? 1.449   -9.659  -6.372  1.00 11.05 ? 205  TRP A CZ3 1 
ATOM   1575 C CH2 . TRP A 1 205 ? 0.895   -8.908  -7.407  1.00 11.12 ? 205  TRP A CH2 1 
ATOM   1576 N N   . GLU A 1 206 ? 0.245   -16.353 -4.122  1.00 11.15 ? 206  GLU A N   1 
ATOM   1577 C CA  . GLU A 1 206 ? 0.268   -17.753 -3.728  1.00 11.29 ? 206  GLU A CA  1 
ATOM   1578 C C   . GLU A 1 206 ? 0.870   -17.817 -2.325  1.00 11.62 ? 206  GLU A C   1 
ATOM   1579 O O   . GLU A 1 206 ? 1.879   -17.175 -2.073  1.00 11.86 ? 206  GLU A O   1 
ATOM   1580 C CB  . GLU A 1 206 ? 1.109   -18.573 -4.727  1.00 11.99 ? 206  GLU A CB  1 
ATOM   1581 C CG  . GLU A 1 206 ? 1.036   -20.092 -4.530  1.00 14.77 ? 206  GLU A CG  1 
ATOM   1582 C CD  . GLU A 1 206 ? 2.086   -20.720 -3.642  1.00 19.80 ? 206  GLU A CD  1 
ATOM   1583 O OE1 . GLU A 1 206 ? 3.013   -20.023 -3.183  1.00 25.73 ? 206  GLU A OE1 1 
ATOM   1584 O OE2 . GLU A 1 206 ? 1.978   -21.941 -3.409  1.00 20.26 ? 206  GLU A OE2 1 
ATOM   1585 N N   . GLY A 1 207 ? 0.237   -18.555 -1.417  1.00 12.25 ? 207  GLY A N   1 
ATOM   1586 C CA  . GLY A 1 207 ? 0.730   -18.592 -0.063  1.00 11.28 ? 207  GLY A CA  1 
ATOM   1587 C C   . GLY A 1 207 ? 0.608   -17.226 0.593   1.00 11.03 ? 207  GLY A C   1 
ATOM   1588 O O   . GLY A 1 207 ? -0.291  -16.452 0.267   1.00 11.37 ? 207  GLY A O   1 
ATOM   1589 N N   . GLY A 1 208 ? 1.525   -16.924 1.513   1.00 10.34 ? 208  GLY A N   1 
ATOM   1590 C CA  . GLY A 1 208 ? 1.558   -15.667 2.238   1.00 10.50 ? 208  GLY A CA  1 
ATOM   1591 C C   . GLY A 1 208 ? 1.587   -15.776 3.763   1.00 10.61 ? 208  GLY A C   1 
ATOM   1592 O O   . GLY A 1 208 ? 1.825   -14.777 4.445   1.00 10.32 ? 208  GLY A O   1 
ATOM   1593 N N   . THR A 1 209 ? 1.344   -16.966 4.313   1.00 11.38 ? 209  THR A N   1 
ATOM   1594 C CA  . THR A 1 209 ? 1.383   -17.107 5.775   1.00 11.36 ? 209  THR A CA  1 
ATOM   1595 C C   . THR A 1 209 ? 2.795   -16.877 6.301   1.00 11.79 ? 209  THR A C   1 
ATOM   1596 O O   . THR A 1 209 ? 3.785   -17.268 5.696   1.00 12.48 ? 209  THR A O   1 
ATOM   1597 C CB  . THR A 1 209 ? 0.849   -18.461 6.301   1.00 12.46 ? 209  THR A CB  1 
ATOM   1598 O OG1 . THR A 1 209 ? 1.623   -19.552 5.770   1.00 13.07 ? 209  THR A OG1 1 
ATOM   1599 C CG2 . THR A 1 209 ? -0.606  -18.689 5.907   1.00 11.27 ? 209  THR A CG2 1 
ATOM   1600 N N   . GLY A 1 210 ? 2.854   -16.220 7.446   1.00 11.41 ? 210  GLY A N   1 
ATOM   1601 C CA  . GLY A 1 210 ? 4.114   -15.903 8.104   1.00 11.44 ? 210  GLY A CA  1 
ATOM   1602 C C   . GLY A 1 210 ? 4.616   -14.503 7.817   1.00 12.00 ? 210  GLY A C   1 
ATOM   1603 O O   . GLY A 1 210 ? 5.488   -13.995 8.522   1.00 13.16 ? 210  GLY A O   1 
ATOM   1604 N N   . LEU A 1 211 ? 4.107   -13.895 6.747   1.00 11.95 ? 211  LEU A N   1 
ATOM   1605 C CA  . LEU A 1 211 ? 4.435   -12.511 6.407   1.00 11.18 ? 211  LEU A CA  1 
ATOM   1606 C C   . LEU A 1 211 ? 3.868   -11.588 7.483   1.00 11.33 ? 211  LEU A C   1 
ATOM   1607 O O   . LEU A 1 211 ? 2.782   -11.839 8.026   1.00 11.26 ? 211  LEU A O   1 
ATOM   1608 C CB  . LEU A 1 211 ? 3.820   -12.131 5.061   1.00 11.30 ? 211  LEU A CB  1 
ATOM   1609 C CG  . LEU A 1 211 ? 4.387   -12.864 3.841   1.00 11.35 ? 211  LEU A CG  1 
ATOM   1610 C CD1 . LEU A 1 211 ? 3.596   -12.514 2.589   1.00 11.81 ? 211  LEU A CD1 1 
ATOM   1611 C CD2 . LEU A 1 211 ? 5.854   -12.528 3.647   1.00 12.04 ? 211  LEU A CD2 1 
ATOM   1612 N N   . ALA A 1 212 ? 4.608   -10.534 7.800   1.00 11.31 ? 212  ALA A N   1 
ATOM   1613 C CA  . ALA A 1 212 ? 4.181   -9.585  8.829   1.00 10.87 ? 212  ALA A CA  1 
ATOM   1614 C C   . ALA A 1 212 ? 4.618   -8.155  8.583   1.00 11.24 ? 212  ALA A C   1 
ATOM   1615 O O   . ALA A 1 212 ? 5.679   -7.895  8.012   1.00 10.53 ? 212  ALA A O   1 
ATOM   1616 C CB  . ALA A 1 212 ? 4.707   -10.026 10.204  1.00 11.57 ? 212  ALA A CB  1 
ATOM   1617 N N   . VAL A 1 213 ? 3.791   -7.227  9.044   1.00 10.95 ? 213  VAL A N   1 
ATOM   1618 C CA  . VAL A 1 213 ? 4.184   -5.843  9.155   1.00 11.00 ? 213  VAL A CA  1 
ATOM   1619 C C   . VAL A 1 213 ? 4.522   -5.740  10.637  1.00 12.04 ? 213  VAL A C   1 
ATOM   1620 O O   . VAL A 1 213 ? 3.666   -5.994  11.481  1.00 12.53 ? 213  VAL A O   1 
ATOM   1621 C CB  . VAL A 1 213 ? 3.044   -4.863  8.784   1.00 11.10 ? 213  VAL A CB  1 
ATOM   1622 C CG1 . VAL A 1 213 ? 3.364   -3.442  9.254   1.00 11.66 ? 213  VAL A CG1 1 
ATOM   1623 C CG2 . VAL A 1 213 ? 2.823   -4.876  7.292   1.00 12.12 ? 213  VAL A CG2 1 
ATOM   1624 N N   . ASN A 1 214 ? 5.790   -5.485  10.949  1.00 12.34 ? 214  ASN A N   1 
ATOM   1625 C CA  . ASN A 1 214 ? 6.227   -5.372  12.341  1.00 13.03 ? 214  ASN A CA  1 
ATOM   1626 C C   . ASN A 1 214 ? 5.786   -4.049  12.980  1.00 13.52 ? 214  ASN A C   1 
ATOM   1627 O O   . ASN A 1 214 ? 5.518   -3.979  14.183  1.00 13.92 ? 214  ASN A O   1 
ATOM   1628 C CB  . ASN A 1 214 ? 7.755   -5.435  12.422  1.00 13.30 ? 214  ASN A CB  1 
ATOM   1629 C CG  . ASN A 1 214 ? 8.346   -6.770  11.947  1.00 13.94 ? 214  ASN A CG  1 
ATOM   1630 O OD1 . ASN A 1 214 ? 7.870   -7.839  12.315  1.00 16.40 ? 214  ASN A OD1 1 
ATOM   1631 N ND2 . ASN A 1 214 ? 9.401   -6.697  11.143  1.00 15.52 ? 214  ASN A ND2 1 
ATOM   1632 N N   . SER A 1 215 ? 5.792   -2.986  12.185  1.00 13.05 ? 215  SER A N   1 
ATOM   1633 C CA  . SER A 1 215 ? 5.442   -1.664  12.649  1.00 13.03 ? 215  SER A CA  1 
ATOM   1634 C C   . SER A 1 215 ? 5.145   -0.783  11.454  1.00 12.84 ? 215  SER A C   1 
ATOM   1635 O O   . SER A 1 215 ? 5.523   -1.095  10.320  1.00 12.54 ? 215  SER A O   1 
ATOM   1636 C CB  . SER A 1 215 ? 6.589   -1.058  13.470  1.00 13.03 ? 215  SER A CB  1 
ATOM   1637 O OG  . SER A 1 215 ? 7.752   -0.902  12.684  1.00 14.72 ? 215  SER A OG  1 
ATOM   1638 N N   . PHE A 1 216 ? 4.477   0.332   11.717  1.00 13.06 ? 216  PHE A N   1 
ATOM   1639 C CA  . PHE A 1 216 ? 4.110   1.299   10.695  1.00 12.74 ? 216  PHE A CA  1 
ATOM   1640 C C   . PHE A 1 216 ? 3.857   2.641   11.341  1.00 12.63 ? 216  PHE A C   1 
ATOM   1641 O O   . PHE A 1 216 ? 3.324   2.719   12.451  1.00 13.30 ? 216  PHE A O   1 
ATOM   1642 C CB  . PHE A 1 216 ? 2.808   0.836   10.023  1.00 12.51 ? 216  PHE A CB  1 
ATOM   1643 C CG  . PHE A 1 216 ? 2.205   1.823   9.035   1.00 12.52 ? 216  PHE A CG  1 
ATOM   1644 C CD1 . PHE A 1 216 ? 2.676   1.915   7.740   1.00 12.07 ? 216  PHE A CD1 1 
ATOM   1645 C CD2 . PHE A 1 216 ? 1.122   2.620   9.400   1.00 10.95 ? 216  PHE A CD2 1 
ATOM   1646 C CE1 . PHE A 1 216 ? 2.102   2.810   6.845   1.00 12.33 ? 216  PHE A CE1 1 
ATOM   1647 C CE2 . PHE A 1 216 ? 0.549   3.522   8.505   1.00 11.64 ? 216  PHE A CE2 1 
ATOM   1648 C CZ  . PHE A 1 216 ? 1.044   3.617   7.225   1.00 10.68 ? 216  PHE A CZ  1 
ATOM   1649 N N   . SER A 1 217 ? 4.199   3.699   10.621  1.00 12.79 ? 217  SER A N   1 
ATOM   1650 C CA  . SER A 1 217 ? 3.841   5.030   11.047  1.00 13.06 ? 217  SER A CA  1 
ATOM   1651 C C   . SER A 1 217 ? 3.529   5.865   9.822   1.00 12.93 ? 217  SER A C   1 
ATOM   1652 O O   . SER A 1 217 ? 3.997   5.572   8.735   1.00 13.28 ? 217  SER A O   1 
ATOM   1653 C CB  . SER A 1 217 ? 4.968   5.657   11.863  1.00 13.43 ? 217  SER A CB  1 
ATOM   1654 O OG  . SER A 1 217 ? 6.102   5.935   11.065  1.00 14.55 ? 217  SER A OG  1 
ATOM   1655 N N   . SER A 1 218 ? 2.750   6.917   10.035  1.00 12.23 ? 218  SER A N   1 
ATOM   1656 C CA  . SER A 1 218 ? 2.422   7.866   9.002   1.00 12.30 ? 218  SER A CA  1 
ATOM   1657 C C   . SER A 1 218 ? 1.952   9.150   9.681   1.00 12.76 ? 218  SER A C   1 
ATOM   1658 O O   . SER A 1 218 ? 1.171   9.104   10.647  1.00 13.59 ? 218  SER A O   1 
ATOM   1659 C CB  . SER A 1 218 ? 1.326   7.302   8.132   1.00 12.71 ? 218  SER A CB  1 
ATOM   1660 O OG  . SER A 1 218 ? 0.835   8.307   7.279   1.00 11.59 ? 218  SER A OG  1 
ATOM   1661 N N   . ALA A 1 219 ? 2.463   10.277  9.207   1.00 12.94 ? 219  ALA A N   1 
ATOM   1662 C CA  . ALA A 1 219 ? 1.982   11.589  9.629   1.00 13.38 ? 219  ALA A CA  1 
ATOM   1663 C C   . ALA A 1 219 ? 1.957   12.452  8.371   1.00 13.87 ? 219  ALA A C   1 
ATOM   1664 O O   . ALA A 1 219 ? 2.785   12.275  7.490   1.00 14.36 ? 219  ALA A O   1 
ATOM   1665 C CB  . ALA A 1 219 ? 2.894   12.188  10.683  1.00 14.25 ? 219  ALA A CB  1 
ATOM   1666 N N   . VAL A 1 220 ? 1.002   13.371  8.284   1.00 14.98 ? 220  VAL A N   1 
ATOM   1667 C CA  . VAL A 1 220 ? 0.935   14.267  7.145   1.00 15.18 ? 220  VAL A CA  1 
ATOM   1668 C C   . VAL A 1 220 ? 0.834   15.689  7.701   1.00 16.03 ? 220  VAL A C   1 
ATOM   1669 O O   . VAL A 1 220 ? -0.215  16.102  8.211   1.00 16.15 ? 220  VAL A O   1 
ATOM   1670 C CB  . VAL A 1 220 ? -0.225  13.933  6.175   1.00 15.07 ? 220  VAL A CB  1 
ATOM   1671 C CG1 . VAL A 1 220 ? -0.156  14.886  5.003   1.00 15.14 ? 220  VAL A CG1 1 
ATOM   1672 C CG2 . VAL A 1 220 ? -0.130  12.484  5.699   1.00 15.05 ? 220  VAL A CG2 1 
ATOM   1673 N N   . ASN A 1 221 ? 1.956   16.405  7.628   1.00 16.38 ? 221  ASN A N   1 
ATOM   1674 C CA  . ASN A 1 221 ? 2.109   17.721  8.216   1.00 17.99 ? 221  ASN A CA  1 
ATOM   1675 C C   . ASN A 1 221 ? 1.813   18.827  7.220   1.00 19.15 ? 221  ASN A C   1 
ATOM   1676 O O   . ASN A 1 221 ? 2.287   18.794  6.084   1.00 20.02 ? 221  ASN A O   1 
ATOM   1677 C CB  . ASN A 1 221 ? 3.538   17.866  8.727   1.00 17.94 ? 221  ASN A CB  1 
ATOM   1678 C CG  . ASN A 1 221 ? 3.891   16.798  9.718   1.00 17.05 ? 221  ASN A CG  1 
ATOM   1679 O OD1 . ASN A 1 221 ? 4.808   15.999  9.502   1.00 18.55 ? 221  ASN A OD1 1 
ATOM   1680 N ND2 . ASN A 1 221 ? 3.138   16.743  10.802  1.00 17.09 ? 221  ASN A ND2 1 
ATOM   1681 N N   . ALA A 1 222 ? 1.020   19.802  7.652   1.00 21.27 ? 222  ALA A N   1 
ATOM   1682 C CA  . ALA A 1 222 ? 0.636   20.932  6.804   1.00 22.72 ? 222  ALA A CA  1 
ATOM   1683 C C   . ALA A 1 222 ? 1.700   22.029  6.756   1.00 24.05 ? 222  ALA A C   1 
ATOM   1684 O O   . ALA A 1 222 ? 2.908   21.755  6.785   1.00 26.45 ? 222  ALA A O   1 
ATOM   1685 C CB  . ALA A 1 222 ? -0.686  21.528  7.302   1.00 23.25 ? 222  ALA A CB  1 
HETATM 1686 O O   . HOH B 2 .   ? -13.631 -9.246  12.441  1.00 33.85 ? 2001 HOH A O   1 
HETATM 1687 O O   . HOH B 2 .   ? -8.981  -3.553  -5.695  1.00 31.30 ? 2002 HOH A O   1 
HETATM 1688 O O   . HOH B 2 .   ? -11.915 -14.800 12.903  1.00 53.37 ? 2003 HOH A O   1 
HETATM 1689 O O   . HOH B 2 .   ? -11.304 -15.154 4.553   1.00 16.00 ? 2004 HOH A O   1 
HETATM 1690 O O   . HOH B 2 .   ? -14.415 -15.460 8.214   1.00 36.74 ? 2005 HOH A O   1 
HETATM 1691 O O   . HOH B 2 .   ? -13.252 -11.646 11.072  1.00 26.10 ? 2006 HOH A O   1 
HETATM 1692 O O   . HOH B 2 .   ? -15.212 -13.787 4.273   1.00 13.79 ? 2007 HOH A O   1 
HETATM 1693 O O   . HOH B 2 .   ? -9.175  -1.220  -3.345  1.00 20.30 ? 2008 HOH A O   1 
HETATM 1694 O O   . HOH B 2 .   ? -9.624  -10.142 -9.069  1.00 26.31 ? 2009 HOH A O   1 
HETATM 1695 O O   . HOH B 2 .   ? -14.950 -3.011  5.645   1.00 18.17 ? 2010 HOH A O   1 
HETATM 1696 O O   . HOH B 2 .   ? -13.389 -4.354  -3.673  1.00 34.27 ? 2011 HOH A O   1 
HETATM 1697 O O   . HOH B 2 .   ? -14.464 -3.967  10.203  1.00 23.42 ? 2012 HOH A O   1 
HETATM 1698 O O   . HOH B 2 .   ? 5.079   2.457   18.834  1.00 40.88 ? 2013 HOH A O   1 
HETATM 1699 O O   . HOH B 2 .   ? -0.934  6.462   18.976  1.00 22.84 ? 2014 HOH A O   1 
HETATM 1700 O O   . HOH B 2 .   ? -6.196  0.835   18.578  1.00 18.05 ? 2015 HOH A O   1 
HETATM 1701 O O   . HOH B 2 .   ? -10.990 6.419   18.034  1.00 38.03 ? 2016 HOH A O   1 
HETATM 1702 O O   . HOH B 2 .   ? -9.228  3.159   17.639  1.00 27.10 ? 2017 HOH A O   1 
HETATM 1703 O O   . HOH B 2 .   ? 3.012   6.337   14.897  1.00 16.36 ? 2018 HOH A O   1 
HETATM 1704 O O   . HOH B 2 .   ? -10.747 -0.369  5.000   1.00 27.24 ? 2019 HOH A O   1 
HETATM 1705 O O   . HOH B 2 .   ? -10.786 -2.410  0.008   1.00 14.91 ? 2020 HOH A O   1 
HETATM 1706 O O   . HOH B 2 .   ? -10.715 -5.252  5.012   1.00 15.05 ? 2021 HOH A O   1 
HETATM 1707 O O   . HOH B 2 .   ? -6.994  -2.076  -1.985  1.00 14.23 ? 2022 HOH A O   1 
HETATM 1708 O O   . HOH B 2 .   ? -4.226  26.136  -1.972  1.00 51.11 ? 2023 HOH A O   1 
HETATM 1709 O O   . HOH B 2 .   ? -7.570  -11.827 -8.137  1.00 18.06 ? 2024 HOH A O   1 
HETATM 1710 O O   . HOH B 2 .   ? 5.252   24.267  4.556   1.00 48.29 ? 2025 HOH A O   1 
HETATM 1711 O O   . HOH B 2 .   ? -11.851 -21.978 4.775   1.00 38.43 ? 2026 HOH A O   1 
HETATM 1712 O O   . HOH B 2 .   ? -15.625 15.472  -2.005  1.00 35.15 ? 2027 HOH A O   1 
HETATM 1713 O O   . HOH B 2 .   ? 3.377   0.216   14.516  1.00 16.59 ? 2028 HOH A O   1 
HETATM 1714 O O   . HOH B 2 .   ? 2.124   -0.249  21.281  1.00 39.23 ? 2029 HOH A O   1 
HETATM 1715 O O   . HOH B 2 .   ? 4.993   0.556   16.640  1.00 30.28 ? 2030 HOH A O   1 
HETATM 1716 O O   . HOH B 2 .   ? 14.736  -10.733 2.554   1.00 25.42 ? 2031 HOH A O   1 
HETATM 1717 O O   . HOH B 2 .   ? -7.576  -19.639 10.732  1.00 17.64 ? 2032 HOH A O   1 
HETATM 1718 O O   . HOH B 2 .   ? -10.429 -22.512 6.699   1.00 27.93 ? 2033 HOH A O   1 
HETATM 1719 O O   . HOH B 2 .   ? -6.908  -16.347 0.427   1.00 13.80 ? 2034 HOH A O   1 
HETATM 1720 O O   . HOH B 2 .   ? -3.155  -20.685 3.993   1.00 15.92 ? 2035 HOH A O   1 
HETATM 1721 O O   . HOH B 2 .   ? -10.016 -21.529 1.677   1.00 17.98 ? 2036 HOH A O   1 
HETATM 1722 O O   . HOH B 2 .   ? -3.948  -23.112 -5.317  1.00 41.58 ? 2037 HOH A O   1 
HETATM 1723 O O   . HOH B 2 .   ? -3.199  -19.791 -9.405  1.00 15.61 ? 2038 HOH A O   1 
HETATM 1724 O O   . HOH B 2 .   ? -5.146  -13.846 -15.677 1.00 32.63 ? 2039 HOH A O   1 
HETATM 1725 O O   . HOH B 2 .   ? -6.913  -10.010 -12.974 1.00 23.16 ? 2040 HOH A O   1 
HETATM 1726 O O   . HOH B 2 .   ? -4.803  -13.052 -11.003 1.00 13.29 ? 2041 HOH A O   1 
HETATM 1727 O O   . HOH B 2 .   ? -3.753  -6.991  -13.186 1.00 38.64 ? 2042 HOH A O   1 
HETATM 1728 O O   . HOH B 2 .   ? -4.444  -15.118 0.712   1.00 13.14 ? 2043 HOH A O   1 
HETATM 1729 O O   . HOH B 2 .   ? -2.636  11.941  8.818   1.00 15.03 ? 2044 HOH A O   1 
HETATM 1730 O O   . HOH B 2 .   ? -9.047  4.366   -1.458  1.00 12.12 ? 2045 HOH A O   1 
HETATM 1731 O O   . HOH B 2 .   ? -9.996  1.209   -4.946  1.00 16.89 ? 2046 HOH A O   1 
HETATM 1732 O O   . HOH B 2 .   ? -16.551 8.088   6.083   1.00 24.68 ? 2047 HOH A O   1 
HETATM 1733 O O   . HOH B 2 .   ? -10.930 4.189   12.851  1.00 36.27 ? 2048 HOH A O   1 
HETATM 1734 O O   . HOH B 2 .   ? -14.365 5.968   9.347   1.00 21.53 ? 2049 HOH A O   1 
HETATM 1735 O O   . HOH B 2 .   ? -4.505  -5.611  -9.728  1.00 25.42 ? 2050 HOH A O   1 
HETATM 1736 O O   . HOH B 2 .   ? -10.538 10.291  11.459  1.00 24.17 ? 2051 HOH A O   1 
HETATM 1737 O O   . HOH B 2 .   ? -9.023  15.236  8.438   1.00 30.11 ? 2052 HOH A O   1 
HETATM 1738 O O   . HOH B 2 .   ? -6.230  18.182  7.099   1.00 33.73 ? 2053 HOH A O   1 
HETATM 1739 O O   . HOH B 2 .   ? -10.779 12.501  7.368   1.00 23.50 ? 2054 HOH A O   1 
HETATM 1740 O O   . HOH B 2 .   ? -9.882  21.807  -5.931  1.00 30.94 ? 2055 HOH A O   1 
HETATM 1741 O O   . HOH B 2 .   ? 3.568   23.412  -1.913  1.00 36.82 ? 2056 HOH A O   1 
HETATM 1742 O O   . HOH B 2 .   ? -2.149  24.719  -0.674  1.00 29.75 ? 2057 HOH A O   1 
HETATM 1743 O O   . HOH B 2 .   ? 3.692   23.304  2.769   1.00 37.84 ? 2058 HOH A O   1 
HETATM 1744 O O   . HOH B 2 .   ? 7.198   20.904  1.330   1.00 33.40 ? 2059 HOH A O   1 
HETATM 1745 O O   . HOH B 2 .   ? 5.629   8.773   10.499  1.00 14.39 ? 2060 HOH A O   1 
HETATM 1746 O O   . HOH B 2 .   ? 5.507   -19.466 5.505   1.00 20.51 ? 2061 HOH A O   1 
HETATM 1747 O O   . HOH B 2 .   ? 8.328   -18.333 -4.790  1.00 48.52 ? 2062 HOH A O   1 
HETATM 1748 O O   . HOH B 2 .   ? -5.058  -1.709  -4.239  1.00 20.70 ? 2063 HOH A O   1 
HETATM 1749 O O   . HOH B 2 .   ? -5.480  0.124   -1.137  1.00 10.18 ? 2064 HOH A O   1 
HETATM 1750 O O   . HOH B 2 .   ? -8.176  19.291  -7.378  1.00 24.33 ? 2065 HOH A O   1 
HETATM 1751 O O   . HOH B 2 .   ? -11.737 18.887  -7.677  1.00 35.52 ? 2066 HOH A O   1 
HETATM 1752 O O   . HOH B 2 .   ? -15.000 12.928  -3.410  1.00 27.97 ? 2067 HOH A O   1 
HETATM 1753 O O   . HOH B 2 .   ? -13.712 15.293  2.282   1.00 33.71 ? 2068 HOH A O   1 
HETATM 1754 O O   . HOH B 2 .   ? -11.677 5.165   -0.950  1.00 13.26 ? 2069 HOH A O   1 
HETATM 1755 O O   . HOH B 2 .   ? -9.095  3.822   -4.198  1.00 13.58 ? 2070 HOH A O   1 
HETATM 1756 O O   . HOH B 2 .   ? -10.636 7.895   -0.453  1.00 13.53 ? 2071 HOH A O   1 
HETATM 1757 O O   . HOH B 2 .   ? -5.729  -1.453  -6.816  1.00 32.46 ? 2072 HOH A O   1 
HETATM 1758 O O   . HOH B 2 .   ? 12.945  -11.538 0.350   1.00 20.05 ? 2073 HOH A O   1 
HETATM 1759 O O   . HOH B 2 .   ? 10.077  -6.663  -13.197 1.00 28.28 ? 2074 HOH A O   1 
HETATM 1760 O O   . HOH B 2 .   ? 0.518   -6.285  -10.032 1.00 18.87 ? 2075 HOH A O   1 
HETATM 1761 O O   . HOH B 2 .   ? 16.811  6.067   1.148   1.00 35.73 ? 2076 HOH A O   1 
HETATM 1762 O O   . HOH B 2 .   ? 16.601  10.387  -4.546  1.00 22.31 ? 2077 HOH A O   1 
HETATM 1763 O O   . HOH B 2 .   ? 20.973  7.594   -0.477  1.00 18.67 ? 2078 HOH A O   1 
HETATM 1764 O O   . HOH B 2 .   ? 14.662  1.194   -4.116  1.00 17.05 ? 2079 HOH A O   1 
HETATM 1765 O O   . HOH B 2 .   ? 16.650  0.617   -9.937  1.00 39.24 ? 2080 HOH A O   1 
HETATM 1766 O O   . HOH B 2 .   ? -3.965  -3.689  -16.233 1.00 29.70 ? 2081 HOH A O   1 
HETATM 1767 O O   . HOH B 2 .   ? -1.946  -0.360  -18.409 1.00 34.09 ? 2082 HOH A O   1 
HETATM 1768 O O   . HOH B 2 .   ? -9.096  0.254   -7.329  1.00 23.79 ? 2083 HOH A O   1 
HETATM 1769 O O   . HOH B 2 .   ? 1.297   -2.213  -9.660  1.00 15.96 ? 2084 HOH A O   1 
HETATM 1770 O O   . HOH B 2 .   ? 2.157   0.611   -12.235 1.00 15.40 ? 2085 HOH A O   1 
HETATM 1771 O O   . HOH B 2 .   ? 14.717  -1.364  -9.206  1.00 21.44 ? 2086 HOH A O   1 
HETATM 1772 O O   . HOH B 2 .   ? 18.148  -6.126  -0.472  1.00 29.44 ? 2087 HOH A O   1 
HETATM 1773 O O   . HOH B 2 .   ? 16.579  -6.177  2.911   1.00 41.07 ? 2088 HOH A O   1 
HETATM 1774 O O   . HOH B 2 .   ? 16.528  -3.254  4.090   1.00 27.39 ? 2089 HOH A O   1 
HETATM 1775 O O   . HOH B 2 .   ? 12.274  10.489  1.757   1.00 25.79 ? 2090 HOH A O   1 
HETATM 1776 O O   . HOH B 2 .   ? 8.790   17.104  2.196   1.00 23.70 ? 2091 HOH A O   1 
HETATM 1777 O O   . HOH B 2 .   ? 3.104   20.409  -4.254  1.00 24.48 ? 2092 HOH A O   1 
HETATM 1778 O O   . HOH B 2 .   ? 10.442  13.348  -5.820  1.00 26.77 ? 2093 HOH A O   1 
HETATM 1779 O O   . HOH B 2 .   ? 13.024  15.982  -0.846  1.00 27.67 ? 2094 HOH A O   1 
HETATM 1780 O O   . HOH B 2 .   ? 6.318   17.261  -9.174  1.00 25.71 ? 2095 HOH A O   1 
HETATM 1781 O O   . HOH B 2 .   ? 3.555   18.193  -6.037  1.00 22.28 ? 2096 HOH A O   1 
HETATM 1782 O O   . HOH B 2 .   ? 2.205   8.448   -17.378 1.00 36.70 ? 2097 HOH A O   1 
HETATM 1783 O O   . HOH B 2 .   ? 10.177  7.703   -14.805 1.00 37.22 ? 2098 HOH A O   1 
HETATM 1784 O O   . HOH B 2 .   ? -4.322  12.387  -15.972 1.00 32.64 ? 2099 HOH A O   1 
HETATM 1785 O O   . HOH B 2 .   ? -1.568  16.321  -14.524 1.00 34.62 ? 2100 HOH A O   1 
HETATM 1786 O O   . HOH B 2 .   ? 0.766   19.665  -12.378 1.00 24.89 ? 2101 HOH A O   1 
HETATM 1787 O O   . HOH B 2 .   ? -6.045  20.285  -10.915 1.00 35.19 ? 2102 HOH A O   1 
HETATM 1788 O O   . HOH B 2 .   ? -6.860  18.225  -12.585 1.00 24.96 ? 2103 HOH A O   1 
HETATM 1789 O O   . HOH B 2 .   ? -7.639  6.500   -0.186  1.00 10.15 ? 2104 HOH A O   1 
HETATM 1790 O O   . HOH B 2 .   ? -0.269  -4.598  -7.945  1.00 17.54 ? 2105 HOH A O   1 
HETATM 1791 O O   . HOH B 2 .   ? -3.097  -4.215  -7.890  1.00 30.51 ? 2106 HOH A O   1 
HETATM 1792 O O   . HOH B 2 .   ? 3.908   -21.009 -0.508  1.00 27.39 ? 2107 HOH A O   1 
HETATM 1793 O O   . HOH B 2 .   ? 3.023   -23.717 -0.658  1.00 9.62  ? 2108 HOH A O   1 
HETATM 1794 O O   . HOH B 2 .   ? 4.399   -17.029 2.975   1.00 17.28 ? 2109 HOH A O   1 
HETATM 1795 O O   . HOH B 2 .   ? 1.261   -19.797 3.118   1.00 14.81 ? 2110 HOH A O   1 
HETATM 1796 O O   . HOH B 2 .   ? 4.207   -6.203  15.550  1.00 36.89 ? 2111 HOH A O   1 
HETATM 1797 O O   . HOH B 2 .   ? 8.086   1.293   11.174  1.00 19.96 ? 2112 HOH A O   1 
HETATM 1798 O O   . HOH B 2 .   ? 9.732   -1.800  14.024  1.00 31.16 ? 2113 HOH A O   1 
HETATM 1799 O O   . HOH B 2 .   ? 3.893   3.713   14.869  1.00 21.08 ? 2114 HOH A O   1 
HETATM 1800 O O   . HOH B 2 .   ? 1.578   9.796   13.304  1.00 20.60 ? 2115 HOH A O   1 
HETATM 1801 O O   . HOH B 2 .   ? -0.305  16.382  11.390  1.00 28.80 ? 2116 HOH A O   1 
HETATM 1802 O O   . HOH B 2 .   ? 2.489   19.129  12.025  1.00 23.17 ? 2117 HOH A O   1 
# 
